data_5L43
#
_entry.id   5L43
#
_cell.length_a   61.470
_cell.length_b   66.936
_cell.length_c   101.786
_cell.angle_alpha   97.34
_cell.angle_beta   90.86
_cell.angle_gamma   117.31
#
_symmetry.space_group_name_H-M   'P 1'
#
loop_
_entity.id
_entity.type
_entity.pdbx_description
1 polymer 'K-26 dipeptidyl carboxypeptidase'
2 non-polymer 'ZINC ION'
3 non-polymer 'MAGNESIUM ION'
4 non-polymer 'SULFATE ION'
5 water water
#
_entity_poly.entity_id   1
_entity_poly.type   'polypeptide(L)'
_entity_poly.pdbx_seq_one_letter_code
;MGSSHHHHHHSSGLVPRGSLSENPFFAPSALPYGLPPFAEIREEHYVPAFERGMAEQLAEVEAIAGDTEAPTFDNTVAAL
ERSGQVLTRVSAVFFNQSSSDTNPTVQEIQKQIIPKLTQHGDAIHLNRPLFARIKQISPDGLDAEQAWLLERYVTDFVRA
GAELGAGDQERLKALNEELSTLSTRFEQNLLAHTNASAVIVDDVAQLDGLSDDSVKAAAETAKSRGLPGKYVIPLVLPTG
QPGLAELTDRALRERIHRASIQRGVPDNEELIVRIATLRAERAKLLGYPTHAAYVVADQTAPTTEAVTEMLGKLTPPAVA
NAHREADELREQAGHDLEPWDWSFYAEKVLKERYAIDGRQMRPYFELDRVLRDGVFHAATLLYGITFTERPDLVGYHPDV
RVFEVFNEDGSQLGLFLGDYYARPSKRGGAWMNSLVKQSTLEGTRPVVVNNLNIAKPPAGEPTLMTFEEVNTMFHEFGHA
LHGLFSEVHYPRFSGTAVPRDFVEYPSQVNEMWAVWPSVLANYARHWQTGDPMPKDLLDRMLKSQKYNQGYKTVEYLAAT
LLDWSWHTFQTPPENALTFEHEALTTAGVDLKLVPPRYRSTYFAHIWSSGYSAGYYSYIWSEVLDADTVDWFHENGGLLR
ENGDTFRQKLLSKGGSVDPMTAFQSFRGRTPRIEPLLDRRGLL
;
_entity_poly.pdbx_strand_id   A,B
#
# COMPACT_ATOMS: atom_id res chain seq x y z
N GLU A 22 -54.69 22.56 0.17
CA GLU A 22 -54.51 21.09 0.00
C GLU A 22 -53.17 20.66 0.63
N ASN A 23 -52.39 19.81 -0.06
CA ASN A 23 -51.36 19.02 0.58
C ASN A 23 -50.53 18.27 -0.49
N PRO A 24 -49.21 18.48 -0.51
CA PRO A 24 -48.37 17.83 -1.53
C PRO A 24 -48.31 16.31 -1.48
N PHE A 25 -48.77 15.68 -0.38
CA PHE A 25 -48.83 14.23 -0.29
C PHE A 25 -50.06 13.59 -0.90
N PHE A 26 -51.06 14.41 -1.25
CA PHE A 26 -52.33 13.89 -1.74
C PHE A 26 -52.30 13.36 -3.16
N ALA A 27 -51.32 13.77 -3.96
CA ALA A 27 -51.19 13.24 -5.33
C ALA A 27 -49.81 12.68 -5.50
N PRO A 28 -49.61 11.73 -6.44
CA PRO A 28 -48.27 11.25 -6.80
C PRO A 28 -47.36 12.40 -7.20
N SER A 29 -46.07 12.31 -6.87
CA SER A 29 -45.15 13.35 -7.27
C SER A 29 -45.06 13.38 -8.79
N ALA A 30 -45.03 14.58 -9.35
CA ALA A 30 -44.83 14.78 -10.79
C ALA A 30 -43.36 14.97 -11.15
N LEU A 31 -42.46 14.91 -10.18
CA LEU A 31 -41.03 15.14 -10.43
C LEU A 31 -40.38 13.88 -10.97
N PRO A 32 -39.18 14.02 -11.60
CA PRO A 32 -38.44 12.83 -12.06
C PRO A 32 -38.35 11.73 -11.01
N TYR A 33 -38.66 10.52 -11.45
CA TYR A 33 -38.62 9.32 -10.64
C TYR A 33 -39.56 9.32 -9.46
N GLY A 34 -40.48 10.26 -9.41
CA GLY A 34 -41.32 10.46 -8.23
C GLY A 34 -40.62 11.02 -7.02
N LEU A 35 -39.48 11.68 -7.22
CA LEU A 35 -38.77 12.40 -6.17
C LEU A 35 -39.80 13.25 -5.44
N PRO A 36 -39.87 13.15 -4.10
CA PRO A 36 -40.90 13.94 -3.42
C PRO A 36 -40.65 15.43 -3.61
N PRO A 37 -41.71 16.24 -3.74
CA PRO A 37 -41.56 17.72 -3.93
C PRO A 37 -41.19 18.44 -2.62
N PHE A 38 -39.94 18.27 -2.21
CA PHE A 38 -39.44 18.79 -0.96
C PHE A 38 -39.58 20.32 -0.82
N ALA A 39 -39.51 21.06 -1.93
CA ALA A 39 -39.64 22.51 -1.89
C ALA A 39 -41.06 22.95 -1.50
N GLU A 40 -42.03 22.05 -1.69
CA GLU A 40 -43.43 22.31 -1.38
C GLU A 40 -43.90 21.74 -0.04
N ILE A 41 -43.09 20.87 0.55
CA ILE A 41 -43.45 20.14 1.77
C ILE A 41 -42.98 20.93 2.99
N ARG A 42 -43.88 21.13 3.93
CA ARG A 42 -43.64 21.84 5.18
C ARG A 42 -44.20 20.98 6.32
N GLU A 43 -43.70 21.20 7.53
CA GLU A 43 -44.08 20.39 8.70
C GLU A 43 -45.61 20.30 8.91
N GLU A 44 -46.30 21.40 8.63
CA GLU A 44 -47.77 21.48 8.72
C GLU A 44 -48.51 20.50 7.79
N HIS A 45 -47.83 19.95 6.81
CA HIS A 45 -48.45 18.96 5.93
C HIS A 45 -48.50 17.54 6.50
N TYR A 46 -47.68 17.24 7.52
CA TYR A 46 -47.52 15.85 7.92
C TYR A 46 -48.78 15.28 8.59
N VAL A 47 -49.29 15.95 9.60
CA VAL A 47 -50.42 15.38 10.39
C VAL A 47 -51.67 15.22 9.52
N PRO A 48 -52.04 16.25 8.75
CA PRO A 48 -53.20 16.03 7.86
C PRO A 48 -53.00 14.91 6.84
N ALA A 49 -51.78 14.71 6.35
CA ALA A 49 -51.51 13.61 5.38
C ALA A 49 -51.51 12.24 6.02
N PHE A 50 -50.95 12.11 7.21
CA PHE A 50 -51.06 10.91 8.00
C PHE A 50 -52.53 10.57 8.30
N GLU A 51 -53.29 11.56 8.74
CA GLU A 51 -54.72 11.37 9.02
C GLU A 51 -55.50 10.96 7.77
N ARG A 52 -55.29 11.64 6.65
CA ARG A 52 -55.96 11.27 5.37
C ARG A 52 -55.49 9.89 4.92
N GLY A 53 -54.18 9.63 4.99
CA GLY A 53 -53.61 8.37 4.57
C GLY A 53 -54.16 7.18 5.34
N MET A 54 -54.23 7.31 6.65
CA MET A 54 -54.79 6.23 7.49
C MET A 54 -56.28 6.00 7.17
N ALA A 55 -57.04 7.08 7.05
CA ALA A 55 -58.48 6.98 6.80
C ALA A 55 -58.72 6.33 5.44
N GLU A 56 -57.99 6.76 4.42
CA GLU A 56 -58.16 6.20 3.08
C GLU A 56 -57.74 4.72 3.02
N GLN A 57 -56.62 4.34 3.65
CA GLN A 57 -56.25 2.93 3.70
C GLN A 57 -57.25 2.07 4.50
N LEU A 58 -57.72 2.57 5.64
CA LEU A 58 -58.77 1.85 6.39
C LEU A 58 -60.01 1.61 5.55
N ALA A 59 -60.45 2.63 4.83
CA ALA A 59 -61.57 2.51 3.88
C ALA A 59 -61.30 1.47 2.77
N GLU A 60 -60.08 1.47 2.24
CA GLU A 60 -59.68 0.48 1.26
C GLU A 60 -59.72 -0.93 1.79
N VAL A 61 -59.20 -1.12 3.00
CA VAL A 61 -59.15 -2.43 3.62
C VAL A 61 -60.56 -2.93 3.95
N GLU A 62 -61.40 -2.02 4.43
CA GLU A 62 -62.81 -2.36 4.70
C GLU A 62 -63.53 -2.78 3.42
N ALA A 63 -63.25 -2.10 2.31
CA ALA A 63 -63.87 -2.48 1.03
C ALA A 63 -63.40 -3.87 0.55
N ILE A 64 -62.13 -4.20 0.79
CA ILE A 64 -61.61 -5.53 0.44
C ILE A 64 -62.23 -6.60 1.34
N ALA A 65 -62.15 -6.38 2.65
CA ALA A 65 -62.71 -7.33 3.62
C ALA A 65 -64.22 -7.59 3.46
N GLY A 66 -64.97 -6.57 3.02
CA GLY A 66 -66.40 -6.69 2.78
C GLY A 66 -66.83 -6.83 1.33
N ASP A 67 -65.88 -7.12 0.45
CA ASP A 67 -66.17 -7.34 -0.96
C ASP A 67 -67.10 -8.56 -1.12
N THR A 68 -68.25 -8.35 -1.75
CA THR A 68 -69.21 -9.42 -2.00
C THR A 68 -68.79 -10.35 -3.12
N GLU A 69 -67.84 -9.93 -3.95
CA GLU A 69 -67.29 -10.78 -4.99
C GLU A 69 -66.40 -11.86 -4.35
N ALA A 70 -66.31 -13.03 -4.98
CA ALA A 70 -65.49 -14.14 -4.47
C ALA A 70 -64.02 -13.75 -4.31
N PRO A 71 -63.35 -14.21 -3.24
CA PRO A 71 -61.95 -13.83 -3.03
C PRO A 71 -61.01 -14.36 -4.12
N THR A 72 -60.16 -13.46 -4.62
CA THR A 72 -59.15 -13.77 -5.62
C THR A 72 -57.87 -13.11 -5.16
N PHE A 73 -56.75 -13.58 -5.70
CA PHE A 73 -55.47 -12.91 -5.45
C PHE A 73 -55.54 -11.43 -5.80
N ASP A 74 -56.16 -11.10 -6.93
CA ASP A 74 -56.23 -9.72 -7.36
C ASP A 74 -57.12 -8.83 -6.48
N ASN A 75 -58.25 -9.33 -6.01
CA ASN A 75 -59.16 -8.49 -5.23
C ASN A 75 -58.87 -8.47 -3.74
N THR A 76 -57.91 -9.28 -3.32
CA THR A 76 -57.51 -9.36 -1.92
C THR A 76 -56.02 -8.99 -1.73
N VAL A 77 -55.10 -9.83 -2.16
CA VAL A 77 -53.67 -9.59 -1.86
C VAL A 77 -53.14 -8.42 -2.71
N ALA A 78 -53.34 -8.48 -4.02
CA ALA A 78 -52.89 -7.38 -4.88
C ALA A 78 -53.59 -6.08 -4.48
N ALA A 79 -54.86 -6.16 -4.13
CA ALA A 79 -55.63 -5.00 -3.67
C ALA A 79 -55.03 -4.40 -2.38
N LEU A 80 -54.59 -5.23 -1.45
CA LEU A 80 -53.85 -4.71 -0.27
C LEU A 80 -52.51 -4.06 -0.65
N GLU A 81 -51.80 -4.66 -1.60
CA GLU A 81 -50.57 -4.05 -2.10
C GLU A 81 -50.76 -2.66 -2.73
N ARG A 82 -51.87 -2.47 -3.46
CA ARG A 82 -52.23 -1.18 -4.03
C ARG A 82 -52.69 -0.13 -3.03
N SER A 83 -53.15 -0.57 -1.86
CA SER A 83 -53.74 0.34 -0.87
C SER A 83 -52.67 1.27 -0.25
N GLY A 84 -53.14 2.34 0.38
CA GLY A 84 -52.31 3.17 1.24
C GLY A 84 -51.36 4.10 0.50
N GLN A 85 -51.80 4.65 -0.62
CA GLN A 85 -50.86 5.42 -1.46
C GLN A 85 -50.45 6.73 -0.77
N VAL A 86 -51.40 7.43 -0.17
CA VAL A 86 -51.09 8.68 0.54
C VAL A 86 -50.23 8.38 1.77
N LEU A 87 -50.63 7.37 2.53
CA LEU A 87 -49.90 7.01 3.72
C LEU A 87 -48.45 6.63 3.41
N THR A 88 -48.23 5.89 2.32
CA THR A 88 -46.87 5.56 1.90
C THR A 88 -46.04 6.79 1.55
N ARG A 89 -46.62 7.72 0.82
CA ARG A 89 -45.94 8.97 0.51
C ARG A 89 -45.57 9.85 1.69
N VAL A 90 -46.49 10.06 2.62
CA VAL A 90 -46.15 10.86 3.79
C VAL A 90 -45.12 10.14 4.70
N SER A 91 -45.27 8.82 4.86
CA SER A 91 -44.36 8.06 5.69
C SER A 91 -42.94 8.10 5.15
N ALA A 92 -42.79 7.93 3.86
CA ALA A 92 -41.46 7.97 3.21
C ALA A 92 -40.70 9.27 3.53
N VAL A 93 -41.36 10.41 3.36
CA VAL A 93 -40.72 11.69 3.67
C VAL A 93 -40.55 11.90 5.18
N PHE A 94 -41.57 11.57 5.96
CA PHE A 94 -41.57 11.89 7.37
C PHE A 94 -40.50 11.10 8.11
N PHE A 95 -40.42 9.80 7.84
CA PHE A 95 -39.43 8.98 8.52
C PHE A 95 -38.04 9.26 8.04
N ASN A 96 -37.91 9.68 6.78
CA ASN A 96 -36.63 10.15 6.30
C ASN A 96 -36.16 11.39 7.10
N GLN A 97 -37.04 12.38 7.24
CA GLN A 97 -36.73 13.58 8.02
C GLN A 97 -36.46 13.29 9.52
N SER A 98 -37.23 12.40 10.15
CA SER A 98 -37.08 12.17 11.58
C SER A 98 -35.71 11.56 11.94
N SER A 99 -35.12 10.82 11.00
CA SER A 99 -33.78 10.25 11.17
C SER A 99 -32.69 11.21 10.77
N SER A 100 -32.88 11.91 9.64
CA SER A 100 -31.81 12.67 9.03
C SER A 100 -31.76 14.15 9.45
N ASP A 101 -32.88 14.79 9.75
CA ASP A 101 -32.91 16.26 9.93
C ASP A 101 -34.14 16.66 10.72
N THR A 102 -34.19 16.16 11.94
CA THR A 102 -35.34 16.35 12.80
C THR A 102 -35.31 17.71 13.49
N ASN A 103 -36.40 18.04 14.16
CA ASN A 103 -36.51 19.27 14.91
C ASN A 103 -37.60 19.05 15.94
N PRO A 104 -37.79 19.99 16.88
CA PRO A 104 -38.79 19.71 17.95
C PRO A 104 -40.21 19.51 17.45
N THR A 105 -40.55 20.16 16.34
CA THR A 105 -41.87 20.01 15.75
C THR A 105 -42.02 18.60 15.19
N VAL A 106 -41.03 18.16 14.43
CA VAL A 106 -41.03 16.79 13.91
C VAL A 106 -41.06 15.77 15.06
N GLN A 107 -40.32 16.02 16.13
CA GLN A 107 -40.29 15.10 17.27
C GLN A 107 -41.64 15.00 17.97
N GLU A 108 -42.32 16.13 18.11
CA GLU A 108 -43.67 16.16 18.64
C GLU A 108 -44.66 15.40 17.74
N ILE A 109 -44.59 15.62 16.43
CA ILE A 109 -45.42 14.86 15.49
C ILE A 109 -45.16 13.36 15.63
N GLN A 110 -43.89 13.00 15.74
CA GLN A 110 -43.50 11.60 15.84
C GLN A 110 -44.12 10.94 17.08
N LYS A 111 -44.11 11.65 18.20
CA LYS A 111 -44.75 11.21 19.45
C LYS A 111 -46.24 10.98 19.28
N GLN A 112 -46.91 11.91 18.61
CA GLN A 112 -48.34 11.79 18.38
C GLN A 112 -48.69 10.67 17.41
N ILE A 113 -47.98 10.63 16.29
CA ILE A 113 -48.37 9.78 15.15
C ILE A 113 -47.95 8.35 15.27
N ILE A 114 -46.77 8.06 15.83
CA ILE A 114 -46.28 6.69 15.88
C ILE A 114 -47.28 5.72 16.54
N PRO A 115 -47.87 6.08 17.69
CA PRO A 115 -48.92 5.23 18.32
C PRO A 115 -50.15 5.00 17.42
N LYS A 116 -50.57 6.03 16.72
CA LYS A 116 -51.68 5.91 15.78
C LYS A 116 -51.32 5.00 14.63
N LEU A 117 -50.09 5.08 14.12
CA LEU A 117 -49.66 4.19 13.04
C LEU A 117 -49.62 2.74 13.50
N THR A 118 -49.20 2.52 14.74
CA THR A 118 -49.18 1.19 15.30
C THR A 118 -50.59 0.64 15.43
N GLN A 119 -51.50 1.45 15.94
CA GLN A 119 -52.89 1.04 16.04
C GLN A 119 -53.51 0.81 14.64
N HIS A 120 -53.11 1.62 13.66
CA HIS A 120 -53.55 1.44 12.27
C HIS A 120 -53.11 0.09 11.67
N GLY A 121 -51.82 -0.24 11.80
CA GLY A 121 -51.30 -1.51 11.34
C GLY A 121 -52.04 -2.69 11.96
N ASP A 122 -52.33 -2.59 13.24
CA ASP A 122 -53.08 -3.65 13.96
C ASP A 122 -54.55 -3.72 13.56
N ALA A 123 -55.19 -2.57 13.23
CA ALA A 123 -56.57 -2.58 12.75
C ALA A 123 -56.71 -3.37 11.45
N ILE A 124 -55.67 -3.36 10.63
CA ILE A 124 -55.61 -4.14 9.40
C ILE A 124 -55.24 -5.60 9.67
N HIS A 125 -54.13 -5.84 10.37
CA HIS A 125 -53.68 -7.22 10.59
C HIS A 125 -54.62 -8.03 11.46
N LEU A 126 -55.38 -7.37 12.32
CA LEU A 126 -56.37 -8.06 13.17
C LEU A 126 -57.80 -7.95 12.66
N ASN A 127 -57.98 -7.54 11.41
CA ASN A 127 -59.26 -7.61 10.74
C ASN A 127 -59.55 -9.09 10.40
N ARG A 128 -60.46 -9.70 11.16
CA ARG A 128 -60.77 -11.14 11.03
C ARG A 128 -61.33 -11.54 9.67
N PRO A 129 -62.33 -10.81 9.15
CA PRO A 129 -62.80 -11.19 7.79
C PRO A 129 -61.73 -11.02 6.68
N LEU A 130 -60.85 -10.05 6.83
CA LEU A 130 -59.79 -9.85 5.85
C LEU A 130 -58.85 -11.05 5.83
N PHE A 131 -58.46 -11.52 7.01
CA PHE A 131 -57.59 -12.68 7.11
C PHE A 131 -58.28 -13.93 6.58
N ALA A 132 -59.57 -14.09 6.91
CA ALA A 132 -60.36 -15.19 6.37
C ALA A 132 -60.34 -15.19 4.84
N ARG A 133 -60.55 -14.02 4.23
CA ARG A 133 -60.43 -13.87 2.76
C ARG A 133 -59.07 -14.31 2.21
N ILE A 134 -57.99 -13.87 2.86
CA ILE A 134 -56.63 -14.22 2.44
C ILE A 134 -56.43 -15.74 2.47
N LYS A 135 -56.97 -16.36 3.51
CA LYS A 135 -56.85 -17.81 3.70
C LYS A 135 -57.65 -18.61 2.69
N GLN A 136 -58.68 -18.00 2.09
CA GLN A 136 -59.48 -18.66 1.05
C GLN A 136 -58.82 -18.68 -0.34
N ILE A 137 -57.72 -17.96 -0.53
CA ILE A 137 -57.06 -17.88 -1.85
C ILE A 137 -56.20 -19.12 -2.10
N SER A 138 -56.43 -19.77 -3.24
CA SER A 138 -55.66 -20.94 -3.65
C SER A 138 -54.39 -20.48 -4.36
N PRO A 139 -53.28 -21.25 -4.23
CA PRO A 139 -52.12 -20.97 -5.08
C PRO A 139 -52.25 -21.31 -6.58
N ASP A 140 -53.34 -21.99 -6.97
CA ASP A 140 -53.56 -22.43 -8.37
C ASP A 140 -53.53 -21.30 -9.38
N GLY A 141 -52.73 -21.46 -10.43
CA GLY A 141 -52.59 -20.45 -11.46
C GLY A 141 -51.81 -19.19 -11.09
N LEU A 142 -51.24 -19.13 -9.89
CA LEU A 142 -50.39 -18.01 -9.51
C LEU A 142 -48.98 -18.26 -10.07
N ASP A 143 -48.28 -17.20 -10.47
CA ASP A 143 -46.87 -17.34 -10.83
C ASP A 143 -46.03 -17.39 -9.56
N ALA A 144 -44.71 -17.52 -9.70
CA ALA A 144 -43.86 -17.86 -8.55
C ALA A 144 -43.86 -16.75 -7.52
N GLU A 145 -43.72 -15.48 -7.95
CA GLU A 145 -43.70 -14.38 -7.00
C GLU A 145 -45.10 -14.20 -6.34
N GLN A 146 -46.17 -14.37 -7.10
CA GLN A 146 -47.53 -14.29 -6.54
C GLN A 146 -47.83 -15.31 -5.43
N ALA A 147 -47.41 -16.55 -5.66
CA ALA A 147 -47.51 -17.61 -4.66
C ALA A 147 -46.68 -17.33 -3.42
N TRP A 148 -45.47 -16.85 -3.63
CA TRP A 148 -44.57 -16.43 -2.56
C TRP A 148 -45.18 -15.27 -1.76
N LEU A 149 -45.79 -14.32 -2.45
CA LEU A 149 -46.47 -13.23 -1.77
C LEU A 149 -47.69 -13.68 -0.96
N LEU A 150 -48.48 -14.61 -1.49
CA LEU A 150 -49.60 -15.18 -0.72
C LEU A 150 -49.14 -15.77 0.62
N GLU A 151 -48.07 -16.57 0.60
CA GLU A 151 -47.47 -17.12 1.83
C GLU A 151 -46.96 -16.01 2.73
N ARG A 152 -46.27 -15.05 2.14
CA ARG A 152 -45.77 -13.90 2.89
C ARG A 152 -46.92 -13.16 3.59
N TYR A 153 -48.03 -12.95 2.89
CA TYR A 153 -49.17 -12.30 3.53
C TYR A 153 -49.75 -13.09 4.70
N VAL A 154 -49.90 -14.39 4.53
CA VAL A 154 -50.40 -15.23 5.62
C VAL A 154 -49.42 -15.11 6.82
N THR A 155 -48.13 -15.21 6.55
CA THR A 155 -47.12 -15.17 7.61
C THR A 155 -47.14 -13.83 8.32
N ASP A 156 -47.13 -12.72 7.58
CA ASP A 156 -47.24 -11.37 8.16
C ASP A 156 -48.46 -11.26 9.09
N PHE A 157 -49.60 -11.75 8.63
CA PHE A 157 -50.83 -11.68 9.47
C PHE A 157 -50.71 -12.52 10.75
N VAL A 158 -50.24 -13.74 10.61
CA VAL A 158 -50.09 -14.63 11.78
C VAL A 158 -49.08 -14.06 12.76
N ARG A 159 -47.94 -13.57 12.24
CA ARG A 159 -46.94 -12.95 13.11
C ARG A 159 -47.42 -11.67 13.77
N ALA A 160 -48.44 -11.01 13.19
CA ALA A 160 -49.06 -9.81 13.81
C ALA A 160 -50.22 -10.14 14.76
N GLY A 161 -50.54 -11.43 14.92
CA GLY A 161 -51.59 -11.88 15.86
C GLY A 161 -52.95 -12.26 15.31
N ALA A 162 -53.07 -12.43 14.00
CA ALA A 162 -54.38 -12.73 13.36
C ALA A 162 -55.05 -14.03 13.86
N GLU A 163 -54.26 -14.97 14.37
CA GLU A 163 -54.80 -16.23 14.90
C GLU A 163 -55.06 -16.21 16.40
N LEU A 164 -54.78 -15.09 17.08
CA LEU A 164 -55.09 -14.98 18.52
C LEU A 164 -56.60 -14.79 18.74
N GLY A 165 -57.09 -15.22 19.90
CA GLY A 165 -58.45 -14.89 20.37
C GLY A 165 -58.61 -13.39 20.70
N ALA A 166 -59.84 -12.94 20.89
CA ALA A 166 -60.15 -11.51 21.02
C ALA A 166 -59.46 -10.83 22.21
N GLY A 167 -59.47 -11.48 23.37
CA GLY A 167 -58.77 -10.96 24.56
C GLY A 167 -57.26 -10.76 24.38
N ASP A 168 -56.61 -11.75 23.77
CA ASP A 168 -55.17 -11.67 23.53
C ASP A 168 -54.85 -10.61 22.47
N GLN A 169 -55.71 -10.46 21.47
CA GLN A 169 -55.53 -9.39 20.48
C GLN A 169 -55.58 -8.02 21.14
N GLU A 170 -56.50 -7.84 22.10
CA GLU A 170 -56.59 -6.55 22.82
C GLU A 170 -55.30 -6.27 23.62
N ARG A 171 -54.75 -7.29 24.27
CA ARG A 171 -53.50 -7.13 25.00
C ARG A 171 -52.34 -6.87 24.04
N LEU A 172 -52.31 -7.58 22.91
CA LEU A 172 -51.28 -7.33 21.87
C LEU A 172 -51.30 -5.90 21.34
N LYS A 173 -52.48 -5.36 21.04
CA LYS A 173 -52.59 -3.97 20.55
C LYS A 173 -51.96 -2.99 21.55
N ALA A 174 -52.22 -3.24 22.83
CA ALA A 174 -51.70 -2.37 23.89
C ALA A 174 -50.17 -2.52 24.02
N LEU A 175 -49.66 -3.75 23.99
CA LEU A 175 -48.19 -4.00 24.00
C LEU A 175 -47.45 -3.31 22.84
N ASN A 176 -48.01 -3.40 21.65
CA ASN A 176 -47.41 -2.83 20.46
C ASN A 176 -47.37 -1.33 20.57
N GLU A 177 -48.45 -0.71 21.04
CA GLU A 177 -48.51 0.73 21.12
C GLU A 177 -47.52 1.23 22.16
N GLU A 178 -47.48 0.58 23.31
CA GLU A 178 -46.52 0.96 24.34
C GLU A 178 -45.07 0.79 23.82
N LEU A 179 -44.80 -0.29 23.08
CA LEU A 179 -43.45 -0.51 22.52
C LEU A 179 -43.06 0.58 21.54
N SER A 180 -43.99 1.01 20.69
CA SER A 180 -43.70 2.02 19.69
C SER A 180 -43.41 3.37 20.36
N THR A 181 -44.17 3.70 21.40
CA THR A 181 -43.94 4.94 22.18
C THR A 181 -42.60 4.90 22.94
N LEU A 182 -42.28 3.77 23.55
CA LEU A 182 -41.00 3.63 24.24
C LEU A 182 -39.79 3.74 23.32
N SER A 183 -39.85 3.11 22.15
CA SER A 183 -38.74 3.17 21.17
C SER A 183 -38.54 4.58 20.65
N THR A 184 -39.64 5.29 20.43
CA THR A 184 -39.58 6.68 20.07
C THR A 184 -38.91 7.53 21.14
N ARG A 185 -39.32 7.35 22.38
CA ARG A 185 -38.69 8.04 23.51
C ARG A 185 -37.20 7.72 23.63
N PHE A 186 -36.83 6.45 23.39
CA PHE A 186 -35.40 6.09 23.45
C PHE A 186 -34.61 6.89 22.41
N GLU A 187 -35.14 6.96 21.20
CA GLU A 187 -34.50 7.64 20.07
C GLU A 187 -34.33 9.15 20.38
N GLN A 188 -35.40 9.74 20.88
CA GLN A 188 -35.39 11.16 21.25
C GLN A 188 -34.48 11.45 22.43
N ASN A 189 -34.50 10.57 23.45
CA ASN A 189 -33.58 10.70 24.57
C ASN A 189 -32.16 10.63 24.07
N LEU A 190 -31.87 9.66 23.20
CA LEU A 190 -30.50 9.45 22.79
C LEU A 190 -29.96 10.63 21.98
N LEU A 191 -30.80 11.21 21.13
CA LEU A 191 -30.35 12.36 20.35
C LEU A 191 -30.02 13.56 21.26
N ALA A 192 -30.89 13.84 22.22
CA ALA A 192 -30.72 15.02 23.09
C ALA A 192 -29.46 14.82 23.94
N HIS A 193 -29.32 13.62 24.51
CA HIS A 193 -28.17 13.37 25.39
C HIS A 193 -26.87 13.31 24.60
N THR A 194 -26.90 12.75 23.40
CA THR A 194 -25.70 12.69 22.55
C THR A 194 -25.22 14.09 22.20
N ASN A 195 -26.13 14.93 21.69
CA ASN A 195 -25.84 16.33 21.39
C ASN A 195 -25.33 17.12 22.60
N ALA A 196 -25.96 16.94 23.75
CA ALA A 196 -25.52 17.57 24.98
C ALA A 196 -24.18 17.07 25.51
N SER A 197 -23.79 15.86 25.14
CA SER A 197 -22.53 15.24 25.59
C SER A 197 -21.35 15.51 24.66
N ALA A 198 -21.58 16.24 23.56
CA ALA A 198 -20.48 16.71 22.70
C ALA A 198 -19.40 17.40 23.55
N VAL A 199 -18.14 17.07 23.31
CA VAL A 199 -17.07 17.48 24.17
C VAL A 199 -16.56 18.85 23.73
N ILE A 200 -16.57 19.80 24.64
CA ILE A 200 -16.13 21.17 24.36
C ILE A 200 -14.69 21.34 24.84
N VAL A 201 -13.82 21.80 23.95
CA VAL A 201 -12.41 22.06 24.29
C VAL A 201 -12.20 23.56 24.13
N ASP A 202 -11.68 24.19 25.17
CA ASP A 202 -11.43 25.64 25.22
C ASP A 202 -10.05 26.06 24.66
N ASP A 203 -9.07 25.18 24.76
CA ASP A 203 -7.69 25.51 24.40
C ASP A 203 -7.26 24.57 23.30
N VAL A 204 -6.88 25.13 22.16
CA VAL A 204 -6.41 24.35 21.02
C VAL A 204 -5.20 23.44 21.33
N ALA A 205 -4.40 23.81 22.34
CA ALA A 205 -3.27 22.97 22.80
C ALA A 205 -3.70 21.58 23.23
N GLN A 206 -4.89 21.48 23.83
CA GLN A 206 -5.46 20.18 24.19
C GLN A 206 -5.79 19.25 23.01
N LEU A 207 -5.78 19.77 21.78
CA LEU A 207 -5.96 18.99 20.56
C LEU A 207 -4.67 18.52 19.93
N ASP A 208 -3.56 18.63 20.65
CA ASP A 208 -2.28 18.12 20.16
C ASP A 208 -2.43 16.71 19.61
N GLY A 209 -1.86 16.50 18.42
CA GLY A 209 -1.95 15.20 17.74
C GLY A 209 -2.99 15.12 16.65
N LEU A 210 -4.06 15.88 16.80
CA LEU A 210 -5.14 15.90 15.82
C LEU A 210 -4.68 16.52 14.51
N SER A 211 -5.05 15.92 13.37
CA SER A 211 -4.75 16.54 12.07
C SER A 211 -5.34 17.95 12.00
N ASP A 212 -4.67 18.79 11.21
CA ASP A 212 -5.07 20.18 11.02
CA ASP A 212 -5.10 20.19 11.07
C ASP A 212 -6.53 20.25 10.54
N ASP A 213 -6.89 19.33 9.64
CA ASP A 213 -8.25 19.32 9.07
C ASP A 213 -9.30 19.00 10.14
N SER A 214 -8.95 18.11 11.07
CA SER A 214 -9.84 17.78 12.19
C SER A 214 -9.99 18.91 13.22
N VAL A 215 -8.92 19.68 13.44
CA VAL A 215 -8.98 20.88 14.28
C VAL A 215 -9.95 21.91 13.66
N LYS A 216 -9.82 22.16 12.36
CA LYS A 216 -10.72 23.11 11.67
C LYS A 216 -12.20 22.67 11.69
N ALA A 217 -12.45 21.39 11.51
CA ALA A 217 -13.80 20.82 11.64
C ALA A 217 -14.38 21.01 13.04
N ALA A 218 -13.55 20.81 14.07
CA ALA A 218 -13.99 21.01 15.46
C ALA A 218 -14.30 22.50 15.72
N ALA A 219 -13.54 23.38 15.13
CA ALA A 219 -13.80 24.82 15.24
C ALA A 219 -15.09 25.17 14.48
N GLU A 220 -15.28 24.53 13.32
CA GLU A 220 -16.49 24.76 12.51
C GLU A 220 -17.74 24.25 13.23
N THR A 221 -17.61 23.08 13.83
CA THR A 221 -18.67 22.52 14.64
C THR A 221 -19.05 23.46 15.78
N ALA A 222 -18.05 23.95 16.51
CA ALA A 222 -18.26 24.85 17.63
C ALA A 222 -19.02 26.08 17.16
N LYS A 223 -18.60 26.63 16.03
CA LYS A 223 -19.26 27.80 15.43
C LYS A 223 -20.73 27.48 15.11
N SER A 224 -20.98 26.31 14.52
CA SER A 224 -22.32 25.93 14.11
C SER A 224 -23.23 25.64 15.28
N ARG A 225 -22.66 25.18 16.39
CA ARG A 225 -23.41 24.83 17.58
C ARG A 225 -23.43 25.98 18.64
N GLY A 226 -23.03 27.18 18.23
CA GLY A 226 -23.19 28.39 19.04
C GLY A 226 -22.07 28.74 19.99
N LEU A 227 -20.86 28.23 19.73
CA LEU A 227 -19.68 28.45 20.62
C LEU A 227 -18.45 28.90 19.83
N PRO A 228 -18.54 30.06 19.12
CA PRO A 228 -17.37 30.49 18.31
C PRO A 228 -16.12 30.68 19.18
N GLY A 229 -14.95 30.37 18.64
CA GLY A 229 -13.68 30.41 19.38
C GLY A 229 -13.32 29.15 20.17
N LYS A 230 -14.29 28.27 20.39
CA LYS A 230 -14.06 26.99 21.05
C LYS A 230 -13.94 25.88 20.03
N TYR A 231 -13.78 24.64 20.50
CA TYR A 231 -13.68 23.47 19.63
C TYR A 231 -14.62 22.40 20.16
N VAL A 232 -15.40 21.80 19.29
CA VAL A 232 -16.38 20.82 19.72
C VAL A 232 -16.14 19.50 18.98
N ILE A 233 -16.11 18.44 19.77
CA ILE A 233 -15.94 17.06 19.28
C ILE A 233 -17.24 16.35 19.59
N PRO A 234 -18.15 16.25 18.59
CA PRO A 234 -19.34 15.42 18.79
C PRO A 234 -19.00 13.91 18.84
N LEU A 235 -19.89 13.16 19.46
CA LEU A 235 -19.76 11.71 19.59
C LEU A 235 -20.37 11.00 18.38
N VAL A 236 -19.69 9.97 17.90
CA VAL A 236 -20.23 9.03 16.91
C VAL A 236 -20.93 7.93 17.66
N LEU A 237 -21.77 7.19 16.94
CA LEU A 237 -22.65 6.19 17.55
C LEU A 237 -21.96 5.09 18.36
N PRO A 238 -20.90 4.46 17.81
CA PRO A 238 -20.29 3.38 18.59
C PRO A 238 -19.49 3.93 19.78
N THR A 239 -19.14 3.00 20.65
CA THR A 239 -18.36 3.26 21.84
C THR A 239 -17.04 3.97 21.51
N GLY A 240 -16.32 3.43 20.53
CA GLY A 240 -15.01 3.96 20.12
C GLY A 240 -15.11 5.27 19.36
N GLN A 241 -14.48 6.31 19.87
CA GLN A 241 -14.48 7.61 19.24
C GLN A 241 -13.18 7.80 18.45
N PRO A 242 -13.28 8.26 17.20
CA PRO A 242 -12.10 8.28 16.30
C PRO A 242 -10.91 9.11 16.72
N GLY A 243 -11.17 10.27 17.32
CA GLY A 243 -10.12 11.17 17.74
C GLY A 243 -9.12 10.58 18.75
N LEU A 244 -9.53 9.55 19.50
CA LEU A 244 -8.62 8.89 20.46
C LEU A 244 -7.39 8.23 19.82
N ALA A 245 -7.45 7.99 18.53
CA ALA A 245 -6.31 7.46 17.81
C ALA A 245 -5.12 8.43 17.74
N GLU A 246 -5.40 9.73 17.84
CA GLU A 246 -4.44 10.79 17.59
C GLU A 246 -4.19 11.74 18.75
N LEU A 247 -5.17 11.95 19.64
CA LEU A 247 -5.05 12.92 20.73
C LEU A 247 -4.06 12.45 21.80
N THR A 248 -3.00 13.23 21.99
CA THR A 248 -1.96 12.95 22.95
C THR A 248 -2.34 13.32 24.38
N ASP A 249 -3.33 14.20 24.54
CA ASP A 249 -3.76 14.63 25.87
C ASP A 249 -4.57 13.49 26.46
N ARG A 250 -3.97 12.75 27.38
CA ARG A 250 -4.65 11.57 27.93
C ARG A 250 -5.92 11.91 28.72
N ALA A 251 -5.90 13.02 29.44
CA ALA A 251 -7.08 13.44 30.19
C ALA A 251 -8.26 13.75 29.23
N LEU A 252 -7.95 14.31 28.07
CA LEU A 252 -9.00 14.56 27.06
C LEU A 252 -9.52 13.25 26.43
N ARG A 253 -8.63 12.30 26.15
CA ARG A 253 -9.05 10.95 25.73
C ARG A 253 -10.01 10.31 26.72
N GLU A 254 -9.67 10.34 28.00
CA GLU A 254 -10.58 9.82 29.04
C GLU A 254 -11.92 10.56 29.05
N ARG A 255 -11.89 11.89 28.95
CA ARG A 255 -13.09 12.68 28.97
C ARG A 255 -14.03 12.32 27.80
N ILE A 256 -13.48 12.19 26.59
CA ILE A 256 -14.24 11.78 25.43
C ILE A 256 -14.82 10.35 25.62
N HIS A 257 -14.02 9.44 26.16
CA HIS A 257 -14.46 8.03 26.32
C HIS A 257 -15.59 7.94 27.37
N ARG A 258 -15.49 8.71 28.43
CA ARG A 258 -16.52 8.77 29.47
C ARG A 258 -17.79 9.38 28.92
N ALA A 259 -17.68 10.42 28.10
CA ALA A 259 -18.86 11.00 27.45
C ALA A 259 -19.53 9.97 26.52
N SER A 260 -18.74 9.20 25.77
CA SER A 260 -19.25 8.13 24.94
C SER A 260 -20.06 7.08 25.71
N ILE A 261 -19.44 6.49 26.72
CA ILE A 261 -20.01 5.34 27.42
C ILE A 261 -21.18 5.70 28.36
N GLN A 262 -21.35 6.99 28.68
CA GLN A 262 -22.43 7.46 29.55
C GLN A 262 -23.68 7.91 28.79
N ARG A 263 -23.69 7.84 27.47
CA ARG A 263 -24.89 8.17 26.71
C ARG A 263 -26.07 7.29 27.12
N GLY A 264 -27.22 7.92 27.34
CA GLY A 264 -28.44 7.31 27.80
C GLY A 264 -28.52 6.95 29.25
N VAL A 265 -27.50 7.32 30.04
CA VAL A 265 -27.49 7.08 31.45
C VAL A 265 -27.88 8.42 32.10
N PRO A 266 -28.92 8.48 32.94
CA PRO A 266 -29.74 7.33 33.37
C PRO A 266 -31.05 7.16 32.60
N ASP A 267 -31.40 8.13 31.76
CA ASP A 267 -32.77 8.23 31.20
C ASP A 267 -33.23 7.09 30.32
N ASN A 268 -32.30 6.35 29.73
CA ASN A 268 -32.67 5.15 28.95
C ASN A 268 -32.68 3.82 29.71
N GLU A 269 -32.27 3.82 30.98
CA GLU A 269 -32.11 2.54 31.70
C GLU A 269 -33.44 1.84 32.00
N GLU A 270 -34.35 2.52 32.68
CA GLU A 270 -35.67 1.89 32.97
C GLU A 270 -36.49 1.67 31.68
N LEU A 271 -36.25 2.53 30.71
CA LEU A 271 -36.91 2.46 29.45
C LEU A 271 -36.60 1.16 28.68
N ILE A 272 -35.32 0.83 28.57
CA ILE A 272 -34.96 -0.37 27.82
C ILE A 272 -35.38 -1.62 28.58
N VAL A 273 -35.29 -1.57 29.90
CA VAL A 273 -35.83 -2.68 30.74
C VAL A 273 -37.31 -2.92 30.39
N ARG A 274 -38.09 -1.85 30.33
N ARG A 274 -38.08 -1.85 30.33
CA ARG A 274 -39.51 -1.93 29.96
CA ARG A 274 -39.49 -1.96 29.95
C ARG A 274 -39.69 -2.47 28.53
C ARG A 274 -39.67 -2.50 28.54
N ILE A 275 -38.89 -2.00 27.58
CA ILE A 275 -38.98 -2.49 26.21
C ILE A 275 -38.71 -4.01 26.13
N ALA A 276 -37.65 -4.46 26.80
CA ALA A 276 -37.26 -5.86 26.72
C ALA A 276 -38.31 -6.73 27.42
N THR A 277 -38.86 -6.19 28.50
CA THR A 277 -39.92 -6.89 29.28
C THR A 277 -41.19 -7.08 28.41
N LEU A 278 -41.63 -6.00 27.79
CA LEU A 278 -42.77 -6.03 26.90
C LEU A 278 -42.54 -6.91 25.67
N ARG A 279 -41.33 -6.90 25.13
CA ARG A 279 -41.03 -7.77 24.00
C ARG A 279 -41.18 -9.24 24.38
N ALA A 280 -40.72 -9.62 25.58
CA ALA A 280 -40.85 -10.97 26.06
C ALA A 280 -42.31 -11.36 26.23
N GLU A 281 -43.11 -10.48 26.82
CA GLU A 281 -44.53 -10.75 27.03
C GLU A 281 -45.22 -10.89 25.68
N ARG A 282 -44.89 -10.03 24.73
CA ARG A 282 -45.43 -10.10 23.39
C ARG A 282 -45.13 -11.43 22.70
N ALA A 283 -43.85 -11.83 22.77
CA ALA A 283 -43.40 -13.06 22.13
C ALA A 283 -44.15 -14.29 22.68
N LYS A 284 -44.32 -14.36 23.99
CA LYS A 284 -45.08 -15.45 24.64
C LYS A 284 -46.55 -15.48 24.20
N LEU A 285 -47.18 -14.32 24.14
CA LEU A 285 -48.54 -14.17 23.63
C LEU A 285 -48.69 -14.75 22.22
N LEU A 286 -47.67 -14.54 21.38
CA LEU A 286 -47.65 -15.10 20.02
C LEU A 286 -47.13 -16.56 19.90
N GLY A 287 -46.87 -17.20 21.04
CA GLY A 287 -46.48 -18.59 21.09
C GLY A 287 -45.00 -18.87 21.05
N TYR A 288 -44.16 -17.88 21.35
CA TYR A 288 -42.68 -18.06 21.34
C TYR A 288 -42.12 -17.88 22.72
N PRO A 289 -41.10 -18.67 23.09
CA PRO A 289 -40.56 -18.59 24.45
C PRO A 289 -39.75 -17.30 24.75
N THR A 290 -39.21 -16.65 23.72
CA THR A 290 -38.43 -15.42 23.86
C THR A 290 -38.66 -14.59 22.61
N HIS A 291 -38.32 -13.31 22.73
CA HIS A 291 -38.31 -12.41 21.58
C HIS A 291 -37.36 -12.90 20.52
N ALA A 292 -36.20 -13.43 20.91
CA ALA A 292 -35.26 -13.97 19.92
C ALA A 292 -35.86 -15.12 19.09
N ALA A 293 -36.62 -16.00 19.73
CA ALA A 293 -37.28 -17.09 18.99
C ALA A 293 -38.31 -16.54 17.96
N TYR A 294 -39.08 -15.54 18.35
CA TYR A 294 -39.98 -14.80 17.44
C TYR A 294 -39.25 -14.18 16.26
N VAL A 295 -38.14 -13.51 16.54
CA VAL A 295 -37.35 -12.85 15.50
C VAL A 295 -36.76 -13.90 14.56
N VAL A 296 -36.13 -14.93 15.12
CA VAL A 296 -35.45 -15.93 14.32
C VAL A 296 -36.43 -16.67 13.41
N ALA A 297 -37.69 -16.81 13.83
CA ALA A 297 -38.72 -17.41 12.99
C ALA A 297 -38.95 -16.73 11.63
N ASP A 298 -38.53 -15.48 11.45
CA ASP A 298 -38.56 -14.80 10.14
C ASP A 298 -37.18 -14.36 9.60
N GLN A 299 -36.12 -14.93 10.16
CA GLN A 299 -34.74 -14.74 9.69
C GLN A 299 -34.33 -15.94 8.84
N THR A 300 -33.21 -15.82 8.11
CA THR A 300 -32.64 -16.97 7.41
C THR A 300 -32.01 -17.97 8.37
N ALA A 301 -31.56 -17.50 9.51
CA ALA A 301 -31.02 -18.42 10.52
C ALA A 301 -32.17 -19.36 10.94
N PRO A 302 -31.91 -20.68 10.99
CA PRO A 302 -33.03 -21.63 11.15
C PRO A 302 -33.57 -21.70 12.56
N THR A 303 -32.71 -21.56 13.57
CA THR A 303 -33.10 -21.67 14.98
C THR A 303 -32.27 -20.75 15.85
N THR A 304 -32.76 -20.47 17.06
CA THR A 304 -31.96 -19.72 18.04
C THR A 304 -30.66 -20.47 18.36
N GLU A 305 -30.72 -21.80 18.41
CA GLU A 305 -29.54 -22.61 18.66
C GLU A 305 -28.47 -22.45 17.59
N ALA A 306 -28.85 -22.33 16.33
CA ALA A 306 -27.90 -22.07 15.24
C ALA A 306 -27.15 -20.76 15.41
N VAL A 307 -27.84 -19.74 15.90
CA VAL A 307 -27.20 -18.46 16.15
C VAL A 307 -26.20 -18.59 17.29
N THR A 308 -26.64 -19.12 18.42
CA THR A 308 -25.77 -19.22 19.60
C THR A 308 -24.59 -20.16 19.34
N GLU A 309 -24.79 -21.20 18.54
CA GLU A 309 -23.71 -22.14 18.20
C GLU A 309 -22.64 -21.45 17.36
N MET A 310 -23.05 -20.70 16.36
CA MET A 310 -22.11 -19.90 15.59
C MET A 310 -21.34 -18.88 16.43
N LEU A 311 -22.02 -18.14 17.31
CA LEU A 311 -21.36 -17.15 18.15
C LEU A 311 -20.40 -17.82 19.14
N GLY A 312 -20.80 -18.98 19.66
CA GLY A 312 -19.98 -19.80 20.53
C GLY A 312 -18.67 -20.29 19.91
N LYS A 313 -18.66 -20.52 18.61
CA LYS A 313 -17.44 -20.91 17.91
C LYS A 313 -16.49 -19.74 17.65
N LEU A 314 -17.05 -18.55 17.37
CA LEU A 314 -16.27 -17.37 17.04
C LEU A 314 -15.66 -16.67 18.24
N THR A 315 -16.32 -16.74 19.38
CA THR A 315 -15.96 -15.93 20.53
C THR A 315 -14.61 -16.29 21.18
N PRO A 316 -14.32 -17.58 21.43
CA PRO A 316 -13.01 -17.93 22.01
C PRO A 316 -11.79 -17.52 21.18
N PRO A 317 -11.76 -17.81 19.87
CA PRO A 317 -10.59 -17.29 19.14
C PRO A 317 -10.55 -15.76 19.01
N ALA A 318 -11.69 -15.09 18.98
CA ALA A 318 -11.70 -13.62 18.92
C ALA A 318 -11.10 -13.04 20.21
N VAL A 319 -11.54 -13.55 21.35
CA VAL A 319 -11.03 -13.13 22.63
C VAL A 319 -9.55 -13.41 22.78
N ALA A 320 -9.08 -14.56 22.29
CA ALA A 320 -7.63 -14.86 22.37
C ALA A 320 -6.83 -13.88 21.47
N ASN A 321 -7.35 -13.50 20.31
CA ASN A 321 -6.72 -12.45 19.50
C ASN A 321 -6.65 -11.10 20.22
N ALA A 322 -7.71 -10.74 20.95
CA ALA A 322 -7.76 -9.44 21.63
C ALA A 322 -6.76 -9.43 22.78
N HIS A 323 -6.59 -10.57 23.45
CA HIS A 323 -5.58 -10.68 24.52
C HIS A 323 -4.17 -10.54 23.98
N ARG A 324 -3.85 -11.18 22.86
CA ARG A 324 -2.54 -11.02 22.21
C ARG A 324 -2.31 -9.58 21.80
N GLU A 325 -3.32 -8.94 21.19
CA GLU A 325 -3.23 -7.54 20.80
C GLU A 325 -3.03 -6.60 21.98
N ALA A 326 -3.76 -6.84 23.07
CA ALA A 326 -3.58 -6.06 24.29
C ALA A 326 -2.13 -6.14 24.80
N ASP A 327 -1.56 -7.35 24.83
CA ASP A 327 -0.13 -7.57 25.22
C ASP A 327 0.83 -6.79 24.31
N GLU A 328 0.56 -6.80 23.00
CA GLU A 328 1.35 -6.01 22.06
C GLU A 328 1.23 -4.50 22.35
N LEU A 329 0.03 -4.01 22.68
CA LEU A 329 -0.16 -2.58 22.96
C LEU A 329 0.49 -2.16 24.26
N ARG A 330 0.40 -3.03 25.28
CA ARG A 330 1.15 -2.79 26.53
C ARG A 330 2.67 -2.71 26.33
N GLU A 331 3.21 -3.55 25.45
CA GLU A 331 4.66 -3.55 25.17
C GLU A 331 5.07 -2.29 24.41
N GLN A 332 4.26 -1.90 23.45
CA GLN A 332 4.43 -0.61 22.79
C GLN A 332 4.39 0.59 23.74
N ALA A 333 3.41 0.62 24.64
CA ALA A 333 3.22 1.74 25.54
C ALA A 333 4.26 1.72 26.67
N GLY A 334 4.66 0.52 27.07
CA GLY A 334 5.55 0.33 28.19
C GLY A 334 4.84 0.32 29.54
N HIS A 335 3.50 0.39 29.52
CA HIS A 335 2.70 0.44 30.73
C HIS A 335 1.31 -0.09 30.52
N ASP A 336 0.57 -0.25 31.62
CA ASP A 336 -0.80 -0.74 31.55
C ASP A 336 -1.72 0.28 30.93
N LEU A 337 -2.72 -0.23 30.24
CA LEU A 337 -3.64 0.63 29.49
C LEU A 337 -5.03 0.70 30.11
N GLU A 338 -5.70 1.81 29.84
CA GLU A 338 -7.12 1.99 30.10
C GLU A 338 -7.83 1.95 28.75
N PRO A 339 -9.17 1.77 28.76
CA PRO A 339 -9.86 1.69 27.47
C PRO A 339 -9.60 2.85 26.53
N TRP A 340 -9.41 4.05 27.10
CA TRP A 340 -9.19 5.28 26.32
C TRP A 340 -7.76 5.40 25.78
N ASP A 341 -6.96 4.35 25.96
CA ASP A 341 -5.63 4.26 25.40
C ASP A 341 -5.54 3.36 24.19
N TRP A 342 -6.54 2.51 23.98
CA TRP A 342 -6.42 1.43 22.98
C TRP A 342 -6.08 1.94 21.58
N SER A 343 -6.95 2.80 21.05
CA SER A 343 -6.78 3.36 19.71
C SER A 343 -5.46 4.11 19.55
N PHE A 344 -5.11 4.88 20.60
CA PHE A 344 -3.93 5.68 20.59
C PHE A 344 -2.66 4.80 20.43
N TYR A 345 -2.51 3.75 21.24
CA TYR A 345 -1.36 2.85 21.08
C TYR A 345 -1.44 1.96 19.84
N ALA A 346 -2.65 1.54 19.42
CA ALA A 346 -2.82 0.80 18.15
C ALA A 346 -2.27 1.63 16.97
N GLU A 347 -2.50 2.95 16.99
CA GLU A 347 -1.96 3.81 15.94
C GLU A 347 -0.45 3.88 15.95
N LYS A 348 0.15 3.88 17.14
CA LYS A 348 1.59 3.83 17.27
C LYS A 348 2.17 2.55 16.72
N VAL A 349 1.51 1.43 16.99
CA VAL A 349 1.96 0.14 16.47
C VAL A 349 1.86 0.10 14.93
N LEU A 350 0.76 0.62 14.37
CA LEU A 350 0.61 0.75 12.92
C LEU A 350 1.72 1.56 12.27
N LYS A 351 2.07 2.69 12.88
CA LYS A 351 3.12 3.51 12.34
C LYS A 351 4.46 2.78 12.39
N GLU A 352 4.79 2.16 13.53
CA GLU A 352 6.03 1.42 13.67
C GLU A 352 6.10 0.21 12.70
N ARG A 353 5.04 -0.58 12.67
CA ARG A 353 5.02 -1.82 11.87
C ARG A 353 4.90 -1.59 10.37
N TYR A 354 3.99 -0.71 9.95
CA TYR A 354 3.65 -0.53 8.54
C TYR A 354 4.05 0.81 7.92
N ALA A 355 4.62 1.70 8.71
CA ALA A 355 4.89 3.09 8.28
C ALA A 355 3.65 3.89 7.86
N ILE A 356 2.49 3.51 8.41
CA ILE A 356 1.17 4.09 8.12
C ILE A 356 0.74 4.93 9.29
N ASP A 357 0.69 6.23 9.07
CA ASP A 357 0.32 7.28 10.02
C ASP A 357 -1.02 7.80 9.48
N GLY A 358 -2.10 7.58 10.24
CA GLY A 358 -3.44 8.06 9.89
C GLY A 358 -3.53 9.49 9.38
N ARG A 359 -2.71 10.38 9.95
CA ARG A 359 -2.64 11.77 9.51
C ARG A 359 -2.08 11.90 8.11
N GLN A 360 -1.20 10.98 7.73
CA GLN A 360 -0.62 10.99 6.40
C GLN A 360 -1.53 10.27 5.36
N MET A 361 -2.38 9.34 5.81
CA MET A 361 -3.35 8.68 4.95
C MET A 361 -4.55 9.54 4.60
N ARG A 362 -5.04 10.34 5.55
CA ARG A 362 -6.21 11.21 5.32
C ARG A 362 -6.20 12.06 4.05
N PRO A 363 -5.05 12.65 3.69
CA PRO A 363 -4.99 13.46 2.47
C PRO A 363 -5.26 12.74 1.16
N TYR A 364 -5.21 11.40 1.17
CA TYR A 364 -5.55 10.60 0.00
C TYR A 364 -7.01 10.21 -0.17
N PHE A 365 -7.88 10.61 0.75
CA PHE A 365 -9.27 10.15 0.79
C PHE A 365 -10.23 11.33 0.95
N GLU A 366 -10.35 12.12 -0.10
CA GLU A 366 -11.26 13.26 -0.11
C GLU A 366 -12.63 12.79 -0.65
N LEU A 367 -13.71 13.23 0.00
CA LEU A 367 -15.05 12.79 -0.25
C LEU A 367 -15.43 12.75 -1.73
N ASP A 368 -15.13 13.81 -2.48
CA ASP A 368 -15.59 13.88 -3.88
C ASP A 368 -14.86 12.85 -4.73
N ARG A 369 -13.58 12.61 -4.39
CA ARG A 369 -12.78 11.68 -5.16
C ARG A 369 -13.18 10.26 -4.79
N VAL A 370 -13.36 10.03 -3.50
CA VAL A 370 -13.80 8.69 -3.04
C VAL A 370 -15.12 8.35 -3.74
N LEU A 371 -16.04 9.30 -3.74
CA LEU A 371 -17.33 9.09 -4.34
C LEU A 371 -17.27 8.82 -5.84
N ARG A 372 -16.61 9.69 -6.59
CA ARG A 372 -16.58 9.57 -8.05
C ARG A 372 -15.67 8.44 -8.57
N ASP A 373 -14.46 8.42 -8.07
CA ASP A 373 -13.42 7.52 -8.54
C ASP A 373 -13.32 6.21 -7.78
N GLY A 374 -14.12 6.07 -6.73
CA GLY A 374 -14.16 4.86 -5.93
C GLY A 374 -15.54 4.22 -5.97
N VAL A 375 -16.48 4.86 -5.31
CA VAL A 375 -17.78 4.24 -5.10
C VAL A 375 -18.52 4.14 -6.46
N PHE A 376 -18.62 5.27 -7.15
CA PHE A 376 -19.30 5.28 -8.48
C PHE A 376 -18.53 4.47 -9.52
N HIS A 377 -17.22 4.65 -9.50
CA HIS A 377 -16.32 3.98 -10.45
C HIS A 377 -16.43 2.47 -10.40
N ALA A 378 -16.41 1.92 -9.19
CA ALA A 378 -16.53 0.47 -9.00
C ALA A 378 -17.87 0.00 -9.55
N ALA A 379 -18.95 0.69 -9.22
CA ALA A 379 -20.28 0.32 -9.71
C ALA A 379 -20.37 0.39 -11.24
N THR A 380 -19.69 1.38 -11.83
CA THR A 380 -19.66 1.48 -13.30
C THR A 380 -18.86 0.32 -13.90
N LEU A 381 -17.69 0.02 -13.33
CA LEU A 381 -16.90 -1.11 -13.85
C LEU A 381 -17.59 -2.44 -13.69
N LEU A 382 -18.32 -2.61 -12.60
CA LEU A 382 -18.94 -3.88 -12.27
C LEU A 382 -20.29 -4.07 -12.96
N TYR A 383 -21.15 -3.05 -12.84
CA TYR A 383 -22.51 -3.12 -13.34
C TYR A 383 -22.77 -2.33 -14.61
N GLY A 384 -21.85 -1.47 -15.04
CA GLY A 384 -22.07 -0.69 -16.28
C GLY A 384 -22.95 0.55 -16.06
N ILE A 385 -23.47 0.75 -14.85
CA ILE A 385 -24.33 1.90 -14.57
C ILE A 385 -23.50 3.18 -14.55
N THR A 386 -24.19 4.30 -14.82
CA THR A 386 -23.58 5.62 -14.87
C THR A 386 -24.40 6.60 -14.08
N PHE A 387 -23.79 7.74 -13.76
CA PHE A 387 -24.32 8.69 -12.81
C PHE A 387 -24.25 10.09 -13.38
N THR A 388 -25.32 10.86 -13.21
CA THR A 388 -25.29 12.28 -13.51
C THR A 388 -25.73 13.05 -12.29
N GLU A 389 -24.86 13.90 -11.75
CA GLU A 389 -25.26 14.76 -10.62
C GLU A 389 -26.31 15.75 -11.08
N ARG A 390 -27.33 15.97 -10.25
CA ARG A 390 -28.43 16.88 -10.58
C ARG A 390 -28.54 17.98 -9.51
N PRO A 391 -27.61 18.95 -9.53
CA PRO A 391 -27.68 20.06 -8.59
C PRO A 391 -28.91 20.97 -8.76
N ASP A 392 -29.60 20.85 -9.89
CA ASP A 392 -30.90 21.47 -10.11
C ASP A 392 -32.12 20.77 -9.48
N LEU A 393 -32.02 19.48 -9.12
CA LEU A 393 -33.09 18.81 -8.39
C LEU A 393 -32.92 19.09 -6.91
N VAL A 394 -34.05 19.15 -6.21
CA VAL A 394 -34.10 19.61 -4.82
C VAL A 394 -34.20 18.38 -3.90
N GLY A 395 -33.15 18.17 -3.10
CA GLY A 395 -33.20 17.23 -1.99
C GLY A 395 -33.91 17.77 -0.74
N TYR A 396 -33.88 16.99 0.32
CA TYR A 396 -34.65 17.35 1.53
C TYR A 396 -33.88 18.26 2.48
N HIS A 397 -32.57 18.44 2.22
CA HIS A 397 -31.66 19.27 3.01
C HIS A 397 -30.69 19.85 1.98
N PRO A 398 -30.22 21.09 2.15
CA PRO A 398 -29.35 21.71 1.13
C PRO A 398 -28.04 20.99 0.81
N ASP A 399 -27.49 20.21 1.74
CA ASP A 399 -26.27 19.43 1.53
C ASP A 399 -26.49 18.09 0.86
N VAL A 400 -27.74 17.71 0.60
CA VAL A 400 -28.03 16.47 -0.08
C VAL A 400 -27.63 16.61 -1.55
N ARG A 401 -26.83 15.66 -2.04
CA ARG A 401 -26.52 15.58 -3.45
C ARG A 401 -27.44 14.58 -4.13
N VAL A 402 -28.13 14.99 -5.20
CA VAL A 402 -29.03 14.11 -5.98
C VAL A 402 -28.32 13.68 -7.24
N PHE A 403 -28.37 12.36 -7.50
CA PHE A 403 -27.79 11.81 -8.70
C PHE A 403 -28.79 10.95 -9.45
N GLU A 404 -28.83 11.14 -10.77
CA GLU A 404 -29.57 10.28 -11.62
C GLU A 404 -28.70 9.09 -12.00
N VAL A 405 -29.28 7.89 -12.01
CA VAL A 405 -28.54 6.66 -12.28
C VAL A 405 -29.11 6.01 -13.54
N PHE A 406 -28.23 5.64 -14.45
CA PHE A 406 -28.58 5.05 -15.75
C PHE A 406 -28.01 3.64 -15.89
N ASN A 407 -28.72 2.75 -16.60
CA ASN A 407 -28.14 1.47 -16.99
C ASN A 407 -27.08 1.68 -18.08
N GLU A 408 -26.29 0.62 -18.34
CA GLU A 408 -25.26 0.66 -19.38
C GLU A 408 -25.80 1.06 -20.75
N ASP A 409 -26.99 0.58 -21.04
CA ASP A 409 -27.65 0.90 -22.33
C ASP A 409 -28.28 2.30 -22.40
N GLY A 410 -28.12 3.10 -21.36
CA GLY A 410 -28.57 4.47 -21.38
C GLY A 410 -29.94 4.64 -20.78
N SER A 411 -30.65 3.55 -20.50
CA SER A 411 -31.99 3.66 -19.91
C SER A 411 -31.95 4.16 -18.48
N GLN A 412 -33.04 4.77 -18.08
CA GLN A 412 -33.17 5.33 -16.73
C GLN A 412 -33.32 4.24 -15.70
N LEU A 413 -32.61 4.35 -14.56
CA LEU A 413 -32.65 3.34 -13.52
C LEU A 413 -33.30 3.87 -12.27
N GLY A 414 -32.80 4.99 -11.75
CA GLY A 414 -33.37 5.53 -10.53
C GLY A 414 -32.61 6.76 -10.06
N LEU A 415 -32.88 7.16 -8.82
CA LEU A 415 -32.22 8.30 -8.19
C LEU A 415 -31.52 7.87 -6.90
N PHE A 416 -30.35 8.45 -6.67
CA PHE A 416 -29.54 8.20 -5.49
C PHE A 416 -29.31 9.56 -4.80
N LEU A 417 -29.63 9.65 -3.51
CA LEU A 417 -29.39 10.87 -2.73
C LEU A 417 -28.34 10.59 -1.66
N GLY A 418 -27.31 11.41 -1.60
CA GLY A 418 -26.24 11.28 -0.62
C GLY A 418 -26.24 12.41 0.37
N ASP A 419 -26.21 12.08 1.66
CA ASP A 419 -26.27 13.07 2.74
C ASP A 419 -25.16 12.67 3.72
N TYR A 420 -24.00 13.27 3.55
CA TYR A 420 -22.74 12.77 4.13
C TYR A 420 -22.35 13.29 5.51
N TYR A 421 -22.89 14.42 5.92
CA TYR A 421 -22.40 15.12 7.10
C TYR A 421 -23.18 15.00 8.38
N ALA A 422 -22.45 14.91 9.51
CA ALA A 422 -23.04 14.98 10.83
C ALA A 422 -23.68 16.35 11.08
N ARG A 423 -24.73 16.38 11.90
CA ARG A 423 -25.32 17.61 12.37
C ARG A 423 -26.24 17.25 13.55
N PRO A 424 -26.56 18.22 14.41
CA PRO A 424 -27.37 17.87 15.60
C PRO A 424 -28.73 17.30 15.30
N SER A 425 -29.29 17.62 14.13
CA SER A 425 -30.59 17.09 13.76
C SER A 425 -30.55 15.65 13.21
N LYS A 426 -29.36 15.12 12.96
CA LYS A 426 -29.21 13.80 12.33
C LYS A 426 -28.81 12.79 13.38
N ARG A 427 -29.53 11.68 13.45
CA ARG A 427 -29.15 10.60 14.36
C ARG A 427 -27.77 9.97 14.04
N GLY A 428 -27.18 9.31 15.04
CA GLY A 428 -25.87 8.69 14.83
C GLY A 428 -25.90 7.48 13.89
N GLY A 429 -24.72 7.15 13.37
CA GLY A 429 -24.50 5.93 12.64
C GLY A 429 -24.55 6.23 11.14
N ALA A 430 -24.99 5.24 10.38
CA ALA A 430 -25.13 5.39 8.93
C ALA A 430 -26.24 4.47 8.48
N TRP A 431 -26.97 4.85 7.43
CA TRP A 431 -28.06 4.02 6.98
C TRP A 431 -28.50 4.39 5.56
N MET A 432 -29.26 3.46 5.02
CA MET A 432 -29.91 3.59 3.74
C MET A 432 -31.41 3.56 3.95
N ASN A 433 -32.12 4.36 3.16
CA ASN A 433 -33.56 4.23 3.17
C ASN A 433 -34.12 4.61 1.76
N SER A 434 -35.37 4.26 1.48
CA SER A 434 -35.96 4.50 0.18
C SER A 434 -37.02 5.53 0.28
N LEU A 435 -37.01 6.52 -0.62
CA LEU A 435 -38.11 7.47 -0.72
C LEU A 435 -39.19 6.92 -1.64
N VAL A 436 -38.78 6.15 -2.64
CA VAL A 436 -39.71 5.51 -3.55
C VAL A 436 -39.19 4.10 -3.75
N LYS A 437 -40.07 3.13 -3.49
CA LYS A 437 -39.80 1.69 -3.69
C LYS A 437 -40.18 1.29 -5.12
N GLN A 438 -39.31 0.49 -5.74
CA GLN A 438 -39.55 -0.06 -7.06
C GLN A 438 -40.63 -1.16 -6.99
N SER A 439 -41.58 -1.13 -7.93
CA SER A 439 -42.44 -2.29 -8.17
C SER A 439 -43.07 -2.13 -9.55
N THR A 440 -43.26 -3.25 -10.24
CA THR A 440 -43.91 -3.19 -11.54
C THR A 440 -45.41 -3.07 -11.34
N LEU A 441 -45.91 -3.41 -10.13
CA LEU A 441 -47.31 -3.14 -9.78
C LEU A 441 -47.70 -1.67 -9.99
N GLU A 442 -46.90 -0.78 -9.43
CA GLU A 442 -47.12 0.65 -9.47
C GLU A 442 -46.33 1.32 -10.60
N GLY A 443 -45.38 0.61 -11.19
CA GLY A 443 -44.56 1.19 -12.25
C GLY A 443 -43.65 2.27 -11.70
N THR A 444 -43.16 2.08 -10.46
CA THR A 444 -42.30 3.06 -9.83
C THR A 444 -40.83 2.68 -10.00
N ARG A 445 -39.99 3.69 -10.05
N ARG A 445 -39.98 3.69 -10.09
CA ARG A 445 -38.54 3.52 -10.11
CA ARG A 445 -38.54 3.51 -10.14
C ARG A 445 -37.98 3.83 -8.73
C ARG A 445 -37.98 3.83 -8.75
N PRO A 446 -36.86 3.19 -8.36
CA PRO A 446 -36.30 3.43 -7.03
C PRO A 446 -35.67 4.82 -6.85
N VAL A 447 -35.95 5.40 -5.69
CA VAL A 447 -35.33 6.62 -5.20
C VAL A 447 -34.77 6.26 -3.83
N VAL A 448 -33.47 6.22 -3.76
CA VAL A 448 -32.78 5.75 -2.54
C VAL A 448 -31.88 6.80 -1.93
N VAL A 449 -31.65 6.64 -0.62
CA VAL A 449 -30.92 7.62 0.19
C VAL A 449 -29.81 6.91 0.98
N ASN A 450 -28.67 7.57 1.09
CA ASN A 450 -27.59 7.20 2.03
C ASN A 450 -27.28 8.35 2.98
N ASN A 451 -27.22 8.08 4.30
CA ASN A 451 -26.82 9.05 5.31
C ASN A 451 -25.59 8.56 6.06
N LEU A 452 -24.58 9.46 6.10
CA LEU A 452 -23.38 9.29 6.89
C LEU A 452 -23.25 10.47 7.85
N ASN A 453 -22.29 10.34 8.77
CA ASN A 453 -22.04 11.34 9.80
C ASN A 453 -20.59 11.82 9.80
N ILE A 454 -20.12 12.23 8.64
CA ILE A 454 -18.74 12.75 8.51
C ILE A 454 -18.74 14.19 9.03
N ALA A 455 -17.66 14.57 9.72
CA ALA A 455 -17.54 15.95 10.25
C ALA A 455 -17.41 16.91 9.07
N LYS A 456 -18.23 17.96 9.06
CA LYS A 456 -18.25 18.93 7.96
C LYS A 456 -17.13 19.97 8.10
N PRO A 457 -16.24 20.08 7.09
CA PRO A 457 -15.24 21.11 7.15
C PRO A 457 -15.80 22.53 7.01
N PRO A 458 -15.02 23.53 7.42
CA PRO A 458 -15.36 24.93 7.07
C PRO A 458 -15.37 25.19 5.54
N ALA A 459 -15.86 26.36 5.17
CA ALA A 459 -16.00 26.74 3.77
C ALA A 459 -14.65 26.59 3.08
N GLY A 460 -14.69 26.02 1.88
CA GLY A 460 -13.49 25.85 1.08
C GLY A 460 -12.65 24.65 1.38
N GLU A 461 -12.79 24.04 2.57
CA GLU A 461 -11.80 23.08 2.99
C GLU A 461 -12.21 21.66 2.52
N PRO A 462 -11.23 20.80 2.29
CA PRO A 462 -11.56 19.47 1.76
C PRO A 462 -12.13 18.57 2.84
N THR A 463 -12.94 17.60 2.44
CA THR A 463 -13.45 16.62 3.36
C THR A 463 -12.59 15.36 3.29
N LEU A 464 -11.64 15.25 4.21
CA LEU A 464 -10.70 14.15 4.26
C LEU A 464 -11.25 13.10 5.19
N MET A 465 -11.25 11.86 4.74
CA MET A 465 -11.99 10.78 5.38
C MET A 465 -11.01 9.77 6.00
N THR A 466 -11.44 9.15 7.08
CA THR A 466 -10.74 7.97 7.61
C THR A 466 -11.14 6.79 6.72
N PHE A 467 -10.37 5.73 6.77
CA PHE A 467 -10.75 4.54 6.00
C PHE A 467 -12.04 3.87 6.47
N GLU A 468 -12.31 3.96 7.78
CA GLU A 468 -13.57 3.56 8.32
C GLU A 468 -14.73 4.29 7.61
N GLU A 469 -14.59 5.59 7.38
CA GLU A 469 -15.65 6.35 6.69
C GLU A 469 -15.76 5.94 5.22
N VAL A 470 -14.63 5.69 4.57
CA VAL A 470 -14.61 5.18 3.20
C VAL A 470 -15.40 3.85 3.14
N ASN A 471 -15.10 2.95 4.06
CA ASN A 471 -15.78 1.66 4.12
CA ASN A 471 -15.78 1.67 4.13
C ASN A 471 -17.30 1.82 4.30
N THR A 472 -17.68 2.76 5.16
CA THR A 472 -19.10 3.03 5.43
C THR A 472 -19.80 3.55 4.17
N MET A 473 -19.11 4.37 3.41
CA MET A 473 -19.66 4.90 2.15
C MET A 473 -19.94 3.75 1.17
N PHE A 474 -18.98 2.84 1.02
CA PHE A 474 -19.20 1.65 0.17
C PHE A 474 -20.28 0.73 0.71
N HIS A 475 -20.34 0.60 2.04
CA HIS A 475 -21.37 -0.21 2.68
C HIS A 475 -22.78 0.29 2.37
N GLU A 476 -23.02 1.58 2.61
CA GLU A 476 -24.33 2.17 2.41
C GLU A 476 -24.68 2.18 0.95
N PHE A 477 -23.68 2.35 0.08
CA PHE A 477 -23.91 2.32 -1.31
C PHE A 477 -24.34 0.91 -1.79
N GLY A 478 -23.81 -0.10 -1.12
CA GLY A 478 -24.24 -1.49 -1.36
C GLY A 478 -25.74 -1.66 -1.07
N HIS A 479 -26.24 -1.08 0.02
CA HIS A 479 -27.71 -1.03 0.22
C HIS A 479 -28.42 -0.25 -0.88
N ALA A 480 -27.86 0.91 -1.27
CA ALA A 480 -28.45 1.67 -2.38
C ALA A 480 -28.61 0.84 -3.66
N LEU A 481 -27.56 0.10 -4.02
CA LEU A 481 -27.60 -0.78 -5.21
C LEU A 481 -28.65 -1.86 -5.09
N HIS A 482 -28.78 -2.44 -3.91
CA HIS A 482 -29.82 -3.44 -3.64
C HIS A 482 -31.22 -2.82 -3.94
N GLY A 483 -31.43 -1.59 -3.49
CA GLY A 483 -32.65 -0.86 -3.83
C GLY A 483 -32.79 -0.47 -5.27
N LEU A 484 -31.71 0.04 -5.87
CA LEU A 484 -31.72 0.51 -7.24
C LEU A 484 -31.94 -0.63 -8.23
N PHE A 485 -31.40 -1.80 -7.93
CA PHE A 485 -31.48 -2.91 -8.88
C PHE A 485 -32.75 -3.74 -8.77
N SER A 486 -33.64 -3.39 -7.84
CA SER A 486 -34.84 -4.14 -7.60
C SER A 486 -35.69 -4.31 -8.87
N GLU A 487 -36.09 -5.56 -9.15
CA GLU A 487 -37.03 -5.79 -10.27
C GLU A 487 -38.10 -6.75 -9.82
N VAL A 488 -38.91 -6.32 -8.87
CA VAL A 488 -39.95 -7.17 -8.36
C VAL A 488 -41.29 -6.66 -8.87
N HIS A 489 -42.29 -7.51 -8.76
CA HIS A 489 -43.65 -7.15 -9.09
C HIS A 489 -44.30 -6.39 -7.93
N TYR A 490 -44.15 -6.91 -6.70
CA TYR A 490 -44.96 -6.42 -5.58
C TYR A 490 -44.14 -5.61 -4.57
N PRO A 491 -44.63 -4.40 -4.18
CA PRO A 491 -43.86 -3.53 -3.25
C PRO A 491 -43.46 -4.19 -1.92
N ARG A 492 -44.24 -5.16 -1.44
CA ARG A 492 -43.86 -5.93 -0.24
C ARG A 492 -42.45 -6.55 -0.34
N PHE A 493 -42.00 -6.83 -1.57
CA PHE A 493 -40.71 -7.48 -1.83
C PHE A 493 -39.66 -6.55 -2.38
N SER A 494 -39.95 -5.25 -2.48
CA SER A 494 -39.04 -4.33 -3.15
C SER A 494 -37.70 -4.20 -2.43
N GLY A 495 -36.62 -4.16 -3.21
CA GLY A 495 -35.34 -3.63 -2.77
C GLY A 495 -34.72 -4.37 -1.60
N THR A 496 -34.64 -3.70 -0.45
CA THR A 496 -34.03 -4.27 0.75
C THR A 496 -35.03 -5.05 1.64
N ALA A 497 -36.23 -5.35 1.13
CA ALA A 497 -37.22 -6.06 1.94
C ALA A 497 -36.87 -7.57 2.00
N VAL A 498 -35.79 -7.88 2.72
CA VAL A 498 -35.33 -9.25 2.95
C VAL A 498 -35.08 -9.39 4.45
N PRO A 499 -34.94 -10.63 4.93
CA PRO A 499 -34.63 -10.77 6.37
C PRO A 499 -33.41 -9.98 6.82
N ARG A 500 -33.47 -9.45 8.03
CA ARG A 500 -32.35 -8.66 8.59
C ARG A 500 -31.00 -9.37 8.52
N ASP A 501 -30.98 -10.69 8.72
CA ASP A 501 -29.71 -11.44 8.67
C ASP A 501 -29.22 -11.78 7.28
N PHE A 502 -29.97 -11.31 6.28
CA PHE A 502 -29.53 -11.29 4.88
C PHE A 502 -29.28 -9.90 4.32
N VAL A 503 -29.97 -8.89 4.84
CA VAL A 503 -29.89 -7.53 4.29
C VAL A 503 -28.50 -6.91 4.32
N GLU A 504 -27.68 -7.33 5.28
CA GLU A 504 -26.33 -6.82 5.40
C GLU A 504 -25.32 -7.54 4.51
N TYR A 505 -25.78 -8.49 3.68
CA TYR A 505 -24.90 -9.13 2.72
C TYR A 505 -24.56 -8.21 1.54
N PRO A 506 -25.57 -7.66 0.83
CA PRO A 506 -25.24 -6.79 -0.29
C PRO A 506 -24.48 -5.51 0.13
N SER A 507 -24.71 -5.04 1.34
CA SER A 507 -23.97 -3.86 1.83
C SER A 507 -22.50 -4.25 2.14
N GLN A 508 -22.31 -5.33 2.91
CA GLN A 508 -20.94 -5.75 3.25
C GLN A 508 -20.16 -6.22 2.05
N VAL A 509 -20.82 -6.85 1.09
CA VAL A 509 -20.07 -7.30 -0.08
C VAL A 509 -19.62 -6.11 -0.93
N ASN A 510 -20.43 -5.06 -1.01
CA ASN A 510 -19.97 -3.85 -1.73
C ASN A 510 -18.69 -3.19 -1.14
N GLU A 511 -18.40 -3.43 0.12
CA GLU A 511 -17.15 -2.93 0.72
C GLU A 511 -15.88 -3.56 0.13
N MET A 512 -16.01 -4.73 -0.52
CA MET A 512 -14.89 -5.35 -1.19
C MET A 512 -14.21 -4.42 -2.19
N TRP A 513 -14.98 -3.53 -2.81
CA TRP A 513 -14.45 -2.66 -3.85
C TRP A 513 -13.66 -1.49 -3.29
N ALA A 514 -13.87 -1.15 -2.02
CA ALA A 514 -13.06 -0.09 -1.37
C ALA A 514 -11.54 -0.50 -1.29
N VAL A 515 -11.31 -1.81 -1.18
CA VAL A 515 -9.94 -2.38 -1.05
C VAL A 515 -9.45 -3.20 -2.23
N TRP A 516 -10.27 -3.31 -3.29
CA TRP A 516 -9.86 -4.04 -4.47
C TRP A 516 -8.74 -3.18 -5.08
N PRO A 517 -7.51 -3.74 -5.20
CA PRO A 517 -6.39 -2.81 -5.40
C PRO A 517 -6.47 -1.88 -6.58
N SER A 518 -6.96 -2.34 -7.73
CA SER A 518 -7.10 -1.46 -8.90
C SER A 518 -8.14 -0.32 -8.75
N VAL A 519 -9.16 -0.53 -7.92
CA VAL A 519 -10.11 0.52 -7.57
C VAL A 519 -9.49 1.49 -6.55
N LEU A 520 -8.88 0.95 -5.49
CA LEU A 520 -8.25 1.75 -4.45
C LEU A 520 -7.17 2.66 -5.08
N ALA A 521 -6.37 2.10 -5.98
CA ALA A 521 -5.36 2.88 -6.67
C ALA A 521 -5.97 4.02 -7.51
N ASN A 522 -7.18 3.81 -8.00
CA ASN A 522 -7.86 4.82 -8.76
C ASN A 522 -8.28 6.03 -7.92
N TYR A 523 -8.74 5.82 -6.70
CA TYR A 523 -9.24 6.91 -5.86
C TYR A 523 -8.33 7.42 -4.75
N ALA A 524 -7.33 6.63 -4.35
CA ALA A 524 -6.35 7.04 -3.31
C ALA A 524 -5.28 8.00 -3.85
N ARG A 525 -5.67 9.26 -4.05
CA ARG A 525 -4.84 10.26 -4.69
C ARG A 525 -4.90 11.54 -3.85
N HIS A 526 -3.76 12.22 -3.73
CA HIS A 526 -3.65 13.37 -2.84
C HIS A 526 -4.66 14.49 -3.24
N TRP A 527 -5.34 15.04 -2.26
CA TRP A 527 -6.42 15.99 -2.51
C TRP A 527 -5.95 17.27 -3.22
N GLN A 528 -4.69 17.65 -3.00
CA GLN A 528 -4.08 18.84 -3.63
C GLN A 528 -3.40 18.61 -4.96
N THR A 529 -2.51 17.63 -5.00
CA THR A 529 -1.65 17.38 -6.14
C THR A 529 -2.25 16.43 -7.14
N GLY A 530 -3.22 15.62 -6.69
CA GLY A 530 -3.70 14.50 -7.46
C GLY A 530 -2.74 13.33 -7.62
N ASP A 531 -1.64 13.31 -6.87
CA ASP A 531 -0.61 12.28 -7.03
C ASP A 531 -1.13 10.99 -6.40
N PRO A 532 -0.95 9.85 -7.06
CA PRO A 532 -1.34 8.62 -6.37
C PRO A 532 -0.45 8.33 -5.16
N MET A 533 -1.00 7.66 -4.16
CA MET A 533 -0.17 7.14 -3.05
C MET A 533 0.88 6.20 -3.62
N PRO A 534 2.12 6.25 -3.10
CA PRO A 534 3.11 5.29 -3.62
C PRO A 534 2.62 3.85 -3.49
N LYS A 535 2.89 3.06 -4.52
CA LYS A 535 2.43 1.68 -4.60
C LYS A 535 2.77 0.93 -3.30
N ASP A 536 4.03 1.01 -2.91
CA ASP A 536 4.43 0.30 -1.69
C ASP A 536 3.85 0.78 -0.36
N LEU A 537 3.31 1.99 -0.32
CA LEU A 537 2.64 2.51 0.85
C LEU A 537 1.19 2.09 0.85
N LEU A 538 0.55 2.16 -0.31
CA LEU A 538 -0.78 1.66 -0.48
C LEU A 538 -0.84 0.16 -0.14
N ASP A 539 0.20 -0.60 -0.52
CA ASP A 539 0.32 -2.04 -0.09
C ASP A 539 0.23 -2.16 1.42
N ARG A 540 0.96 -1.30 2.11
CA ARG A 540 0.99 -1.35 3.55
C ARG A 540 -0.31 -0.84 4.18
N MET A 541 -0.98 0.12 3.56
CA MET A 541 -2.25 0.59 4.12
C MET A 541 -3.26 -0.55 4.09
N LEU A 542 -3.20 -1.35 3.04
CA LEU A 542 -3.99 -2.56 2.91
C LEU A 542 -3.64 -3.55 3.99
N LYS A 543 -2.37 -3.93 4.10
CA LYS A 543 -1.93 -4.88 5.14
C LYS A 543 -2.40 -4.47 6.50
N SER A 544 -2.31 -3.18 6.79
CA SER A 544 -2.58 -2.67 8.12
C SER A 544 -4.04 -2.76 8.59
N GLN A 545 -4.95 -3.17 7.71
CA GLN A 545 -6.36 -3.32 8.06
C GLN A 545 -6.71 -4.70 8.59
N LYS A 546 -5.82 -5.68 8.40
CA LYS A 546 -5.84 -6.93 9.15
C LYS A 546 -5.48 -6.70 10.63
N TYR A 547 -4.85 -5.57 10.94
CA TYR A 547 -4.44 -5.27 12.29
C TYR A 547 -5.68 -4.99 13.10
N ASN A 548 -5.64 -5.36 14.38
CA ASN A 548 -6.69 -4.97 15.33
C ASN A 548 -7.99 -5.77 15.13
N GLN A 549 -7.95 -6.93 14.47
CA GLN A 549 -9.15 -7.76 14.26
C GLN A 549 -9.68 -8.35 15.55
N GLY A 550 -8.80 -8.56 16.54
CA GLY A 550 -9.19 -9.03 17.84
C GLY A 550 -10.10 -8.03 18.52
N TYR A 551 -9.71 -6.75 18.56
CA TYR A 551 -10.53 -5.71 19.12
C TYR A 551 -11.83 -5.59 18.32
N LYS A 552 -11.70 -5.45 17.01
CA LYS A 552 -12.88 -5.26 16.13
C LYS A 552 -13.93 -6.36 16.26
N THR A 553 -13.47 -7.61 16.30
CA THR A 553 -14.35 -8.74 16.36
C THR A 553 -14.97 -8.85 17.75
N VAL A 554 -14.16 -8.67 18.79
CA VAL A 554 -14.66 -8.78 20.14
C VAL A 554 -15.71 -7.70 20.45
N GLU A 555 -15.45 -6.45 20.11
CA GLU A 555 -16.43 -5.40 20.43
C GLU A 555 -17.78 -5.68 19.73
N TYR A 556 -17.68 -6.24 18.52
CA TYR A 556 -18.85 -6.63 17.75
C TYR A 556 -19.59 -7.83 18.40
N LEU A 557 -18.86 -8.90 18.73
CA LEU A 557 -19.43 -10.08 19.37
C LEU A 557 -20.03 -9.77 20.74
N ALA A 558 -19.34 -8.96 21.53
CA ALA A 558 -19.87 -8.51 22.82
C ALA A 558 -21.21 -7.79 22.65
N ALA A 559 -21.29 -6.85 21.73
CA ALA A 559 -22.60 -6.20 21.43
C ALA A 559 -23.69 -7.18 20.94
N THR A 560 -23.31 -8.13 20.10
CA THR A 560 -24.21 -9.18 19.65
C THR A 560 -24.77 -10.04 20.78
N LEU A 561 -23.89 -10.48 21.70
CA LEU A 561 -24.30 -11.30 22.82
C LEU A 561 -25.10 -10.50 23.81
N LEU A 562 -24.82 -9.21 23.91
CA LEU A 562 -25.59 -8.32 24.76
C LEU A 562 -27.03 -8.20 24.23
N ASP A 563 -27.17 -7.92 22.94
CA ASP A 563 -28.51 -7.93 22.29
C ASP A 563 -29.27 -9.25 22.55
N TRP A 564 -28.56 -10.35 22.34
CA TRP A 564 -29.13 -11.67 22.56
C TRP A 564 -29.61 -11.89 23.97
N SER A 565 -28.79 -11.53 24.95
CA SER A 565 -29.17 -11.63 26.36
C SER A 565 -30.41 -10.80 26.68
N TRP A 566 -30.48 -9.55 26.18
CA TRP A 566 -31.69 -8.72 26.41
C TRP A 566 -33.00 -9.35 25.89
N HIS A 567 -32.90 -10.26 24.91
CA HIS A 567 -34.03 -10.84 24.19
C HIS A 567 -34.17 -12.35 24.34
N THR A 568 -33.52 -12.91 25.37
CA THR A 568 -33.67 -14.30 25.73
C THR A 568 -33.75 -14.54 27.24
N PHE A 569 -33.92 -13.48 28.04
CA PHE A 569 -33.85 -13.64 29.52
C PHE A 569 -35.06 -14.44 29.96
N GLN A 570 -34.86 -15.19 31.04
CA GLN A 570 -35.90 -15.99 31.66
C GLN A 570 -36.66 -15.08 32.64
N THR A 571 -35.90 -14.47 33.54
CA THR A 571 -36.42 -13.56 34.56
C THR A 571 -36.08 -12.12 34.11
N PRO A 572 -37.06 -11.18 34.15
CA PRO A 572 -36.77 -9.80 33.71
C PRO A 572 -35.69 -9.11 34.56
N PRO A 573 -34.80 -8.32 33.94
CA PRO A 573 -33.77 -7.61 34.72
C PRO A 573 -34.33 -6.51 35.62
N GLU A 574 -33.68 -6.28 36.76
CA GLU A 574 -34.03 -5.16 37.65
C GLU A 574 -33.31 -3.87 37.23
N ASN A 575 -32.00 -3.97 37.04
CA ASN A 575 -31.14 -2.83 36.71
C ASN A 575 -30.44 -3.03 35.36
N ALA A 576 -30.60 -2.09 34.45
CA ALA A 576 -30.03 -2.19 33.12
C ALA A 576 -28.51 -2.38 33.10
N LEU A 577 -27.81 -1.62 33.93
CA LEU A 577 -26.35 -1.65 33.94
C LEU A 577 -25.81 -2.93 34.59
N THR A 578 -26.45 -3.38 35.65
CA THR A 578 -26.14 -4.69 36.26
C THR A 578 -26.37 -5.86 35.31
N PHE A 579 -27.50 -5.85 34.61
CA PHE A 579 -27.80 -6.86 33.61
C PHE A 579 -26.71 -6.92 32.51
N GLU A 580 -26.29 -5.77 32.04
CA GLU A 580 -25.30 -5.69 30.98
C GLU A 580 -24.01 -6.33 31.44
N HIS A 581 -23.58 -5.96 32.62
CA HIS A 581 -22.38 -6.53 33.19
C HIS A 581 -22.42 -8.05 33.28
N GLU A 582 -23.48 -8.56 33.90
CA GLU A 582 -23.66 -9.99 34.06
C GLU A 582 -23.79 -10.72 32.72
N ALA A 583 -24.53 -10.13 31.77
CA ALA A 583 -24.62 -10.66 30.40
C ALA A 583 -23.23 -10.85 29.76
N LEU A 584 -22.42 -9.80 29.79
CA LEU A 584 -21.09 -9.87 29.18
C LEU A 584 -20.16 -10.84 29.93
N THR A 585 -20.28 -10.89 31.25
CA THR A 585 -19.42 -11.76 32.08
C THR A 585 -19.77 -13.21 31.79
N THR A 586 -21.07 -13.53 31.81
CA THR A 586 -21.57 -14.87 31.50
C THR A 586 -21.12 -15.34 30.12
N ALA A 587 -21.09 -14.42 29.16
CA ALA A 587 -20.71 -14.74 27.79
C ALA A 587 -19.18 -14.73 27.55
N GLY A 588 -18.39 -14.44 28.59
CA GLY A 588 -16.93 -14.44 28.51
C GLY A 588 -16.38 -13.32 27.65
N VAL A 589 -17.09 -12.20 27.57
CA VAL A 589 -16.66 -11.03 26.77
C VAL A 589 -16.68 -9.73 27.58
N ASP A 590 -16.49 -9.81 28.89
CA ASP A 590 -16.37 -8.61 29.73
C ASP A 590 -14.88 -8.27 29.84
N LEU A 591 -14.38 -7.59 28.82
CA LEU A 591 -12.97 -7.20 28.76
C LEU A 591 -12.92 -5.72 29.07
N LYS A 592 -12.15 -5.34 30.08
CA LYS A 592 -12.00 -3.92 30.46
C LYS A 592 -11.58 -3.05 29.29
N LEU A 593 -10.63 -3.54 28.48
CA LEU A 593 -10.10 -2.77 27.38
C LEU A 593 -10.92 -2.79 26.09
N VAL A 594 -11.88 -3.72 25.98
CA VAL A 594 -12.69 -3.90 24.79
C VAL A 594 -14.18 -3.87 25.19
N PRO A 595 -14.70 -2.68 25.48
CA PRO A 595 -16.14 -2.58 25.73
C PRO A 595 -17.00 -3.01 24.49
N PRO A 596 -18.26 -3.37 24.71
CA PRO A 596 -19.09 -3.69 23.53
C PRO A 596 -19.21 -2.50 22.61
N ARG A 597 -19.41 -2.78 21.33
CA ARG A 597 -19.45 -1.72 20.32
C ARG A 597 -20.54 -0.70 20.63
N TYR A 598 -21.64 -1.15 21.26
CA TYR A 598 -22.63 -0.25 21.84
C TYR A 598 -22.93 -0.83 23.18
N ARG A 599 -23.07 0.04 24.19
CA ARG A 599 -23.62 -0.35 25.46
C ARG A 599 -25.13 -0.22 25.38
N SER A 600 -25.82 -0.84 26.35
CA SER A 600 -27.26 -0.99 26.29
C SER A 600 -27.99 0.34 26.09
N THR A 601 -27.56 1.38 26.80
CA THR A 601 -28.35 2.61 26.83
C THR A 601 -28.20 3.47 25.60
N TYR A 602 -27.24 3.14 24.73
CA TYR A 602 -27.13 3.77 23.43
C TYR A 602 -27.13 2.79 22.27
N PHE A 603 -27.71 1.61 22.47
CA PHE A 603 -27.71 0.54 21.44
C PHE A 603 -28.92 0.78 20.52
N ALA A 604 -28.86 1.86 19.71
CA ALA A 604 -29.96 2.28 18.86
C ALA A 604 -30.43 1.16 17.91
N HIS A 605 -29.46 0.36 17.41
CA HIS A 605 -29.76 -0.79 16.55
C HIS A 605 -30.93 -1.61 17.07
N ILE A 606 -30.91 -1.91 18.38
CA ILE A 606 -31.86 -2.85 18.97
C ILE A 606 -33.03 -2.22 19.69
N TRP A 607 -32.91 -0.98 20.15
CA TRP A 607 -34.03 -0.31 20.84
C TRP A 607 -34.90 0.56 19.95
N SER A 608 -34.37 1.03 18.84
CA SER A 608 -35.15 1.92 17.96
C SER A 608 -35.12 1.54 16.47
N SER A 609 -34.06 0.91 16.00
CA SER A 609 -34.03 0.43 14.65
C SER A 609 -34.46 -1.04 14.78
N GLY A 610 -34.61 -1.74 13.70
CA GLY A 610 -35.18 -3.08 13.75
C GLY A 610 -34.27 -4.27 13.97
N TYR A 611 -33.17 -4.14 14.72
CA TYR A 611 -32.22 -5.23 14.87
C TYR A 611 -32.31 -5.92 16.24
N SER A 612 -33.41 -5.79 16.99
CA SER A 612 -33.53 -6.53 18.24
C SER A 612 -33.49 -8.03 17.95
N ALA A 613 -32.72 -8.75 18.77
CA ALA A 613 -32.33 -10.12 18.54
C ALA A 613 -31.87 -10.33 17.11
N GLY A 614 -31.22 -9.29 16.57
CA GLY A 614 -30.78 -9.32 15.19
C GLY A 614 -29.48 -8.61 14.95
N TYR A 615 -28.75 -8.25 16.00
CA TYR A 615 -27.47 -7.57 15.77
C TYR A 615 -26.44 -8.59 15.22
N TYR A 616 -26.66 -9.88 15.52
CA TYR A 616 -25.93 -10.98 14.90
C TYR A 616 -26.02 -11.00 13.37
N SER A 617 -26.98 -10.26 12.81
CA SER A 617 -27.20 -10.20 11.37
C SER A 617 -25.96 -9.83 10.60
N TYR A 618 -25.13 -8.94 11.15
CA TYR A 618 -23.95 -8.50 10.43
C TYR A 618 -23.00 -9.66 10.16
N ILE A 619 -22.63 -10.40 11.18
CA ILE A 619 -21.69 -11.48 10.98
C ILE A 619 -22.33 -12.66 10.23
N TRP A 620 -23.62 -12.88 10.42
CA TRP A 620 -24.32 -13.96 9.69
C TRP A 620 -24.26 -13.70 8.17
N SER A 621 -24.55 -12.45 7.78
CA SER A 621 -24.43 -11.98 6.41
C SER A 621 -22.99 -11.95 5.94
N GLU A 622 -22.06 -11.66 6.85
CA GLU A 622 -20.66 -11.57 6.48
C GLU A 622 -20.09 -12.89 5.99
N VAL A 623 -20.67 -13.99 6.43
CA VAL A 623 -20.34 -15.30 5.89
C VAL A 623 -20.51 -15.28 4.37
N LEU A 624 -21.66 -14.79 3.92
CA LEU A 624 -22.01 -14.75 2.52
C LEU A 624 -21.10 -13.82 1.75
N ASP A 625 -20.81 -12.65 2.36
CA ASP A 625 -19.92 -11.64 1.80
C ASP A 625 -18.53 -12.21 1.53
N ALA A 626 -17.88 -12.78 2.54
CA ALA A 626 -16.56 -13.32 2.38
C ALA A 626 -16.52 -14.47 1.37
N ASP A 627 -17.55 -15.30 1.37
CA ASP A 627 -17.65 -16.42 0.39
C ASP A 627 -17.87 -15.87 -1.06
N THR A 628 -18.54 -14.73 -1.15
CA THR A 628 -18.79 -14.05 -2.44
C THR A 628 -17.52 -13.39 -2.99
N VAL A 629 -16.69 -12.84 -2.09
CA VAL A 629 -15.40 -12.31 -2.51
C VAL A 629 -14.59 -13.41 -3.22
N ASP A 630 -14.56 -14.59 -2.60
CA ASP A 630 -13.92 -15.74 -3.21
C ASP A 630 -14.52 -16.07 -4.60
N TRP A 631 -15.83 -16.05 -4.71
CA TRP A 631 -16.50 -16.22 -6.01
C TRP A 631 -16.00 -15.27 -7.08
N PHE A 632 -15.83 -14.00 -6.72
CA PHE A 632 -15.25 -13.03 -7.64
C PHE A 632 -13.86 -13.42 -8.10
N HIS A 633 -13.01 -13.81 -7.16
CA HIS A 633 -11.68 -14.28 -7.50
C HIS A 633 -11.71 -15.53 -8.37
N GLU A 634 -12.61 -16.46 -8.09
CA GLU A 634 -12.73 -17.68 -8.90
C GLU A 634 -13.16 -17.41 -10.35
N ASN A 635 -13.86 -16.30 -10.57
CA ASN A 635 -14.50 -15.97 -11.84
C ASN A 635 -13.89 -14.79 -12.56
N GLY A 636 -12.64 -14.49 -12.22
CA GLY A 636 -11.86 -13.51 -12.98
C GLY A 636 -11.97 -12.09 -12.49
N GLY A 637 -12.65 -11.86 -11.37
CA GLY A 637 -12.58 -10.56 -10.70
C GLY A 637 -13.56 -9.49 -11.14
N LEU A 638 -13.06 -8.27 -11.29
CA LEU A 638 -13.90 -7.15 -11.56
C LEU A 638 -14.25 -7.09 -13.05
N LEU A 639 -15.28 -7.83 -13.43
CA LEU A 639 -15.70 -7.97 -14.85
C LEU A 639 -17.18 -7.67 -14.94
N ARG A 640 -17.59 -7.01 -16.02
CA ARG A 640 -19.02 -6.77 -16.29
C ARG A 640 -19.89 -8.04 -16.24
N GLU A 641 -19.39 -9.14 -16.82
CA GLU A 641 -20.11 -10.42 -16.77
C GLU A 641 -20.46 -10.86 -15.36
N ASN A 642 -19.52 -10.65 -14.43
CA ASN A 642 -19.74 -11.03 -13.05
C ASN A 642 -20.74 -10.13 -12.34
N GLY A 643 -20.64 -8.81 -12.57
CA GLY A 643 -21.64 -7.86 -12.06
C GLY A 643 -23.02 -8.19 -12.57
N ASP A 644 -23.15 -8.47 -13.86
CA ASP A 644 -24.44 -8.87 -14.44
C ASP A 644 -25.02 -10.13 -13.74
N THR A 645 -24.15 -11.10 -13.47
CA THR A 645 -24.54 -12.32 -12.77
C THR A 645 -25.08 -12.03 -11.38
N PHE A 646 -24.29 -11.30 -10.60
CA PHE A 646 -24.67 -10.93 -9.24
C PHE A 646 -25.95 -10.06 -9.22
N ARG A 647 -26.03 -9.11 -10.15
CA ARG A 647 -27.27 -8.30 -10.26
C ARG A 647 -28.49 -9.16 -10.60
N GLN A 648 -28.33 -10.03 -11.60
CA GLN A 648 -29.46 -10.81 -12.12
C GLN A 648 -29.93 -11.82 -11.09
N LYS A 649 -28.98 -12.51 -10.46
CA LYS A 649 -29.29 -13.65 -9.61
C LYS A 649 -29.63 -13.29 -8.19
N LEU A 650 -29.12 -12.15 -7.70
CA LEU A 650 -29.27 -11.80 -6.28
C LEU A 650 -29.80 -10.43 -6.02
N LEU A 651 -29.11 -9.40 -6.47
CA LEU A 651 -29.51 -8.03 -6.12
C LEU A 651 -30.84 -7.55 -6.67
N SER A 652 -31.28 -8.10 -7.80
CA SER A 652 -32.53 -7.66 -8.43
C SER A 652 -33.79 -8.31 -7.87
N LYS A 653 -33.63 -9.31 -6.99
CA LYS A 653 -34.73 -10.14 -6.54
C LYS A 653 -35.49 -9.60 -5.35
N GLY A 654 -34.89 -8.68 -4.62
CA GLY A 654 -35.47 -8.19 -3.35
C GLY A 654 -35.88 -9.39 -2.55
N GLY A 655 -37.08 -9.33 -1.99
CA GLY A 655 -37.66 -10.41 -1.19
C GLY A 655 -38.46 -11.42 -1.99
N SER A 656 -38.40 -11.34 -3.33
CA SER A 656 -39.35 -12.06 -4.18
C SER A 656 -39.01 -13.52 -4.37
N VAL A 657 -37.84 -13.95 -3.89
CA VAL A 657 -37.44 -15.35 -3.89
C VAL A 657 -36.82 -15.66 -2.53
N ASP A 658 -36.72 -16.94 -2.22
CA ASP A 658 -36.06 -17.38 -0.99
C ASP A 658 -34.59 -16.97 -1.06
N PRO A 659 -34.10 -16.16 -0.10
CA PRO A 659 -32.75 -15.61 -0.24
C PRO A 659 -31.63 -16.66 -0.30
N MET A 660 -31.72 -17.74 0.48
CA MET A 660 -30.65 -18.75 0.48
C MET A 660 -30.66 -19.58 -0.80
N THR A 661 -31.84 -19.72 -1.40
CA THR A 661 -31.98 -20.33 -2.73
C THR A 661 -31.30 -19.45 -3.78
N ALA A 662 -31.54 -18.14 -3.70
CA ALA A 662 -30.88 -17.21 -4.61
C ALA A 662 -29.38 -17.29 -4.47
N PHE A 663 -28.91 -17.28 -3.23
CA PHE A 663 -27.49 -17.37 -2.97
C PHE A 663 -26.91 -18.63 -3.57
N GLN A 664 -27.55 -19.76 -3.32
CA GLN A 664 -27.06 -21.04 -3.87
C GLN A 664 -27.01 -21.06 -5.40
N SER A 665 -28.04 -20.51 -6.06
CA SER A 665 -28.02 -20.42 -7.52
C SER A 665 -26.84 -19.57 -7.99
N PHE A 666 -26.54 -18.50 -7.27
CA PHE A 666 -25.44 -17.61 -7.60
C PHE A 666 -24.05 -18.24 -7.34
N ARG A 667 -23.86 -18.69 -6.10
CA ARG A 667 -22.55 -19.18 -5.64
C ARG A 667 -22.14 -20.53 -6.22
N GLY A 668 -23.14 -21.37 -6.55
CA GLY A 668 -22.92 -22.76 -6.96
C GLY A 668 -23.05 -23.80 -5.85
N ARG A 669 -23.38 -23.37 -4.64
CA ARG A 669 -23.44 -24.25 -3.45
C ARG A 669 -23.89 -23.47 -2.22
N THR A 670 -24.14 -24.17 -1.12
CA THR A 670 -24.44 -23.52 0.16
C THR A 670 -23.18 -22.79 0.66
N PRO A 671 -23.36 -21.77 1.52
CA PRO A 671 -22.19 -20.99 1.94
C PRO A 671 -21.20 -21.78 2.82
N ARG A 672 -19.94 -21.40 2.73
CA ARG A 672 -18.86 -21.91 3.58
C ARG A 672 -18.40 -20.78 4.52
N ILE A 673 -18.07 -21.12 5.76
CA ILE A 673 -17.66 -20.13 6.75
C ILE A 673 -16.15 -19.87 6.77
N GLU A 674 -15.36 -20.76 6.17
CA GLU A 674 -13.89 -20.61 6.18
C GLU A 674 -13.39 -19.23 5.72
N PRO A 675 -13.94 -18.68 4.62
CA PRO A 675 -13.51 -17.36 4.19
C PRO A 675 -13.71 -16.24 5.22
N LEU A 676 -14.82 -16.25 5.95
CA LEU A 676 -15.01 -15.29 7.07
C LEU A 676 -13.98 -15.52 8.19
N LEU A 677 -13.82 -16.77 8.59
CA LEU A 677 -12.82 -17.15 9.62
C LEU A 677 -11.41 -16.71 9.29
N ASP A 678 -10.97 -16.94 8.06
CA ASP A 678 -9.69 -16.44 7.56
C ASP A 678 -9.61 -14.91 7.66
N ARG A 679 -10.64 -14.21 7.15
CA ARG A 679 -10.66 -12.73 7.17
C ARG A 679 -10.46 -12.13 8.56
N ARG A 680 -11.15 -12.68 9.55
CA ARG A 680 -11.14 -12.14 10.89
C ARG A 680 -10.11 -12.78 11.82
N GLY A 681 -9.28 -13.68 11.28
CA GLY A 681 -8.21 -14.29 12.08
C GLY A 681 -8.68 -15.32 13.06
N LEU A 682 -9.72 -16.07 12.69
CA LEU A 682 -10.44 -16.94 13.63
C LEU A 682 -10.24 -18.45 13.37
N LEU A 683 -9.19 -18.83 12.63
CA LEU A 683 -9.01 -20.22 12.17
C LEU A 683 -8.32 -21.15 13.21
N GLU B 22 15.55 32.26 -5.71
CA GLU B 22 16.04 32.30 -7.13
C GLU B 22 16.57 30.94 -7.66
N ASN B 23 17.22 30.15 -6.79
CA ASN B 23 17.74 28.83 -7.15
C ASN B 23 18.03 28.01 -5.87
N PRO B 24 17.35 26.86 -5.72
CA PRO B 24 17.56 26.04 -4.52
C PRO B 24 18.98 25.46 -4.29
N PHE B 25 19.85 25.50 -5.31
CA PHE B 25 21.24 25.07 -5.13
C PHE B 25 22.18 26.13 -4.55
N PHE B 26 21.73 27.38 -4.50
CA PHE B 26 22.61 28.48 -4.10
C PHE B 26 22.90 28.56 -2.61
N ALA B 27 22.11 27.89 -1.77
CA ALA B 27 22.36 27.86 -0.33
C ALA B 27 22.37 26.42 0.11
N PRO B 28 23.09 26.09 1.22
CA PRO B 28 22.99 24.77 1.82
C PRO B 28 21.55 24.38 2.12
N SER B 29 21.20 23.10 1.94
CA SER B 29 19.88 22.64 2.29
C SER B 29 19.62 22.84 3.78
N ALA B 30 18.40 23.26 4.10
CA ALA B 30 17.98 23.42 5.49
C ALA B 30 17.23 22.19 6.00
N LEU B 31 17.08 21.18 5.15
CA LEU B 31 16.37 19.95 5.54
C LEU B 31 17.25 19.04 6.39
N PRO B 32 16.62 18.10 7.13
CA PRO B 32 17.39 17.09 7.88
C PRO B 32 18.54 16.47 7.09
N TYR B 33 19.70 16.43 7.73
CA TYR B 33 20.91 15.89 7.16
C TYR B 33 21.39 16.57 5.88
N GLY B 34 20.83 17.73 5.54
CA GLY B 34 21.11 18.35 4.23
C GLY B 34 20.49 17.61 3.04
N LEU B 35 19.44 16.82 3.28
CA LEU B 35 18.68 16.20 2.21
C LEU B 35 18.35 17.31 1.20
N PRO B 36 18.63 17.10 -0.09
CA PRO B 36 18.33 18.19 -1.02
C PRO B 36 16.81 18.47 -1.09
N PRO B 37 16.42 19.74 -1.26
CA PRO B 37 14.98 20.09 -1.35
C PRO B 37 14.36 19.74 -2.70
N PHE B 38 14.14 18.44 -2.89
CA PHE B 38 13.60 17.91 -4.13
C PHE B 38 12.25 18.51 -4.55
N ALA B 39 11.41 18.86 -3.60
CA ALA B 39 10.12 19.46 -3.92
C ALA B 39 10.28 20.83 -4.58
N GLU B 40 11.39 21.51 -4.32
CA GLU B 40 11.68 22.84 -4.86
C GLU B 40 12.56 22.84 -6.13
N ILE B 41 13.18 21.71 -6.43
CA ILE B 41 14.14 21.61 -7.54
C ILE B 41 13.38 21.22 -8.82
N ARG B 42 13.65 21.94 -9.89
CA ARG B 42 13.05 21.71 -11.21
C ARG B 42 14.20 21.75 -12.22
N GLU B 43 13.99 21.13 -13.37
CA GLU B 43 15.03 21.01 -14.41
C GLU B 43 15.68 22.37 -14.78
N GLU B 44 14.87 23.43 -14.80
CA GLU B 44 15.34 24.80 -15.10
C GLU B 44 16.38 25.35 -14.12
N HIS B 45 16.50 24.75 -12.96
CA HIS B 45 17.50 25.17 -12.00
C HIS B 45 18.90 24.65 -12.30
N TYR B 46 19.03 23.59 -13.10
CA TYR B 46 20.33 22.92 -13.26
C TYR B 46 21.39 23.77 -13.97
N VAL B 47 21.08 24.25 -15.16
CA VAL B 47 22.10 24.97 -15.97
C VAL B 47 22.57 26.23 -15.21
N PRO B 48 21.64 27.05 -14.69
CA PRO B 48 22.16 28.25 -13.95
C PRO B 48 22.99 27.89 -12.71
N ALA B 49 22.69 26.78 -12.04
CA ALA B 49 23.47 26.36 -10.86
C ALA B 49 24.83 25.81 -11.25
N PHE B 50 24.91 25.09 -12.37
CA PHE B 50 26.18 24.61 -12.89
C PHE B 50 27.08 25.79 -13.29
N GLU B 51 26.49 26.75 -13.99
CA GLU B 51 27.22 27.96 -14.41
C GLU B 51 27.70 28.76 -13.21
N ARG B 52 26.82 29.01 -12.24
CA ARG B 52 27.24 29.70 -11.01
C ARG B 52 28.32 28.91 -10.28
N GLY B 53 28.09 27.61 -10.12
CA GLY B 53 29.02 26.74 -9.40
C GLY B 53 30.43 26.71 -10.00
N MET B 54 30.50 26.56 -11.32
CA MET B 54 31.80 26.63 -12.00
C MET B 54 32.50 28.00 -11.88
N ALA B 55 31.74 29.07 -12.09
CA ALA B 55 32.28 30.43 -11.96
C ALA B 55 32.79 30.71 -10.53
N GLU B 56 31.98 30.40 -9.50
CA GLU B 56 32.41 30.57 -8.12
C GLU B 56 33.62 29.71 -7.76
N GLN B 57 33.68 28.43 -8.15
CA GLN B 57 34.86 27.61 -7.89
C GLN B 57 36.12 28.11 -8.62
N LEU B 58 35.97 28.54 -9.88
CA LEU B 58 37.10 29.09 -10.63
C LEU B 58 37.67 30.35 -9.93
N ALA B 59 36.78 31.21 -9.46
CA ALA B 59 37.18 32.38 -8.66
C ALA B 59 37.90 31.98 -7.37
N GLU B 60 37.40 30.96 -6.69
CA GLU B 60 38.04 30.43 -5.48
C GLU B 60 39.44 29.91 -5.76
N VAL B 61 39.59 29.19 -6.86
CA VAL B 61 40.87 28.56 -7.21
C VAL B 61 41.89 29.63 -7.62
N GLU B 62 41.41 30.64 -8.33
CA GLU B 62 42.24 31.76 -8.74
C GLU B 62 42.74 32.53 -7.50
N ALA B 63 41.86 32.74 -6.50
CA ALA B 63 42.27 33.36 -5.24
C ALA B 63 43.33 32.54 -4.50
N ILE B 64 43.17 31.21 -4.46
CA ILE B 64 44.18 30.33 -3.83
C ILE B 64 45.50 30.37 -4.60
N ALA B 65 45.44 30.20 -5.91
CA ALA B 65 46.64 30.22 -6.77
C ALA B 65 47.41 31.54 -6.71
N GLY B 66 46.68 32.66 -6.64
CA GLY B 66 47.30 33.98 -6.61
C GLY B 66 47.44 34.59 -5.22
N ASP B 67 47.22 33.78 -4.17
CA ASP B 67 47.34 34.22 -2.77
C ASP B 67 48.78 34.70 -2.49
N THR B 68 48.91 35.97 -2.10
CA THR B 68 50.22 36.56 -1.78
C THR B 68 50.81 36.05 -0.46
N GLU B 69 49.95 35.49 0.40
CA GLU B 69 50.39 34.89 1.66
C GLU B 69 51.17 33.61 1.33
N ALA B 70 52.15 33.25 2.17
CA ALA B 70 52.97 32.04 1.93
C ALA B 70 52.07 30.76 1.91
N PRO B 71 52.46 29.74 1.11
CA PRO B 71 51.62 28.54 0.98
C PRO B 71 51.62 27.63 2.23
N THR B 72 50.42 27.26 2.66
CA THR B 72 50.22 26.38 3.80
C THR B 72 49.22 25.32 3.38
N PHE B 73 49.19 24.22 4.13
CA PHE B 73 48.14 23.24 3.97
C PHE B 73 46.75 23.88 4.05
N ASP B 74 46.56 24.80 5.00
CA ASP B 74 45.25 25.43 5.16
C ASP B 74 44.84 26.35 4.00
N ASN B 75 45.75 27.19 3.52
CA ASN B 75 45.37 28.16 2.46
C ASN B 75 45.44 27.59 1.03
N THR B 76 45.95 26.37 0.89
CA THR B 76 46.03 25.71 -0.39
C THR B 76 45.18 24.42 -0.45
N VAL B 77 45.58 23.36 0.22
CA VAL B 77 44.89 22.08 0.09
C VAL B 77 43.52 22.13 0.77
N ALA B 78 43.48 22.51 2.06
CA ALA B 78 42.20 22.63 2.75
C ALA B 78 41.28 23.64 2.04
N ALA B 79 41.85 24.71 1.52
CA ALA B 79 41.09 25.71 0.79
C ALA B 79 40.45 25.14 -0.47
N LEU B 80 41.18 24.28 -1.19
CA LEU B 80 40.61 23.58 -2.35
C LEU B 80 39.49 22.64 -1.94
N GLU B 81 39.66 21.96 -0.80
CA GLU B 81 38.58 21.10 -0.26
C GLU B 81 37.30 21.85 0.08
N ARG B 82 37.43 23.07 0.61
CA ARG B 82 36.28 23.94 0.89
C ARG B 82 35.61 24.51 -0.36
N SER B 83 36.33 24.55 -1.48
CA SER B 83 35.81 25.19 -2.67
C SER B 83 34.68 24.41 -3.33
N GLY B 84 33.94 25.08 -4.20
CA GLY B 84 32.98 24.41 -5.06
C GLY B 84 31.69 23.97 -4.41
N GLN B 85 31.19 24.76 -3.47
CA GLN B 85 30.02 24.30 -2.69
C GLN B 85 28.76 24.23 -3.56
N VAL B 86 28.54 25.25 -4.40
CA VAL B 86 27.32 25.24 -5.24
C VAL B 86 27.46 24.09 -6.24
N LEU B 87 28.62 24.01 -6.87
CA LEU B 87 28.85 23.01 -7.88
C LEU B 87 28.62 21.62 -7.33
N THR B 88 29.11 21.36 -6.12
CA THR B 88 28.88 20.07 -5.46
C THR B 88 27.39 19.76 -5.26
N ARG B 89 26.65 20.71 -4.74
CA ARG B 89 25.21 20.52 -4.57
C ARG B 89 24.42 20.25 -5.86
N VAL B 90 24.69 21.01 -6.91
CA VAL B 90 23.97 20.75 -8.18
C VAL B 90 24.39 19.41 -8.80
N SER B 91 25.67 19.10 -8.73
CA SER B 91 26.18 17.84 -9.27
C SER B 91 25.57 16.66 -8.60
N ALA B 92 25.50 16.72 -7.28
CA ALA B 92 24.95 15.62 -6.50
C ALA B 92 23.53 15.25 -6.94
N VAL B 93 22.68 16.23 -7.09
CA VAL B 93 21.30 15.99 -7.52
C VAL B 93 21.19 15.64 -9.03
N PHE B 94 21.94 16.36 -9.84
CA PHE B 94 21.83 16.19 -11.28
C PHE B 94 22.30 14.79 -11.67
N PHE B 95 23.47 14.38 -11.18
CA PHE B 95 23.97 13.07 -11.57
C PHE B 95 23.19 11.92 -10.97
N ASN B 96 22.58 12.16 -9.81
CA ASN B 96 21.63 11.22 -9.28
C ASN B 96 20.41 11.04 -10.23
N GLN B 97 19.82 12.15 -10.68
CA GLN B 97 18.69 12.11 -11.59
C GLN B 97 19.05 11.52 -12.97
N SER B 98 20.19 11.88 -13.54
CA SER B 98 20.57 11.41 -14.86
C SER B 98 20.70 9.87 -14.93
N SER B 99 21.09 9.24 -13.81
CA SER B 99 21.19 7.75 -13.73
C SER B 99 19.88 7.09 -13.35
N SER B 100 19.18 7.66 -12.36
CA SER B 100 17.99 7.04 -11.77
C SER B 100 16.63 7.40 -12.44
N ASP B 101 16.47 8.63 -12.96
CA ASP B 101 15.14 9.09 -13.44
C ASP B 101 15.27 10.21 -14.47
N THR B 102 15.92 9.88 -15.58
CA THR B 102 16.27 10.85 -16.58
C THR B 102 15.06 11.14 -17.50
N ASN B 103 15.22 12.12 -18.36
CA ASN B 103 14.21 12.49 -19.33
C ASN B 103 14.94 13.22 -20.46
N PRO B 104 14.25 13.53 -21.57
CA PRO B 104 14.97 14.19 -22.67
C PRO B 104 15.60 15.55 -22.30
N THR B 105 14.95 16.29 -21.41
CA THR B 105 15.49 17.58 -20.96
C THR B 105 16.77 17.36 -20.16
N VAL B 106 16.73 16.41 -19.23
CA VAL B 106 17.94 16.08 -18.46
C VAL B 106 19.08 15.58 -19.39
N GLN B 107 18.75 14.77 -20.40
CA GLN B 107 19.76 14.26 -21.34
C GLN B 107 20.36 15.36 -22.19
N GLU B 108 19.56 16.35 -22.54
CA GLU B 108 20.05 17.52 -23.28
C GLU B 108 21.01 18.34 -22.41
N ILE B 109 20.64 18.57 -21.15
CA ILE B 109 21.51 19.27 -20.21
C ILE B 109 22.82 18.49 -20.02
N GLN B 110 22.71 17.17 -19.93
CA GLN B 110 23.89 16.34 -19.72
C GLN B 110 24.88 16.45 -20.89
N LYS B 111 24.35 16.49 -22.12
CA LYS B 111 25.15 16.71 -23.33
C LYS B 111 25.87 18.06 -23.32
N GLN B 112 25.17 19.12 -22.89
CA GLN B 112 25.76 20.45 -22.83
C GLN B 112 26.81 20.56 -21.72
N ILE B 113 26.45 20.12 -20.52
CA ILE B 113 27.20 20.41 -19.32
C ILE B 113 28.41 19.54 -19.13
N ILE B 114 28.33 18.24 -19.47
CA ILE B 114 29.47 17.35 -19.23
C ILE B 114 30.81 17.85 -19.83
N PRO B 115 30.83 18.31 -21.09
CA PRO B 115 32.04 18.88 -21.68
C PRO B 115 32.57 20.12 -20.94
N LYS B 116 31.65 20.98 -20.48
CA LYS B 116 32.03 22.13 -19.66
C LYS B 116 32.63 21.73 -18.33
N LEU B 117 32.08 20.70 -17.70
CA LEU B 117 32.61 20.21 -16.44
C LEU B 117 34.00 19.62 -16.62
N THR B 118 34.21 18.93 -17.73
CA THR B 118 35.52 18.39 -18.04
C THR B 118 36.54 19.54 -18.22
N GLN B 119 36.15 20.56 -18.97
CA GLN B 119 37.03 21.69 -19.19
C GLN B 119 37.30 22.43 -17.87
N HIS B 120 36.30 22.47 -16.98
CA HIS B 120 36.42 23.07 -15.64
C HIS B 120 37.45 22.35 -14.80
N GLY B 121 37.34 21.03 -14.72
CA GLY B 121 38.28 20.21 -14.00
C GLY B 121 39.70 20.38 -14.45
N ASP B 122 39.89 20.50 -15.76
CA ASP B 122 41.21 20.71 -16.35
C ASP B 122 41.74 22.12 -16.14
N ALA B 123 40.87 23.13 -16.15
CA ALA B 123 41.30 24.49 -15.82
C ALA B 123 41.92 24.56 -14.41
N ILE B 124 41.42 23.75 -13.47
CA ILE B 124 41.95 23.67 -12.13
C ILE B 124 43.20 22.82 -12.08
N HIS B 125 43.15 21.59 -12.63
CA HIS B 125 44.29 20.68 -12.49
C HIS B 125 45.51 21.11 -13.30
N LEU B 126 45.28 21.88 -14.35
CA LEU B 126 46.37 22.39 -15.18
C LEU B 126 46.70 23.86 -14.89
N ASN B 127 46.19 24.38 -13.78
CA ASN B 127 46.64 25.65 -13.24
C ASN B 127 48.06 25.48 -12.68
N ARG B 128 49.03 25.98 -13.45
CA ARG B 128 50.46 25.82 -13.14
C ARG B 128 50.91 26.48 -11.81
N PRO B 129 50.40 27.71 -11.50
CA PRO B 129 50.80 28.29 -10.20
C PRO B 129 50.18 27.58 -8.99
N LEU B 130 48.98 27.01 -9.18
CA LEU B 130 48.30 26.27 -8.14
C LEU B 130 49.09 25.03 -7.78
N PHE B 131 49.49 24.28 -8.81
CA PHE B 131 50.29 23.09 -8.61
C PHE B 131 51.67 23.40 -7.98
N ALA B 132 52.29 24.50 -8.41
CA ALA B 132 53.51 25.00 -7.78
C ALA B 132 53.32 25.26 -6.28
N ARG B 133 52.21 25.92 -5.92
CA ARG B 133 51.81 26.10 -4.50
C ARG B 133 51.73 24.81 -3.72
N ILE B 134 50.97 23.85 -4.25
CA ILE B 134 50.77 22.54 -3.60
C ILE B 134 52.11 21.82 -3.36
N LYS B 135 52.99 21.89 -4.34
CA LYS B 135 54.32 21.28 -4.24
C LYS B 135 55.22 21.93 -3.19
N GLN B 136 55.00 23.21 -2.89
CA GLN B 136 55.74 23.92 -1.84
C GLN B 136 55.32 23.59 -0.39
N ILE B 137 54.25 22.80 -0.19
CA ILE B 137 53.79 22.49 1.17
C ILE B 137 54.63 21.34 1.74
N SER B 138 55.14 21.53 2.94
CA SER B 138 55.88 20.49 3.66
C SER B 138 54.90 19.60 4.42
N PRO B 139 55.22 18.29 4.57
CA PRO B 139 54.44 17.45 5.50
C PRO B 139 54.63 17.72 7.01
N ASP B 140 55.59 18.57 7.40
CA ASP B 140 56.01 18.73 8.82
C ASP B 140 54.92 18.90 9.88
N GLY B 141 54.07 19.91 9.76
CA GLY B 141 53.06 20.16 10.80
C GLY B 141 51.88 19.18 10.85
N LEU B 142 51.81 18.25 9.91
CA LEU B 142 50.54 17.64 9.53
C LEU B 142 50.21 16.37 10.30
N ASP B 143 48.93 16.18 10.64
CA ASP B 143 48.51 14.88 11.17
C ASP B 143 48.43 13.84 10.03
N ALA B 144 48.06 12.61 10.37
CA ALA B 144 48.18 11.51 9.44
C ALA B 144 47.28 11.70 8.22
N GLU B 145 46.02 12.09 8.42
CA GLU B 145 45.13 12.27 7.27
C GLU B 145 45.54 13.48 6.42
N GLN B 146 46.01 14.55 7.03
CA GLN B 146 46.46 15.73 6.32
C GLN B 146 47.67 15.48 5.38
N ALA B 147 48.65 14.74 5.88
CA ALA B 147 49.80 14.30 5.09
C ALA B 147 49.39 13.39 3.95
N TRP B 148 48.44 12.48 4.23
CA TRP B 148 47.92 11.58 3.23
C TRP B 148 47.19 12.39 2.13
N LEU B 149 46.45 13.42 2.55
CA LEU B 149 45.72 14.26 1.59
C LEU B 149 46.65 15.08 0.70
N LEU B 150 47.74 15.55 1.29
CA LEU B 150 48.75 16.28 0.52
C LEU B 150 49.27 15.39 -0.62
N GLU B 151 49.73 14.18 -0.31
CA GLU B 151 50.17 13.21 -1.32
C GLU B 151 49.08 12.93 -2.35
N ARG B 152 47.86 12.71 -1.86
CA ARG B 152 46.71 12.48 -2.73
C ARG B 152 46.50 13.66 -3.68
N TYR B 153 46.63 14.89 -3.20
CA TYR B 153 46.48 16.05 -4.09
C TYR B 153 47.57 16.13 -5.15
N VAL B 154 48.81 15.87 -4.77
CA VAL B 154 49.91 15.84 -5.74
C VAL B 154 49.62 14.77 -6.80
N THR B 155 49.23 13.58 -6.35
CA THR B 155 48.90 12.46 -7.26
C THR B 155 47.75 12.81 -8.21
N ASP B 156 46.63 13.32 -7.66
CA ASP B 156 45.52 13.76 -8.50
C ASP B 156 45.93 14.75 -9.60
N PHE B 157 46.69 15.76 -9.24
CA PHE B 157 47.19 16.75 -10.21
C PHE B 157 48.15 16.15 -11.25
N VAL B 158 49.09 15.33 -10.82
CA VAL B 158 50.01 14.66 -11.76
C VAL B 158 49.23 13.76 -12.72
N ARG B 159 48.32 12.97 -12.18
CA ARG B 159 47.51 12.09 -13.01
C ARG B 159 46.58 12.85 -13.99
N ALA B 160 46.29 14.13 -13.71
CA ALA B 160 45.50 14.98 -14.60
C ALA B 160 46.34 15.78 -15.60
N GLY B 161 47.67 15.62 -15.54
CA GLY B 161 48.58 16.24 -16.51
C GLY B 161 49.31 17.50 -16.05
N ALA B 162 49.34 17.78 -14.75
CA ALA B 162 49.98 19.00 -14.22
C ALA B 162 51.49 19.13 -14.57
N GLU B 163 52.17 18.01 -14.75
CA GLU B 163 53.59 17.98 -15.12
C GLU B 163 53.85 17.96 -16.63
N LEU B 164 52.81 17.90 -17.46
CA LEU B 164 52.99 17.96 -18.92
C LEU B 164 53.36 19.37 -19.35
N GLY B 165 54.14 19.48 -20.42
CA GLY B 165 54.38 20.77 -21.10
C GLY B 165 53.09 21.32 -21.72
N ALA B 166 53.13 22.58 -22.14
CA ALA B 166 51.93 23.31 -22.62
C ALA B 166 51.23 22.64 -23.80
N GLY B 167 52.01 22.20 -24.80
CA GLY B 167 51.46 21.53 -26.01
C GLY B 167 50.69 20.25 -25.70
N ASP B 168 51.25 19.42 -24.83
CA ASP B 168 50.65 18.19 -24.44
C ASP B 168 49.42 18.44 -23.58
N GLN B 169 49.44 19.50 -22.78
CA GLN B 169 48.28 19.89 -21.99
C GLN B 169 47.10 20.25 -22.87
N GLU B 170 47.37 20.97 -23.96
CA GLU B 170 46.32 21.36 -24.90
C GLU B 170 45.69 20.12 -25.55
N ARG B 171 46.52 19.16 -25.95
CA ARG B 171 46.02 17.90 -26.52
C ARG B 171 45.23 17.11 -25.48
N LEU B 172 45.74 17.05 -24.25
CA LEU B 172 45.01 16.40 -23.14
C LEU B 172 43.62 16.98 -22.89
N LYS B 173 43.50 18.31 -22.91
CA LYS B 173 42.21 18.97 -22.73
C LYS B 173 41.21 18.52 -23.78
N ALA B 174 41.67 18.49 -25.03
CA ALA B 174 40.85 18.03 -26.14
C ALA B 174 40.48 16.54 -26.04
N LEU B 175 41.43 15.65 -25.71
CA LEU B 175 41.14 14.21 -25.49
C LEU B 175 40.09 13.97 -24.40
N ASN B 176 40.24 14.69 -23.29
CA ASN B 176 39.34 14.55 -22.16
C ASN B 176 37.94 14.97 -22.53
N GLU B 177 37.81 16.10 -23.24
CA GLU B 177 36.47 16.57 -23.61
C GLU B 177 35.81 15.61 -24.58
N GLU B 178 36.54 15.14 -25.58
CA GLU B 178 35.99 14.17 -26.51
C GLU B 178 35.57 12.88 -25.79
N LEU B 179 36.39 12.39 -24.84
CA LEU B 179 36.05 11.18 -24.09
C LEU B 179 34.76 11.36 -23.26
N SER B 180 34.59 12.51 -22.62
CA SER B 180 33.40 12.74 -21.80
C SER B 180 32.15 12.80 -22.68
N THR B 181 32.27 13.41 -23.86
CA THR B 181 31.14 13.47 -24.81
C THR B 181 30.76 12.08 -25.34
N LEU B 182 31.78 11.29 -25.66
CA LEU B 182 31.52 9.91 -26.15
C LEU B 182 30.91 8.99 -25.11
N SER B 183 31.34 9.08 -23.85
CA SER B 183 30.75 8.26 -22.77
C SER B 183 29.31 8.64 -22.48
N THR B 184 29.02 9.93 -22.51
CA THR B 184 27.64 10.40 -22.44
C THR B 184 26.77 9.84 -23.56
N ARG B 185 27.29 9.86 -24.79
CA ARG B 185 26.55 9.35 -25.94
C ARG B 185 26.33 7.84 -25.81
N PHE B 186 27.31 7.12 -25.28
CA PHE B 186 27.17 5.66 -25.08
C PHE B 186 26.03 5.39 -24.12
N GLU B 187 25.97 6.18 -23.04
CA GLU B 187 24.97 5.99 -22.00
C GLU B 187 23.56 6.26 -22.56
N GLN B 188 23.42 7.37 -23.27
CA GLN B 188 22.14 7.73 -23.90
C GLN B 188 21.72 6.75 -24.97
N ASN B 189 22.69 6.30 -25.78
CA ASN B 189 22.41 5.28 -26.79
C ASN B 189 21.90 4.01 -26.13
N LEU B 190 22.58 3.57 -25.07
CA LEU B 190 22.27 2.32 -24.44
C LEU B 190 20.90 2.34 -23.76
N LEU B 191 20.53 3.45 -23.13
CA LEU B 191 19.20 3.54 -22.52
C LEU B 191 18.09 3.49 -23.61
N ALA B 192 18.27 4.20 -24.72
CA ALA B 192 17.25 4.24 -25.79
C ALA B 192 17.07 2.86 -26.42
N HIS B 193 18.19 2.21 -26.75
CA HIS B 193 18.15 0.93 -27.41
C HIS B 193 17.64 -0.14 -26.47
N THR B 194 18.02 -0.08 -25.20
CA THR B 194 17.57 -1.05 -24.22
C THR B 194 16.05 -0.97 -24.08
N ASN B 195 15.55 0.23 -23.85
CA ASN B 195 14.09 0.45 -23.76
C ASN B 195 13.34 -0.01 -25.00
N ALA B 196 13.88 0.29 -26.18
CA ALA B 196 13.27 -0.11 -27.46
C ALA B 196 13.36 -1.62 -27.71
N SER B 197 14.29 -2.29 -27.04
CA SER B 197 14.49 -3.73 -27.18
C SER B 197 13.70 -4.58 -26.16
N ALA B 198 12.96 -3.93 -25.26
CA ALA B 198 12.03 -4.64 -24.39
C ALA B 198 11.13 -5.59 -25.19
N VAL B 199 10.98 -6.82 -24.71
CA VAL B 199 10.33 -7.84 -25.52
C VAL B 199 8.81 -7.80 -25.30
N ILE B 200 8.05 -7.60 -26.36
CA ILE B 200 6.59 -7.56 -26.30
C ILE B 200 6.01 -8.94 -26.60
N VAL B 201 5.13 -9.44 -25.73
CA VAL B 201 4.47 -10.72 -25.92
C VAL B 201 2.98 -10.42 -26.00
N ASP B 202 2.36 -10.89 -27.07
CA ASP B 202 0.92 -10.66 -27.34
C ASP B 202 -0.01 -11.68 -26.70
N ASP B 203 0.46 -12.92 -26.57
CA ASP B 203 -0.34 -14.03 -26.07
C ASP B 203 0.27 -14.54 -24.76
N VAL B 204 -0.52 -14.51 -23.70
CA VAL B 204 -0.11 -14.98 -22.38
C VAL B 204 0.34 -16.45 -22.37
N ALA B 205 -0.14 -17.26 -23.32
CA ALA B 205 0.30 -18.66 -23.46
C ALA B 205 1.80 -18.80 -23.70
N GLN B 206 2.39 -17.83 -24.41
CA GLN B 206 3.84 -17.80 -24.61
C GLN B 206 4.66 -17.58 -23.32
N LEU B 207 3.99 -17.19 -22.23
CA LEU B 207 4.64 -17.04 -20.92
C LEU B 207 4.57 -18.27 -20.03
N ASP B 208 4.18 -19.41 -20.59
CA ASP B 208 4.13 -20.68 -19.87
C ASP B 208 5.42 -20.92 -19.10
N GLY B 209 5.26 -21.27 -17.83
CA GLY B 209 6.39 -21.49 -16.95
C GLY B 209 6.72 -20.34 -16.02
N LEU B 210 6.37 -19.14 -16.44
CA LEU B 210 6.62 -17.95 -15.64
C LEU B 210 5.73 -17.92 -14.43
N SER B 211 6.26 -17.51 -13.26
CA SER B 211 5.42 -17.43 -12.06
C SER B 211 4.31 -16.42 -12.33
N ASP B 212 3.22 -16.59 -11.60
CA ASP B 212 2.05 -15.75 -11.72
C ASP B 212 2.38 -14.29 -11.43
N ASP B 213 3.26 -14.08 -10.45
CA ASP B 213 3.63 -12.73 -10.05
C ASP B 213 4.45 -12.05 -11.17
N SER B 214 5.31 -12.81 -11.85
CA SER B 214 6.05 -12.30 -13.00
C SER B 214 5.16 -11.98 -14.22
N VAL B 215 4.13 -12.79 -14.46
CA VAL B 215 3.16 -12.50 -15.51
C VAL B 215 2.46 -11.14 -15.22
N LYS B 216 1.98 -10.96 -14.00
CA LYS B 216 1.31 -9.70 -13.61
C LYS B 216 2.24 -8.47 -13.71
N ALA B 217 3.50 -8.64 -13.34
CA ALA B 217 4.50 -7.58 -13.52
C ALA B 217 4.70 -7.22 -15.00
N ALA B 218 4.69 -8.23 -15.87
CA ALA B 218 4.86 -8.01 -17.32
C ALA B 218 3.64 -7.30 -17.90
N ALA B 219 2.46 -7.60 -17.38
CA ALA B 219 1.23 -6.90 -17.77
C ALA B 219 1.25 -5.45 -17.24
N GLU B 220 1.75 -5.28 -16.02
CA GLU B 220 1.84 -3.94 -15.42
C GLU B 220 2.86 -3.09 -16.20
N THR B 221 3.98 -3.70 -16.56
CA THR B 221 4.97 -3.02 -17.37
C THR B 221 4.39 -2.59 -18.71
N ALA B 222 3.67 -3.49 -19.37
CA ALA B 222 3.08 -3.17 -20.67
C ALA B 222 2.10 -2.00 -20.53
N LYS B 223 1.29 -2.01 -19.47
CA LYS B 223 0.35 -0.92 -19.21
C LYS B 223 1.08 0.41 -19.00
N SER B 224 2.17 0.39 -18.22
CA SER B 224 2.97 1.56 -17.91
C SER B 224 3.69 2.10 -19.14
N ARG B 225 4.07 1.21 -20.06
CA ARG B 225 4.82 1.61 -21.24
C ARG B 225 3.93 1.82 -22.47
N GLY B 226 2.60 1.90 -22.27
CA GLY B 226 1.66 2.28 -23.31
C GLY B 226 1.09 1.17 -24.18
N LEU B 227 1.09 -0.06 -23.67
CA LEU B 227 0.59 -1.24 -24.40
C LEU B 227 -0.37 -2.11 -23.56
N PRO B 228 -1.49 -1.52 -23.09
CA PRO B 228 -2.40 -2.32 -22.24
C PRO B 228 -2.89 -3.59 -22.96
N GLY B 229 -3.06 -4.69 -22.21
CA GLY B 229 -3.48 -5.97 -22.79
C GLY B 229 -2.34 -6.85 -23.28
N LYS B 230 -1.15 -6.27 -23.44
CA LYS B 230 0.05 -7.05 -23.84
C LYS B 230 0.91 -7.33 -22.62
N TYR B 231 2.09 -7.93 -22.84
CA TYR B 231 3.01 -8.25 -21.77
C TYR B 231 4.38 -7.81 -22.23
N VAL B 232 5.11 -7.13 -21.37
CA VAL B 232 6.41 -6.62 -21.72
C VAL B 232 7.44 -7.15 -20.74
N ILE B 233 8.54 -7.65 -21.30
CA ILE B 233 9.69 -8.12 -20.56
C ILE B 233 10.85 -7.21 -20.90
N PRO B 234 11.13 -6.21 -20.03
CA PRO B 234 12.33 -5.40 -20.20
C PRO B 234 13.62 -6.21 -19.94
N LEU B 235 14.72 -5.73 -20.51
CA LEU B 235 16.01 -6.37 -20.37
C LEU B 235 16.76 -5.83 -19.16
N VAL B 236 17.41 -6.72 -18.43
CA VAL B 236 18.32 -6.33 -17.35
C VAL B 236 19.71 -6.15 -17.95
N LEU B 237 20.59 -5.48 -17.21
CA LEU B 237 21.90 -5.08 -17.75
C LEU B 237 22.78 -6.22 -18.24
N PRO B 238 22.93 -7.29 -17.44
CA PRO B 238 23.81 -8.37 -17.91
C PRO B 238 23.18 -9.16 -19.07
N THR B 239 24.05 -9.93 -19.74
CA THR B 239 23.68 -10.77 -20.85
C THR B 239 22.53 -11.69 -20.50
N GLY B 240 22.64 -12.36 -19.36
CA GLY B 240 21.68 -13.36 -18.93
C GLY B 240 20.41 -12.70 -18.43
N GLN B 241 19.28 -13.06 -19.03
CA GLN B 241 18.00 -12.52 -18.64
C GLN B 241 17.28 -13.54 -17.75
N PRO B 242 16.71 -13.09 -16.62
CA PRO B 242 16.14 -14.00 -15.60
C PRO B 242 15.01 -14.92 -16.00
N GLY B 243 14.10 -14.40 -16.83
CA GLY B 243 12.97 -15.18 -17.30
C GLY B 243 13.30 -16.46 -18.03
N LEU B 244 14.49 -16.56 -18.63
CA LEU B 244 14.91 -17.77 -19.31
C LEU B 244 15.01 -19.02 -18.42
N ALA B 245 15.13 -18.84 -17.12
CA ALA B 245 15.13 -19.94 -16.17
C ALA B 245 13.81 -20.70 -16.13
N GLU B 246 12.71 -20.02 -16.47
CA GLU B 246 11.36 -20.54 -16.32
C GLU B 246 10.53 -20.69 -17.61
N LEU B 247 10.81 -19.89 -18.64
CA LEU B 247 9.98 -19.90 -19.87
C LEU B 247 10.20 -21.19 -20.69
N THR B 248 9.12 -21.92 -20.90
CA THR B 248 9.14 -23.17 -21.64
C THR B 248 9.12 -22.95 -23.16
N ASP B 249 8.65 -21.78 -23.60
CA ASP B 249 8.60 -21.46 -25.03
C ASP B 249 10.02 -21.15 -25.47
N ARG B 250 10.64 -22.10 -26.17
CA ARG B 250 12.05 -21.95 -26.56
C ARG B 250 12.26 -20.83 -27.57
N ALA B 251 11.29 -20.63 -28.46
CA ALA B 251 11.40 -19.52 -29.42
C ALA B 251 11.43 -18.17 -28.68
N LEU B 252 10.66 -18.05 -27.61
CA LEU B 252 10.66 -16.81 -26.83
C LEU B 252 11.97 -16.63 -26.02
N ARG B 253 12.51 -17.73 -25.49
CA ARG B 253 13.84 -17.69 -24.88
C ARG B 253 14.90 -17.13 -25.84
N GLU B 254 14.90 -17.65 -27.07
CA GLU B 254 15.83 -17.21 -28.09
C GLU B 254 15.61 -15.73 -28.43
N ARG B 255 14.35 -15.32 -28.54
CA ARG B 255 14.05 -13.94 -28.85
C ARG B 255 14.55 -12.99 -27.76
N ILE B 256 14.31 -13.33 -26.50
CA ILE B 256 14.83 -12.54 -25.39
C ILE B 256 16.38 -12.49 -25.41
N HIS B 257 17.01 -13.63 -25.61
CA HIS B 257 18.47 -13.70 -25.61
C HIS B 257 19.07 -12.87 -26.76
N ARG B 258 18.44 -12.91 -27.94
CA ARG B 258 18.90 -12.12 -29.07
C ARG B 258 18.70 -10.63 -28.82
N ALA B 259 17.59 -10.24 -28.21
CA ALA B 259 17.39 -8.84 -27.83
C ALA B 259 18.45 -8.40 -26.81
N SER B 260 18.81 -9.28 -25.87
CA SER B 260 19.84 -8.98 -24.89
C SER B 260 21.21 -8.69 -25.54
N ILE B 261 21.66 -9.61 -26.34
CA ILE B 261 23.02 -9.57 -26.90
C ILE B 261 23.20 -8.56 -28.03
N GLN B 262 22.11 -8.07 -28.60
CA GLN B 262 22.17 -7.06 -29.65
C GLN B 262 22.10 -5.60 -29.17
N ARG B 263 21.99 -5.37 -27.87
CA ARG B 263 21.99 -4.00 -27.33
C ARG B 263 23.28 -3.26 -27.66
N GLY B 264 23.11 -2.02 -28.11
CA GLY B 264 24.18 -1.20 -28.63
C GLY B 264 24.71 -1.49 -30.00
N VAL B 265 24.09 -2.44 -30.70
CA VAL B 265 24.51 -2.79 -32.04
C VAL B 265 23.51 -2.11 -32.98
N PRO B 266 23.94 -1.29 -33.94
CA PRO B 266 25.34 -0.99 -34.25
C PRO B 266 25.87 0.33 -33.65
N ASP B 267 24.98 1.14 -33.07
CA ASP B 267 25.30 2.53 -32.71
C ASP B 267 26.42 2.75 -31.68
N ASN B 268 26.69 1.78 -30.82
CA ASN B 268 27.81 1.90 -29.88
C ASN B 268 29.14 1.32 -30.39
N GLU B 269 29.16 0.72 -31.57
CA GLU B 269 30.38 0.00 -32.03
C GLU B 269 31.53 0.95 -32.35
N GLU B 270 31.30 1.91 -33.23
CA GLU B 270 32.33 2.86 -33.62
C GLU B 270 32.71 3.78 -32.42
N LEU B 271 31.71 4.05 -31.60
CA LEU B 271 31.87 4.88 -30.43
C LEU B 271 32.85 4.28 -29.41
N ILE B 272 32.71 2.98 -29.11
CA ILE B 272 33.60 2.38 -28.09
C ILE B 272 34.99 2.18 -28.65
N VAL B 273 35.10 1.89 -29.94
CA VAL B 273 36.41 1.90 -30.62
C VAL B 273 37.11 3.24 -30.42
N ARG B 274 36.36 4.33 -30.59
CA ARG B 274 36.91 5.66 -30.43
C ARG B 274 37.32 5.91 -28.98
N ILE B 275 36.46 5.56 -28.03
CA ILE B 275 36.78 5.74 -26.65
C ILE B 275 38.06 5.01 -26.28
N ALA B 276 38.18 3.73 -26.66
CA ALA B 276 39.35 2.93 -26.33
C ALA B 276 40.64 3.50 -26.95
N THR B 277 40.52 3.98 -28.18
CA THR B 277 41.63 4.57 -28.93
C THR B 277 42.12 5.84 -28.22
N LEU B 278 41.18 6.68 -27.85
CA LEU B 278 41.49 7.93 -27.14
C LEU B 278 42.06 7.68 -25.75
N ARG B 279 41.56 6.66 -25.05
CA ARG B 279 42.12 6.27 -23.77
C ARG B 279 43.59 5.87 -23.93
N ALA B 280 43.89 5.06 -24.93
CA ALA B 280 45.29 4.68 -25.18
C ALA B 280 46.18 5.90 -25.47
N GLU B 281 45.71 6.80 -26.32
CA GLU B 281 46.47 8.02 -26.66
C GLU B 281 46.70 8.87 -25.42
N ARG B 282 45.67 9.02 -24.60
CA ARG B 282 45.76 9.76 -23.34
C ARG B 282 46.78 9.16 -22.37
N ALA B 283 46.70 7.83 -22.21
CA ALA B 283 47.58 7.13 -21.28
C ALA B 283 49.05 7.31 -21.67
N LYS B 284 49.34 7.19 -22.96
CA LYS B 284 50.71 7.44 -23.50
C LYS B 284 51.20 8.86 -23.25
N LEU B 285 50.34 9.84 -23.52
CA LEU B 285 50.61 11.24 -23.20
C LEU B 285 51.04 11.44 -21.72
N LEU B 286 50.40 10.73 -20.80
CA LEU B 286 50.71 10.76 -19.39
C LEU B 286 51.82 9.80 -18.93
N GLY B 287 52.46 9.13 -19.89
CA GLY B 287 53.65 8.32 -19.67
C GLY B 287 53.42 6.84 -19.44
N TYR B 288 52.25 6.33 -19.82
CA TYR B 288 51.89 4.93 -19.55
C TYR B 288 51.67 4.19 -20.86
N PRO B 289 52.13 2.93 -20.94
CA PRO B 289 52.02 2.19 -22.20
C PRO B 289 50.57 1.81 -22.63
N THR B 290 49.64 1.74 -21.66
CA THR B 290 48.24 1.39 -21.93
C THR B 290 47.37 2.11 -20.93
N HIS B 291 46.10 2.23 -21.27
CA HIS B 291 45.13 2.69 -20.30
C HIS B 291 45.15 1.87 -19.01
N ALA B 292 45.33 0.55 -19.12
CA ALA B 292 45.33 -0.31 -17.95
C ALA B 292 46.46 0.03 -17.01
N ALA B 293 47.64 0.28 -17.55
CA ALA B 293 48.79 0.67 -16.76
C ALA B 293 48.50 2.00 -15.99
N TYR B 294 47.84 2.96 -16.66
CA TYR B 294 47.40 4.20 -16.02
C TYR B 294 46.44 3.95 -14.88
N VAL B 295 45.43 3.12 -15.11
CA VAL B 295 44.41 2.82 -14.10
C VAL B 295 45.06 2.10 -12.92
N VAL B 296 45.85 1.07 -13.19
CA VAL B 296 46.43 0.25 -12.12
C VAL B 296 47.35 1.07 -11.24
N ALA B 297 48.00 2.10 -11.80
CA ALA B 297 48.80 3.03 -10.99
C ALA B 297 48.07 3.70 -9.81
N ASP B 298 46.73 3.75 -9.81
CA ASP B 298 45.94 4.24 -8.68
C ASP B 298 45.01 3.18 -8.06
N GLN B 299 45.27 1.90 -8.36
CA GLN B 299 44.54 0.78 -7.80
C GLN B 299 45.39 0.14 -6.71
N THR B 300 44.78 -0.67 -5.87
CA THR B 300 45.56 -1.43 -4.88
C THR B 300 46.40 -2.52 -5.51
N ALA B 301 45.96 -3.04 -6.65
CA ALA B 301 46.76 -3.97 -7.42
C ALA B 301 48.09 -3.28 -7.78
N PRO B 302 49.22 -3.95 -7.55
CA PRO B 302 50.50 -3.26 -7.71
C PRO B 302 50.92 -3.04 -9.16
N THR B 303 50.62 -3.99 -10.04
CA THR B 303 51.03 -3.93 -11.45
C THR B 303 50.00 -4.56 -12.34
N THR B 304 50.09 -4.24 -13.65
CA THR B 304 49.22 -4.90 -14.62
C THR B 304 49.52 -6.40 -14.62
N GLU B 305 50.80 -6.77 -14.47
CA GLU B 305 51.19 -8.19 -14.42
C GLU B 305 50.54 -8.94 -13.25
N ALA B 306 50.38 -8.30 -12.10
CA ALA B 306 49.67 -8.92 -10.96
C ALA B 306 48.21 -9.24 -11.30
N VAL B 307 47.55 -8.34 -11.99
CA VAL B 307 46.19 -8.56 -12.43
C VAL B 307 46.13 -9.74 -13.40
N THR B 308 46.96 -9.73 -14.43
CA THR B 308 46.89 -10.76 -15.46
C THR B 308 47.30 -12.13 -14.92
N GLU B 309 48.27 -12.16 -13.99
CA GLU B 309 48.66 -13.39 -13.33
C GLU B 309 47.53 -13.98 -12.48
N MET B 310 46.82 -13.15 -11.73
CA MET B 310 45.67 -13.65 -10.97
C MET B 310 44.58 -14.21 -11.88
N LEU B 311 44.25 -13.49 -12.95
CA LEU B 311 43.22 -13.94 -13.86
C LEU B 311 43.62 -15.21 -14.59
N GLY B 312 44.90 -15.31 -14.94
CA GLY B 312 45.47 -16.50 -15.54
C GLY B 312 45.40 -17.76 -14.70
N LYS B 313 45.41 -17.61 -13.38
CA LYS B 313 45.28 -18.74 -12.47
C LYS B 313 43.82 -19.18 -12.33
N LEU B 314 42.89 -18.22 -12.33
CA LEU B 314 41.48 -18.51 -12.11
C LEU B 314 40.76 -19.05 -13.33
N THR B 315 41.21 -18.67 -14.53
CA THR B 315 40.46 -18.95 -15.76
C THR B 315 40.43 -20.44 -16.18
N PRO B 316 41.56 -21.15 -16.16
CA PRO B 316 41.50 -22.58 -16.50
C PRO B 316 40.59 -23.44 -15.61
N PRO B 317 40.71 -23.35 -14.27
CA PRO B 317 39.71 -24.14 -13.51
C PRO B 317 38.25 -23.67 -13.67
N ALA B 318 38.03 -22.37 -13.89
CA ALA B 318 36.66 -21.89 -14.09
C ALA B 318 36.07 -22.49 -15.38
N VAL B 319 36.87 -22.48 -16.46
CA VAL B 319 36.45 -23.03 -17.73
C VAL B 319 36.24 -24.54 -17.64
N ALA B 320 37.09 -25.28 -16.92
CA ALA B 320 36.91 -26.72 -16.73
C ALA B 320 35.61 -27.01 -15.93
N ASN B 321 35.25 -26.16 -14.96
CA ASN B 321 33.94 -26.27 -14.28
C ASN B 321 32.75 -25.99 -15.23
N ALA B 322 32.89 -25.00 -16.11
CA ALA B 322 31.81 -24.69 -17.04
C ALA B 322 31.58 -25.84 -18.02
N HIS B 323 32.67 -26.48 -18.46
CA HIS B 323 32.58 -27.66 -19.34
C HIS B 323 31.89 -28.83 -18.65
N ARG B 324 32.21 -29.09 -17.39
CA ARG B 324 31.54 -30.15 -16.61
C ARG B 324 30.06 -29.83 -16.41
N GLU B 325 29.74 -28.57 -16.13
CA GLU B 325 28.37 -28.16 -15.97
C GLU B 325 27.57 -28.28 -17.26
N ALA B 326 28.19 -27.94 -18.39
CA ALA B 326 27.54 -28.00 -19.70
C ALA B 326 27.19 -29.47 -20.03
N ASP B 327 28.14 -30.38 -19.80
CA ASP B 327 27.89 -31.83 -19.92
C ASP B 327 26.71 -32.31 -19.05
N GLU B 328 26.63 -31.84 -17.81
CA GLU B 328 25.50 -32.16 -16.92
C GLU B 328 24.18 -31.61 -17.46
N LEU B 329 24.17 -30.38 -17.98
CA LEU B 329 22.94 -29.82 -18.57
C LEU B 329 22.52 -30.54 -19.87
N ARG B 330 23.49 -30.89 -20.69
CA ARG B 330 23.20 -31.72 -21.88
C ARG B 330 22.58 -33.08 -21.54
N GLU B 331 23.06 -33.70 -20.46
CA GLU B 331 22.52 -34.99 -19.98
C GLU B 331 21.11 -34.82 -19.42
N GLN B 332 20.88 -33.75 -18.67
CA GLN B 332 19.54 -33.41 -18.21
C GLN B 332 18.57 -33.17 -19.36
N ALA B 333 18.98 -32.36 -20.34
CA ALA B 333 18.15 -32.03 -21.49
C ALA B 333 17.96 -33.22 -22.44
N GLY B 334 18.98 -34.07 -22.51
CA GLY B 334 19.03 -35.17 -23.48
C GLY B 334 19.45 -34.72 -24.87
N HIS B 335 19.88 -33.46 -25.01
CA HIS B 335 20.26 -32.92 -26.32
C HIS B 335 21.20 -31.75 -26.21
N ASP B 336 21.76 -31.34 -27.35
CA ASP B 336 22.65 -30.19 -27.36
C ASP B 336 21.91 -28.91 -27.08
N LEU B 337 22.62 -27.97 -26.48
CA LEU B 337 22.02 -26.71 -26.02
C LEU B 337 22.52 -25.50 -26.81
N GLU B 338 21.67 -24.49 -26.86
CA GLU B 338 22.03 -23.15 -27.29
C GLU B 338 22.17 -22.26 -26.05
N PRO B 339 22.80 -21.07 -26.19
CA PRO B 339 22.95 -20.22 -25.01
C PRO B 339 21.65 -19.91 -24.26
N TRP B 340 20.55 -19.78 -25.00
CA TRP B 340 19.24 -19.48 -24.42
C TRP B 340 18.56 -20.68 -23.76
N ASP B 341 19.26 -21.82 -23.69
CA ASP B 341 18.84 -22.98 -22.93
C ASP B 341 19.50 -23.15 -21.58
N TRP B 342 20.60 -22.44 -21.33
CA TRP B 342 21.44 -22.72 -20.13
C TRP B 342 20.63 -22.60 -18.82
N SER B 343 20.08 -21.42 -18.58
CA SER B 343 19.31 -21.16 -17.37
C SER B 343 18.16 -22.14 -17.17
N PHE B 344 17.48 -22.44 -18.27
CA PHE B 344 16.31 -23.27 -18.25
C PHE B 344 16.66 -24.67 -17.78
N TYR B 345 17.71 -25.26 -18.34
CA TYR B 345 18.09 -26.62 -17.89
C TYR B 345 18.79 -26.62 -16.52
N ALA B 346 19.51 -25.53 -16.19
CA ALA B 346 20.13 -25.40 -14.86
C ALA B 346 19.02 -25.41 -13.79
N GLU B 347 17.92 -24.72 -14.04
CA GLU B 347 16.74 -24.75 -13.16
C GLU B 347 16.18 -26.17 -12.98
N LYS B 348 16.09 -26.93 -14.06
CA LYS B 348 15.64 -28.33 -13.98
C LYS B 348 16.58 -29.16 -13.12
N VAL B 349 17.88 -28.98 -13.29
CA VAL B 349 18.84 -29.72 -12.48
C VAL B 349 18.71 -29.38 -10.98
N LEU B 350 18.56 -28.09 -10.66
CA LEU B 350 18.34 -27.65 -9.28
C LEU B 350 17.11 -28.27 -8.66
N LYS B 351 16.03 -28.33 -9.41
CA LYS B 351 14.82 -28.97 -8.92
C LYS B 351 15.04 -30.46 -8.66
N GLU B 352 15.64 -31.16 -9.61
CA GLU B 352 15.91 -32.60 -9.48
C GLU B 352 16.88 -32.88 -8.31
N ARG B 353 17.97 -32.12 -8.24
CA ARG B 353 19.02 -32.37 -7.24
C ARG B 353 18.66 -31.90 -5.82
N TYR B 354 18.09 -30.70 -5.69
CA TYR B 354 17.91 -30.07 -4.40
C TYR B 354 16.45 -29.90 -3.97
N ALA B 355 15.52 -30.32 -4.82
CA ALA B 355 14.09 -30.02 -4.62
C ALA B 355 13.74 -28.53 -4.49
N ILE B 356 14.58 -27.68 -5.11
CA ILE B 356 14.45 -26.21 -5.12
C ILE B 356 13.96 -25.75 -6.49
N ASP B 357 12.73 -25.26 -6.50
CA ASP B 357 12.01 -24.74 -7.67
C ASP B 357 11.94 -23.23 -7.43
N GLY B 358 12.59 -22.45 -8.30
CA GLY B 358 12.59 -20.98 -8.20
C GLY B 358 11.23 -20.33 -8.00
N ARG B 359 10.19 -20.92 -8.58
CA ARG B 359 8.81 -20.44 -8.40
C ARG B 359 8.31 -20.64 -6.98
N GLN B 360 8.82 -21.68 -6.32
CA GLN B 360 8.43 -21.99 -4.95
C GLN B 360 9.28 -21.22 -3.92
N MET B 361 10.50 -20.81 -4.30
CA MET B 361 11.34 -19.97 -3.46
C MET B 361 10.84 -18.51 -3.43
N ARG B 362 10.40 -17.99 -4.56
CA ARG B 362 10.00 -16.58 -4.66
C ARG B 362 9.02 -16.09 -3.57
N PRO B 363 8.04 -16.90 -3.19
CA PRO B 363 7.11 -16.45 -2.15
C PRO B 363 7.71 -16.18 -0.77
N TYR B 364 8.95 -16.65 -0.52
CA TYR B 364 9.65 -16.41 0.72
C TYR B 364 10.50 -15.13 0.76
N PHE B 365 10.57 -14.39 -0.33
CA PHE B 365 11.46 -13.25 -0.48
C PHE B 365 10.73 -11.98 -0.95
N GLU B 366 9.86 -11.46 -0.10
CA GLU B 366 9.11 -10.24 -0.39
C GLU B 366 9.94 -9.03 0.05
N LEU B 367 10.01 -8.02 -0.81
CA LEU B 367 10.84 -6.81 -0.64
C LEU B 367 10.84 -6.22 0.76
N ASP B 368 9.64 -6.00 1.33
CA ASP B 368 9.53 -5.33 2.63
C ASP B 368 10.14 -6.17 3.75
N ARG B 369 9.93 -7.48 3.68
CA ARG B 369 10.47 -8.38 4.67
C ARG B 369 11.97 -8.52 4.52
N VAL B 370 12.42 -8.63 3.28
CA VAL B 370 13.86 -8.75 3.00
C VAL B 370 14.56 -7.51 3.56
N LEU B 371 13.99 -6.35 3.28
CA LEU B 371 14.55 -5.10 3.75
C LEU B 371 14.59 -5.01 5.28
N ARG B 372 13.46 -5.21 5.93
CA ARG B 372 13.37 -5.03 7.37
C ARG B 372 14.04 -6.14 8.18
N ASP B 373 13.74 -7.38 7.81
CA ASP B 373 14.12 -8.55 8.57
C ASP B 373 15.38 -9.20 8.07
N GLY B 374 15.92 -8.69 6.96
CA GLY B 374 17.20 -9.18 6.42
C GLY B 374 18.27 -8.11 6.44
N VAL B 375 18.11 -7.15 5.56
CA VAL B 375 19.13 -6.14 5.31
C VAL B 375 19.32 -5.22 6.55
N PHE B 376 18.22 -4.64 7.01
CA PHE B 376 18.26 -3.78 8.22
C PHE B 376 18.58 -4.58 9.47
N HIS B 377 17.99 -5.76 9.59
CA HIS B 377 18.16 -6.62 10.74
C HIS B 377 19.62 -7.01 10.96
N ALA B 378 20.27 -7.44 9.90
CA ALA B 378 21.68 -7.79 9.93
C ALA B 378 22.52 -6.60 10.40
N ALA B 379 22.26 -5.44 9.83
CA ALA B 379 23.03 -4.24 10.20
C ALA B 379 22.79 -3.87 11.66
N THR B 380 21.55 -4.03 12.12
CA THR B 380 21.29 -3.80 13.55
C THR B 380 22.02 -4.78 14.46
N LEU B 381 21.95 -6.07 14.13
CA LEU B 381 22.63 -7.04 14.94
C LEU B 381 24.14 -6.88 14.94
N LEU B 382 24.70 -6.50 13.80
CA LEU B 382 26.13 -6.40 13.66
C LEU B 382 26.68 -5.08 14.21
N TYR B 383 26.06 -3.98 13.79
CA TYR B 383 26.54 -2.64 14.10
C TYR B 383 25.73 -1.89 15.13
N GLY B 384 24.58 -2.40 15.54
CA GLY B 384 23.77 -1.72 16.54
C GLY B 384 22.96 -0.52 16.02
N ILE B 385 23.07 -0.18 14.74
CA ILE B 385 22.33 0.91 14.12
C ILE B 385 20.84 0.56 13.97
N THR B 386 20.02 1.60 13.98
CA THR B 386 18.57 1.47 13.84
C THR B 386 18.03 2.43 12.78
N PHE B 387 16.82 2.15 12.34
CA PHE B 387 16.25 2.75 11.16
C PHE B 387 14.85 3.26 11.47
N THR B 388 14.52 4.47 11.04
CA THR B 388 13.14 4.96 11.12
C THR B 388 12.75 5.42 9.73
N GLU B 389 11.76 4.75 9.15
CA GLU B 389 11.25 5.17 7.85
C GLU B 389 10.61 6.54 7.97
N ARG B 390 10.86 7.40 6.98
CA ARG B 390 10.37 8.78 6.99
C ARG B 390 9.52 9.06 5.74
N PRO B 391 8.30 8.50 5.70
CA PRO B 391 7.39 8.75 4.55
C PRO B 391 6.94 10.22 4.41
N ASP B 392 7.16 11.04 5.44
CA ASP B 392 7.01 12.51 5.38
C ASP B 392 8.15 13.28 4.72
N LEU B 393 9.36 12.72 4.64
CA LEU B 393 10.45 13.37 3.90
C LEU B 393 10.33 13.06 2.42
N VAL B 394 10.77 14.01 1.58
CA VAL B 394 10.54 13.96 0.15
C VAL B 394 11.83 13.48 -0.56
N GLY B 395 11.75 12.29 -1.15
CA GLY B 395 12.80 11.81 -2.06
C GLY B 395 12.67 12.42 -3.45
N TYR B 396 13.55 11.99 -4.35
CA TYR B 396 13.63 12.59 -5.69
C TYR B 396 12.64 11.96 -6.70
N HIS B 397 12.01 10.83 -6.31
CA HIS B 397 11.01 10.11 -7.09
C HIS B 397 9.99 9.59 -6.05
N PRO B 398 8.71 9.52 -6.40
CA PRO B 398 7.70 9.12 -5.38
C PRO B 398 7.85 7.70 -4.80
N ASP B 399 8.52 6.78 -5.50
CA ASP B 399 8.77 5.42 -5.01
C ASP B 399 10.01 5.30 -4.13
N VAL B 400 10.78 6.40 -3.97
CA VAL B 400 11.96 6.40 -3.11
C VAL B 400 11.48 6.34 -1.66
N ARG B 401 12.06 5.42 -0.88
CA ARG B 401 11.82 5.34 0.55
C ARG B 401 13.00 6.00 1.27
N VAL B 402 12.70 6.94 2.15
CA VAL B 402 13.74 7.63 2.94
C VAL B 402 13.73 7.06 4.34
N PHE B 403 14.94 6.73 4.82
CA PHE B 403 15.11 6.22 6.17
C PHE B 403 16.13 7.03 6.93
N GLU B 404 15.78 7.36 8.15
CA GLU B 404 16.74 7.97 9.05
C GLU B 404 17.50 6.85 9.76
N VAL B 405 18.81 7.02 9.92
CA VAL B 405 19.65 5.98 10.50
C VAL B 405 20.28 6.53 11.76
N PHE B 406 20.20 5.75 12.83
CA PHE B 406 20.76 6.12 14.13
C PHE B 406 21.83 5.12 14.59
N ASN B 407 22.79 5.61 15.36
CA ASN B 407 23.72 4.73 16.06
C ASN B 407 23.05 4.02 17.24
N GLU B 408 23.71 3.00 17.79
CA GLU B 408 23.20 2.25 18.93
C GLU B 408 22.83 3.12 20.14
N ASP B 409 23.60 4.19 20.33
CA ASP B 409 23.38 5.11 21.45
C ASP B 409 22.30 6.16 21.21
N GLY B 410 21.61 6.06 20.08
CA GLY B 410 20.51 6.92 19.74
C GLY B 410 20.94 8.18 19.00
N SER B 411 22.24 8.41 18.82
CA SER B 411 22.67 9.59 18.06
C SER B 411 22.38 9.43 16.56
N GLN B 412 22.19 10.57 15.91
CA GLN B 412 21.90 10.64 14.47
C GLN B 412 23.10 10.24 13.65
N LEU B 413 22.92 9.40 12.63
CA LEU B 413 24.02 8.92 11.79
C LEU B 413 23.92 9.49 10.39
N GLY B 414 22.77 9.30 9.76
CA GLY B 414 22.62 9.72 8.38
C GLY B 414 21.26 9.35 7.80
N LEU B 415 21.15 9.50 6.49
CA LEU B 415 19.94 9.15 5.75
C LEU B 415 20.27 8.12 4.68
N PHE B 416 19.37 7.17 4.52
CA PHE B 416 19.43 6.15 3.49
C PHE B 416 18.19 6.27 2.60
N LEU B 417 18.41 6.35 1.30
CA LEU B 417 17.31 6.37 0.33
C LEU B 417 17.34 5.11 -0.54
N GLY B 418 16.21 4.41 -0.59
CA GLY B 418 16.11 3.20 -1.39
C GLY B 418 15.15 3.38 -2.58
N ASP B 419 15.61 3.01 -3.76
CA ASP B 419 14.84 3.19 -5.02
C ASP B 419 14.93 1.87 -5.79
N TYR B 420 13.93 1.02 -5.62
CA TYR B 420 14.08 -0.44 -5.89
C TYR B 420 13.63 -0.92 -7.26
N TYR B 421 12.83 -0.12 -7.95
CA TYR B 421 12.16 -0.57 -9.17
C TYR B 421 12.72 -0.08 -10.49
N ALA B 422 12.68 -0.98 -11.47
CA ALA B 422 12.99 -0.68 -12.86
C ALA B 422 11.98 0.28 -13.43
N ARG B 423 12.42 1.12 -14.36
CA ARG B 423 11.54 2.00 -15.11
C ARG B 423 12.35 2.52 -16.31
N PRO B 424 11.68 2.95 -17.39
CA PRO B 424 12.44 3.41 -18.57
C PRO B 424 13.40 4.55 -18.35
N SER B 425 13.16 5.40 -17.36
CA SER B 425 14.06 6.51 -17.04
C SER B 425 15.30 6.09 -16.21
N LYS B 426 15.36 4.85 -15.76
CA LYS B 426 16.46 4.38 -14.88
C LYS B 426 17.39 3.49 -15.66
N ARG B 427 18.67 3.81 -15.63
CA ARG B 427 19.68 2.98 -16.28
CA ARG B 427 19.67 2.97 -16.29
C ARG B 427 19.74 1.58 -15.67
N GLY B 428 20.27 0.62 -16.42
CA GLY B 428 20.33 -0.75 -15.97
C GLY B 428 21.37 -0.96 -14.87
N GLY B 429 21.19 -2.06 -14.14
CA GLY B 429 22.14 -2.51 -13.15
C GLY B 429 21.69 -2.12 -11.75
N ALA B 430 22.66 -1.96 -10.85
CA ALA B 430 22.40 -1.52 -9.48
C ALA B 430 23.59 -0.70 -9.02
N TRP B 431 23.37 0.31 -8.20
CA TRP B 431 24.46 1.18 -7.75
C TRP B 431 24.10 1.93 -6.49
N MET B 432 25.16 2.43 -5.87
CA MET B 432 25.04 3.32 -4.71
C MET B 432 25.61 4.67 -5.11
N ASN B 433 25.05 5.73 -4.57
CA ASN B 433 25.67 7.03 -4.71
C ASN B 433 25.35 7.89 -3.50
N SER B 434 26.09 8.99 -3.34
CA SER B 434 25.87 9.89 -2.19
C SER B 434 25.27 11.21 -2.62
N LEU B 435 24.19 11.62 -1.98
CA LEU B 435 23.69 12.98 -2.15
C LEU B 435 24.47 13.96 -1.30
N VAL B 436 24.90 13.52 -0.12
CA VAL B 436 25.71 14.35 0.77
C VAL B 436 26.83 13.47 1.30
N LYS B 437 28.07 13.94 1.10
CA LYS B 437 29.27 13.24 1.59
C LYS B 437 29.59 13.71 3.00
N GLN B 438 29.94 12.77 3.87
CA GLN B 438 30.39 13.06 5.23
C GLN B 438 31.78 13.69 5.22
N SER B 439 31.97 14.75 6.02
CA SER B 439 33.32 15.23 6.33
C SER B 439 33.24 16.12 7.57
N THR B 440 34.24 16.04 8.43
CA THR B 440 34.25 16.92 9.59
C THR B 440 34.69 18.33 9.19
N LEU B 441 35.36 18.47 8.03
CA LEU B 441 35.61 19.78 7.46
C LEU B 441 34.34 20.63 7.34
N GLU B 442 33.32 20.06 6.74
CA GLU B 442 32.06 20.76 6.47
C GLU B 442 31.01 20.48 7.52
N GLY B 443 31.24 19.46 8.35
CA GLY B 443 30.29 19.11 9.40
C GLY B 443 29.04 18.48 8.80
N THR B 444 29.23 17.73 7.71
CA THR B 444 28.11 17.14 6.98
C THR B 444 27.93 15.69 7.40
N ARG B 445 26.68 15.25 7.41
CA ARG B 445 26.32 13.86 7.67
CA ARG B 445 26.35 13.85 7.67
C ARG B 445 26.01 13.18 6.35
N PRO B 446 26.25 11.85 6.24
CA PRO B 446 26.03 11.16 4.98
C PRO B 446 24.56 10.97 4.61
N VAL B 447 24.25 11.22 3.33
CA VAL B 447 22.94 10.96 2.73
C VAL B 447 23.26 10.07 1.54
N VAL B 448 22.85 8.80 1.65
CA VAL B 448 23.20 7.78 0.65
C VAL B 448 22.00 7.19 -0.03
N VAL B 449 22.24 6.77 -1.27
CA VAL B 449 21.19 6.20 -2.14
C VAL B 449 21.58 4.79 -2.63
N ASN B 450 20.61 3.90 -2.68
CA ASN B 450 20.68 2.61 -3.42
C ASN B 450 19.63 2.57 -4.55
N ASN B 451 20.05 2.21 -5.76
CA ASN B 451 19.13 1.94 -6.89
C ASN B 451 19.24 0.51 -7.35
N LEU B 452 18.07 -0.15 -7.41
CA LEU B 452 17.91 -1.48 -8.01
C LEU B 452 16.90 -1.41 -9.14
N ASN B 453 16.79 -2.53 -9.86
CA ASN B 453 15.93 -2.65 -11.04
C ASN B 453 14.98 -3.85 -10.93
N ILE B 454 14.25 -3.93 -9.84
CA ILE B 454 13.27 -5.00 -9.63
C ILE B 454 12.00 -4.62 -10.43
N ALA B 455 11.33 -5.60 -11.02
CA ALA B 455 10.10 -5.37 -11.76
C ALA B 455 9.00 -4.96 -10.78
N LYS B 456 8.31 -3.90 -11.09
CA LYS B 456 7.30 -3.36 -10.18
C LYS B 456 5.96 -4.10 -10.34
N PRO B 457 5.45 -4.71 -9.24
CA PRO B 457 4.17 -5.33 -9.38
C PRO B 457 3.02 -4.31 -9.58
N PRO B 458 1.87 -4.78 -10.03
CA PRO B 458 0.63 -3.94 -10.01
C PRO B 458 0.18 -3.62 -8.59
N ALA B 459 -0.75 -2.68 -8.48
CA ALA B 459 -1.28 -2.23 -7.20
C ALA B 459 -1.66 -3.44 -6.33
N GLY B 460 -1.30 -3.36 -5.07
CA GLY B 460 -1.66 -4.40 -4.10
C GLY B 460 -0.76 -5.62 -4.08
N GLU B 461 0.01 -5.88 -5.14
CA GLU B 461 0.65 -7.18 -5.29
C GLU B 461 2.02 -7.16 -4.63
N PRO B 462 2.41 -8.32 -4.07
CA PRO B 462 3.70 -8.36 -3.37
C PRO B 462 4.87 -8.29 -4.33
N THR B 463 5.99 -7.76 -3.86
CA THR B 463 7.22 -7.74 -4.64
C THR B 463 8.10 -8.93 -4.26
N LEU B 464 7.93 -10.02 -4.98
CA LEU B 464 8.66 -11.24 -4.70
C LEU B 464 9.94 -11.23 -5.49
N MET B 465 11.03 -11.57 -4.82
CA MET B 465 12.38 -11.34 -5.35
C MET B 465 13.08 -12.67 -5.67
N THR B 466 13.97 -12.65 -6.64
CA THR B 466 14.88 -13.77 -6.86
C THR B 466 15.99 -13.64 -5.83
N PHE B 467 16.71 -14.71 -5.58
CA PHE B 467 17.85 -14.61 -4.68
C PHE B 467 18.97 -13.71 -5.20
N GLU B 468 19.12 -13.63 -6.52
CA GLU B 468 20.03 -12.68 -7.11
C GLU B 468 19.66 -11.24 -6.70
N GLU B 469 18.36 -10.93 -6.69
CA GLU B 469 17.92 -9.59 -6.30
C GLU B 469 18.20 -9.35 -4.80
N VAL B 470 17.96 -10.35 -3.98
CA VAL B 470 18.25 -10.31 -2.55
C VAL B 470 19.74 -9.99 -2.36
N ASN B 471 20.60 -10.74 -3.06
CA ASN B 471 22.03 -10.50 -3.00
CA ASN B 471 22.03 -10.52 -3.03
C ASN B 471 22.41 -9.08 -3.37
N THR B 472 21.83 -8.58 -4.45
CA THR B 472 22.07 -7.22 -4.90
C THR B 472 21.66 -6.17 -3.85
N MET B 473 20.54 -6.39 -3.18
CA MET B 473 20.08 -5.48 -2.15
C MET B 473 21.13 -5.44 -0.99
N PHE B 474 21.63 -6.59 -0.60
CA PHE B 474 22.69 -6.63 0.45
C PHE B 474 23.97 -5.98 -0.06
N HIS B 475 24.28 -6.18 -1.34
CA HIS B 475 25.49 -5.64 -1.92
C HIS B 475 25.45 -4.11 -1.93
N GLU B 476 24.37 -3.54 -2.46
CA GLU B 476 24.25 -2.06 -2.49
C GLU B 476 24.18 -1.48 -1.09
N PHE B 477 23.58 -2.22 -0.15
CA PHE B 477 23.52 -1.77 1.22
C PHE B 477 24.93 -1.75 1.88
N GLY B 478 25.76 -2.68 1.48
CA GLY B 478 27.18 -2.65 1.86
C GLY B 478 27.88 -1.36 1.44
N HIS B 479 27.65 -0.89 0.22
CA HIS B 479 28.13 0.43 -0.17
C HIS B 479 27.52 1.54 0.69
N ALA B 480 26.23 1.44 0.96
CA ALA B 480 25.54 2.46 1.76
C ALA B 480 26.20 2.59 3.14
N LEU B 481 26.48 1.45 3.75
CA LEU B 481 27.17 1.40 5.08
C LEU B 481 28.55 2.01 5.04
N HIS B 482 29.28 1.72 3.97
CA HIS B 482 30.59 2.33 3.76
C HIS B 482 30.47 3.87 3.75
N GLY B 483 29.45 4.38 3.07
CA GLY B 483 29.17 5.80 3.12
C GLY B 483 28.69 6.32 4.43
N LEU B 484 27.74 5.58 5.06
CA LEU B 484 27.13 6.00 6.31
C LEU B 484 28.11 6.01 7.48
N PHE B 485 29.05 5.09 7.47
CA PHE B 485 30.02 4.96 8.56
C PHE B 485 31.26 5.85 8.43
N SER B 486 31.36 6.61 7.34
CA SER B 486 32.49 7.48 7.11
C SER B 486 32.75 8.43 8.26
N GLU B 487 34.01 8.53 8.70
CA GLU B 487 34.43 9.49 9.73
C GLU B 487 35.74 10.10 9.32
N VAL B 488 35.74 10.80 8.21
CA VAL B 488 36.98 11.39 7.73
C VAL B 488 36.88 12.89 7.96
N HIS B 489 38.04 13.52 7.90
CA HIS B 489 38.17 14.98 8.00
C HIS B 489 37.83 15.62 6.64
N TYR B 490 38.46 15.14 5.57
CA TYR B 490 38.38 15.79 4.26
C TYR B 490 37.49 15.10 3.24
N PRO B 491 36.60 15.88 2.54
CA PRO B 491 35.64 15.27 1.61
C PRO B 491 36.28 14.44 0.51
N ARG B 492 37.49 14.77 0.08
CA ARG B 492 38.21 13.91 -0.89
C ARG B 492 38.26 12.43 -0.50
N PHE B 493 38.28 12.15 0.81
CA PHE B 493 38.37 10.79 1.34
C PHE B 493 37.05 10.21 1.85
N SER B 494 35.93 10.91 1.64
CA SER B 494 34.67 10.49 2.24
C SER B 494 34.16 9.17 1.68
N GLY B 495 33.66 8.32 2.59
CA GLY B 495 32.79 7.20 2.24
C GLY B 495 33.43 6.21 1.31
N THR B 496 32.92 6.15 0.09
CA THR B 496 33.39 5.16 -0.91
C THR B 496 34.56 5.67 -1.75
N ALA B 497 35.17 6.79 -1.37
CA ALA B 497 36.31 7.34 -2.15
C ALA B 497 37.57 6.51 -1.89
N VAL B 498 37.58 5.28 -2.41
CA VAL B 498 38.72 4.35 -2.32
C VAL B 498 38.98 3.80 -3.73
N PRO B 499 40.16 3.18 -3.97
CA PRO B 499 40.38 2.59 -5.31
C PRO B 499 39.27 1.62 -5.70
N ARG B 500 38.96 1.60 -6.99
CA ARG B 500 37.91 0.73 -7.50
C ARG B 500 38.08 -0.73 -7.10
N ASP B 501 39.31 -1.22 -7.07
CA ASP B 501 39.55 -2.63 -6.75
C ASP B 501 39.52 -2.93 -5.26
N PHE B 502 39.24 -1.90 -4.46
CA PHE B 502 38.90 -2.03 -3.05
C PHE B 502 37.43 -1.71 -2.73
N VAL B 503 36.78 -0.85 -3.53
CA VAL B 503 35.41 -0.35 -3.22
C VAL B 503 34.35 -1.47 -3.24
N GLU B 504 34.65 -2.57 -3.94
CA GLU B 504 33.74 -3.70 -3.98
C GLU B 504 33.94 -4.71 -2.86
N TYR B 505 34.86 -4.43 -1.95
CA TYR B 505 35.03 -5.25 -0.76
C TYR B 505 33.90 -5.04 0.27
N PRO B 506 33.65 -3.79 0.73
CA PRO B 506 32.55 -3.61 1.68
C PRO B 506 31.16 -3.98 1.13
N SER B 507 30.95 -3.85 -0.16
CA SER B 507 29.68 -4.28 -0.75
C SER B 507 29.60 -5.81 -0.76
N GLN B 508 30.63 -6.47 -1.28
CA GLN B 508 30.57 -7.95 -1.38
C GLN B 508 30.55 -8.59 -0.05
N VAL B 509 31.29 -8.06 0.94
CA VAL B 509 31.28 -8.67 2.25
C VAL B 509 29.91 -8.54 2.93
N ASN B 510 29.16 -7.46 2.68
CA ASN B 510 27.82 -7.36 3.22
C ASN B 510 26.84 -8.44 2.71
N GLU B 511 27.11 -8.98 1.54
CA GLU B 511 26.32 -10.11 1.02
C GLU B 511 26.37 -11.36 1.89
N MET B 512 27.42 -11.50 2.72
CA MET B 512 27.52 -12.64 3.59
C MET B 512 26.28 -12.76 4.47
N TRP B 513 25.67 -11.64 4.85
CA TRP B 513 24.53 -11.68 5.76
C TRP B 513 23.25 -12.17 5.10
N ALA B 514 23.19 -12.11 3.77
CA ALA B 514 22.02 -12.63 3.06
C ALA B 514 21.87 -14.16 3.25
N VAL B 515 23.02 -14.86 3.39
CA VAL B 515 23.05 -16.32 3.54
C VAL B 515 23.52 -16.82 4.92
N TRP B 516 23.82 -15.91 5.85
CA TRP B 516 24.17 -16.29 7.20
C TRP B 516 22.91 -16.92 7.76
N PRO B 517 22.97 -18.21 8.17
CA PRO B 517 21.69 -18.93 8.32
C PRO B 517 20.69 -18.35 9.31
N SER B 518 21.15 -17.85 10.45
CA SER B 518 20.22 -17.24 11.44
C SER B 518 19.54 -15.93 10.91
N VAL B 519 20.20 -15.21 10.00
CA VAL B 519 19.62 -14.03 9.34
C VAL B 519 18.62 -14.47 8.25
N LEU B 520 19.04 -15.42 7.42
CA LEU B 520 18.22 -15.94 6.33
C LEU B 520 16.94 -16.53 6.90
N ALA B 521 17.07 -17.28 7.99
CA ALA B 521 15.90 -17.85 8.65
C ALA B 521 14.95 -16.78 9.21
N ASN B 522 15.49 -15.62 9.55
CA ASN B 522 14.69 -14.52 10.03
C ASN B 522 13.81 -13.90 8.96
N TYR B 523 14.32 -13.76 7.74
CA TYR B 523 13.56 -13.11 6.66
C TYR B 523 12.92 -14.00 5.60
N ALA B 524 13.36 -15.26 5.48
CA ALA B 524 12.80 -16.19 4.49
C ALA B 524 11.49 -16.80 5.01
N ARG B 525 10.41 -16.00 4.92
CA ARG B 525 9.11 -16.35 5.46
C ARG B 525 8.06 -16.04 4.40
N HIS B 526 7.03 -16.88 4.31
CA HIS B 526 6.07 -16.79 3.22
C HIS B 526 5.34 -15.45 3.25
N TRP B 527 5.17 -14.79 2.12
CA TRP B 527 4.62 -13.43 2.06
C TRP B 527 3.18 -13.34 2.58
N GLN B 528 2.43 -14.43 2.46
CA GLN B 528 1.03 -14.49 2.94
C GLN B 528 0.86 -14.96 4.37
N THR B 529 1.45 -16.11 4.69
CA THR B 529 1.22 -16.79 5.95
C THR B 529 2.18 -16.37 7.01
N GLY B 530 3.32 -15.80 6.59
CA GLY B 530 4.42 -15.54 7.50
C GLY B 530 5.18 -16.76 7.97
N ASP B 531 4.92 -17.92 7.40
CA ASP B 531 5.49 -19.17 7.89
C ASP B 531 6.95 -19.24 7.44
N PRO B 532 7.86 -19.65 8.34
CA PRO B 532 9.24 -19.82 7.83
C PRO B 532 9.38 -20.99 6.84
N MET B 533 10.33 -20.88 5.91
CA MET B 533 10.65 -21.99 5.02
C MET B 533 11.08 -23.15 5.90
N PRO B 534 10.64 -24.37 5.56
CA PRO B 534 11.13 -25.49 6.35
C PRO B 534 12.67 -25.53 6.42
N LYS B 535 13.21 -25.85 7.58
CA LYS B 535 14.62 -25.87 7.83
C LYS B 535 15.36 -26.65 6.76
N ASP B 536 14.93 -27.89 6.53
CA ASP B 536 15.62 -28.68 5.52
C ASP B 536 15.54 -28.21 4.07
N LEU B 537 14.57 -27.36 3.74
CA LEU B 537 14.49 -26.79 2.41
C LEU B 537 15.38 -25.59 2.33
N LEU B 538 15.38 -24.77 3.38
CA LEU B 538 16.30 -23.65 3.45
C LEU B 538 17.76 -24.12 3.38
N ASP B 539 18.08 -25.26 4.01
CA ASP B 539 19.40 -25.90 3.86
C ASP B 539 19.74 -26.13 2.41
N ARG B 540 18.78 -26.65 1.67
CA ARG B 540 18.99 -26.95 0.27
C ARG B 540 19.02 -25.72 -0.62
N MET B 541 18.28 -24.68 -0.26
CA MET B 541 18.37 -23.46 -1.04
C MET B 541 19.81 -22.92 -0.94
N LEU B 542 20.37 -22.97 0.27
CA LEU B 542 21.75 -22.60 0.47
C LEU B 542 22.69 -23.47 -0.35
N LYS B 543 22.59 -24.81 -0.24
CA LYS B 543 23.46 -25.69 -1.00
C LYS B 543 23.40 -25.38 -2.48
N SER B 544 22.21 -25.07 -2.98
CA SER B 544 22.00 -24.90 -4.39
C SER B 544 22.67 -23.67 -5.02
N GLN B 545 23.22 -22.79 -4.20
CA GLN B 545 23.91 -21.60 -4.68
C GLN B 545 25.39 -21.82 -5.03
N LYS B 546 25.97 -22.90 -4.53
CA LYS B 546 27.23 -23.37 -5.08
C LYS B 546 27.07 -23.97 -6.48
N TYR B 547 25.83 -24.27 -6.89
CA TYR B 547 25.57 -24.79 -8.22
C TYR B 547 25.87 -23.69 -9.23
N ASN B 548 26.30 -24.09 -10.42
CA ASN B 548 26.44 -23.18 -11.54
C ASN B 548 27.60 -22.17 -11.38
N GLN B 549 28.59 -22.48 -10.53
CA GLN B 549 29.72 -21.56 -10.31
C GLN B 549 30.63 -21.51 -11.52
N GLY B 550 30.65 -22.58 -12.31
CA GLY B 550 31.39 -22.61 -13.57
C GLY B 550 30.86 -21.50 -14.47
N TYR B 551 29.56 -21.51 -14.71
CA TYR B 551 28.94 -20.51 -15.57
C TYR B 551 29.19 -19.12 -14.99
N LYS B 552 28.86 -18.97 -13.71
CA LYS B 552 28.94 -17.64 -13.06
C LYS B 552 30.34 -17.04 -13.11
N THR B 553 31.34 -17.87 -12.85
CA THR B 553 32.70 -17.43 -12.84
C THR B 553 33.22 -17.13 -14.24
N VAL B 554 32.92 -18.01 -15.19
CA VAL B 554 33.38 -17.80 -16.55
C VAL B 554 32.73 -16.57 -17.20
N GLU B 555 31.45 -16.32 -17.01
CA GLU B 555 30.86 -15.12 -17.64
C GLU B 555 31.50 -13.85 -17.10
N TYR B 556 31.83 -13.89 -15.79
CA TYR B 556 32.52 -12.81 -15.14
C TYR B 556 33.95 -12.60 -15.66
N LEU B 557 34.72 -13.68 -15.67
CA LEU B 557 36.10 -13.62 -16.13
C LEU B 557 36.18 -13.23 -17.60
N ALA B 558 35.24 -13.70 -18.43
CA ALA B 558 35.22 -13.33 -19.84
C ALA B 558 35.00 -11.85 -20.00
N ALA B 559 34.04 -11.29 -19.26
CA ALA B 559 33.88 -9.84 -19.26
C ALA B 559 35.11 -9.06 -18.77
N THR B 560 35.72 -9.54 -17.70
CA THR B 560 36.94 -8.97 -17.18
C THR B 560 38.08 -8.95 -18.21
N LEU B 561 38.26 -10.06 -18.90
CA LEU B 561 39.35 -10.17 -19.88
C LEU B 561 39.02 -9.35 -21.11
N LEU B 562 37.72 -9.20 -21.38
CA LEU B 562 37.26 -8.35 -22.48
C LEU B 562 37.60 -6.87 -22.20
N ASP B 563 37.21 -6.38 -21.03
CA ASP B 563 37.62 -5.02 -20.55
C ASP B 563 39.14 -4.82 -20.65
N TRP B 564 39.89 -5.76 -20.08
CA TRP B 564 41.36 -5.73 -20.11
C TRP B 564 41.90 -5.60 -21.53
N SER B 565 41.40 -6.43 -22.45
CA SER B 565 41.82 -6.35 -23.86
C SER B 565 41.52 -5.00 -24.48
N TRP B 566 40.34 -4.44 -24.22
CA TRP B 566 40.01 -3.12 -24.77
C TRP B 566 40.98 -2.02 -24.33
N HIS B 567 41.60 -2.21 -23.14
CA HIS B 567 42.49 -1.22 -22.51
C HIS B 567 43.96 -1.64 -22.42
N THR B 568 44.36 -2.63 -23.20
CA THR B 568 45.77 -3.04 -23.34
C THR B 568 46.17 -3.40 -24.76
N PHE B 569 45.39 -3.01 -25.77
CA PHE B 569 45.67 -3.46 -27.13
C PHE B 569 47.01 -2.93 -27.63
N GLN B 570 47.67 -3.73 -28.45
CA GLN B 570 48.97 -3.40 -29.03
C GLN B 570 48.81 -2.54 -30.31
N THR B 571 47.74 -2.80 -31.08
CA THR B 571 47.32 -1.96 -32.25
C THR B 571 45.81 -1.65 -32.11
N PRO B 572 45.32 -0.45 -32.51
CA PRO B 572 43.88 -0.17 -32.32
C PRO B 572 42.93 -1.07 -33.12
N PRO B 573 41.76 -1.42 -32.57
CA PRO B 573 40.81 -2.26 -33.31
C PRO B 573 40.12 -1.54 -34.45
N GLU B 574 39.81 -2.26 -35.52
CA GLU B 574 39.01 -1.76 -36.62
C GLU B 574 37.52 -1.92 -36.30
N ASN B 575 37.10 -3.15 -35.99
CA ASN B 575 35.68 -3.51 -35.83
C ASN B 575 35.42 -4.00 -34.41
N ALA B 576 34.46 -3.40 -33.73
CA ALA B 576 34.22 -3.70 -32.32
C ALA B 576 33.88 -5.17 -32.07
N LEU B 577 33.05 -5.73 -32.95
CA LEU B 577 32.56 -7.09 -32.76
C LEU B 577 33.66 -8.11 -33.07
N THR B 578 34.44 -7.84 -34.11
CA THR B 578 35.60 -8.68 -34.43
C THR B 578 36.64 -8.66 -33.29
N PHE B 579 36.89 -7.48 -32.75
CA PHE B 579 37.82 -7.33 -31.65
C PHE B 579 37.38 -8.17 -30.43
N GLU B 580 36.10 -8.07 -30.10
CA GLU B 580 35.53 -8.81 -29.01
C GLU B 580 35.74 -10.31 -29.19
N HIS B 581 35.42 -10.81 -30.37
CA HIS B 581 35.60 -12.22 -30.66
C HIS B 581 37.05 -12.69 -30.48
N GLU B 582 37.97 -11.95 -31.10
CA GLU B 582 39.40 -12.27 -31.02
C GLU B 582 39.93 -12.15 -29.58
N ALA B 583 39.48 -11.12 -28.85
CA ALA B 583 39.83 -10.97 -27.44
C ALA B 583 39.45 -12.21 -26.60
N LEU B 584 38.20 -12.64 -26.75
CA LEU B 584 37.71 -13.78 -26.00
C LEU B 584 38.41 -15.08 -26.42
N THR B 585 38.66 -15.24 -27.72
CA THR B 585 39.38 -16.42 -28.26
C THR B 585 40.82 -16.46 -27.74
N THR B 586 41.51 -15.31 -27.80
CA THR B 586 42.89 -15.18 -27.33
C THR B 586 43.02 -15.50 -25.83
N ALA B 587 42.01 -15.12 -25.05
CA ALA B 587 41.99 -15.39 -23.62
C ALA B 587 41.46 -16.79 -23.24
N GLY B 588 41.00 -17.57 -24.22
CA GLY B 588 40.52 -18.93 -23.99
C GLY B 588 39.16 -18.99 -23.32
N VAL B 589 38.34 -17.96 -23.53
CA VAL B 589 37.02 -17.87 -22.89
C VAL B 589 35.91 -17.58 -23.90
N ASP B 590 36.11 -17.97 -25.17
CA ASP B 590 35.05 -17.84 -26.18
C ASP B 590 34.22 -19.13 -26.16
N LEU B 591 33.28 -19.20 -25.23
CA LEU B 591 32.43 -20.37 -25.03
C LEU B 591 31.08 -20.02 -25.60
N LYS B 592 30.59 -20.79 -26.56
CA LYS B 592 29.27 -20.57 -27.18
C LYS B 592 28.18 -20.48 -26.12
N LEU B 593 28.22 -21.36 -25.14
CA LEU B 593 27.16 -21.41 -24.13
C LEU B 593 27.31 -20.42 -22.98
N VAL B 594 28.49 -19.83 -22.84
CA VAL B 594 28.77 -18.91 -21.74
C VAL B 594 29.29 -17.59 -22.31
N PRO B 595 28.36 -16.77 -22.83
CA PRO B 595 28.80 -15.44 -23.30
C PRO B 595 29.31 -14.56 -22.16
N PRO B 596 30.14 -13.56 -22.47
CA PRO B 596 30.57 -12.68 -21.36
C PRO B 596 29.41 -12.02 -20.70
N ARG B 597 29.57 -11.72 -19.40
CA ARG B 597 28.50 -11.11 -18.59
C ARG B 597 27.94 -9.81 -19.20
N TYR B 598 28.79 -9.04 -19.86
CA TYR B 598 28.40 -7.95 -20.72
C TYR B 598 29.19 -8.17 -21.98
N ARG B 599 28.56 -7.92 -23.13
CA ARG B 599 29.31 -7.74 -24.39
C ARG B 599 29.67 -6.24 -24.53
N SER B 600 30.64 -5.95 -25.41
CA SER B 600 31.25 -4.66 -25.50
C SER B 600 30.24 -3.53 -25.65
N THR B 601 29.24 -3.72 -26.51
CA THR B 601 28.37 -2.59 -26.85
C THR B 601 27.34 -2.26 -25.78
N TYR B 602 27.24 -3.08 -24.75
CA TYR B 602 26.46 -2.75 -23.58
C TYR B 602 27.22 -2.88 -22.26
N PHE B 603 28.54 -2.74 -22.33
CA PHE B 603 29.40 -2.89 -21.14
C PHE B 603 29.48 -1.52 -20.45
N ALA B 604 28.39 -1.10 -19.79
CA ALA B 604 28.26 0.23 -19.21
C ALA B 604 29.30 0.46 -18.13
N HIS B 605 29.66 -0.61 -17.39
CA HIS B 605 30.71 -0.55 -16.37
C HIS B 605 31.96 0.19 -16.89
N ILE B 606 32.38 -0.18 -18.10
CA ILE B 606 33.67 0.29 -18.64
C ILE B 606 33.60 1.49 -19.60
N TRP B 607 32.45 1.72 -20.23
CA TRP B 607 32.31 2.81 -21.20
C TRP B 607 31.70 4.06 -20.61
N SER B 608 30.95 3.92 -19.52
CA SER B 608 30.27 5.05 -18.88
C SER B 608 30.43 5.15 -17.33
N SER B 609 30.66 4.05 -16.56
CA SER B 609 30.39 4.11 -15.07
C SER B 609 31.57 4.09 -14.10
N GLY B 610 33.12 4.25 -14.99
CA GLY B 610 34.30 4.50 -14.12
C GLY B 610 34.91 3.29 -13.47
N TYR B 611 34.78 1.77 -14.48
CA TYR B 611 35.48 0.55 -14.24
C TYR B 611 36.33 0.18 -15.43
N SER B 612 36.68 1.13 -16.32
CA SER B 612 37.58 0.80 -17.44
C SER B 612 38.90 0.32 -16.90
N ALA B 613 39.38 -0.79 -17.46
CA ALA B 613 40.51 -1.57 -16.94
C ALA B 613 40.37 -1.83 -15.46
N GLY B 614 39.11 -1.97 -15.02
CA GLY B 614 38.79 -2.14 -13.60
C GLY B 614 37.64 -3.08 -13.32
N TYR B 615 37.16 -3.81 -14.33
CA TYR B 615 36.08 -4.73 -14.08
C TYR B 615 36.59 -5.94 -13.24
N TYR B 616 37.89 -6.21 -13.32
CA TYR B 616 38.61 -7.14 -12.42
C TYR B 616 38.46 -6.79 -10.93
N SER B 617 38.08 -5.53 -10.64
CA SER B 617 37.88 -5.06 -9.28
C SER B 617 37.01 -5.93 -8.44
N TYR B 618 35.98 -6.53 -9.03
CA TYR B 618 35.08 -7.36 -8.26
C TYR B 618 35.80 -8.57 -7.67
N ILE B 619 36.52 -9.32 -8.50
CA ILE B 619 37.17 -10.52 -8.00
C ILE B 619 38.38 -10.17 -7.13
N TRP B 620 39.04 -9.05 -7.41
CA TRP B 620 40.18 -8.61 -6.60
C TRP B 620 39.71 -8.33 -5.17
N SER B 621 38.62 -7.58 -5.07
CA SER B 621 37.92 -7.30 -3.82
C SER B 621 37.36 -8.54 -3.17
N GLU B 622 36.88 -9.46 -4.00
CA GLU B 622 36.26 -10.67 -3.46
C GLU B 622 37.22 -11.54 -2.64
N VAL B 623 38.51 -11.48 -2.96
CA VAL B 623 39.53 -12.11 -2.15
C VAL B 623 39.40 -11.65 -0.70
N LEU B 624 39.29 -10.33 -0.51
CA LEU B 624 39.20 -9.72 0.81
C LEU B 624 37.89 -10.11 1.51
N ASP B 625 36.80 -10.09 0.74
CA ASP B 625 35.48 -10.51 1.21
C ASP B 625 35.51 -11.94 1.77
N ALA B 626 35.96 -12.91 0.97
CA ALA B 626 35.96 -14.31 1.39
C ALA B 626 36.89 -14.53 2.59
N ASP B 627 38.03 -13.85 2.59
CA ASP B 627 38.96 -13.93 3.74
C ASP B 627 38.34 -13.28 5.03
N THR B 628 37.50 -12.26 4.84
CA THR B 628 36.81 -11.59 5.92
C THR B 628 35.68 -12.45 6.48
N VAL B 629 34.96 -13.17 5.62
CA VAL B 629 33.98 -14.15 6.09
C VAL B 629 34.66 -15.11 7.09
N ASP B 630 35.83 -15.60 6.70
CA ASP B 630 36.59 -16.47 7.58
C ASP B 630 36.92 -15.80 8.92
N TRP B 631 37.31 -14.53 8.88
CA TRP B 631 37.58 -13.76 10.11
C TRP B 631 36.36 -13.76 11.04
N PHE B 632 35.17 -13.56 10.47
CA PHE B 632 33.96 -13.57 11.28
C PHE B 632 33.76 -14.89 11.98
N HIS B 633 33.98 -15.99 11.25
CA HIS B 633 33.89 -17.33 11.82
C HIS B 633 34.94 -17.57 12.90
N GLU B 634 36.16 -17.12 12.66
CA GLU B 634 37.22 -17.21 13.66
C GLU B 634 36.95 -16.44 14.95
N ASN B 635 36.13 -15.38 14.85
CA ASN B 635 35.88 -14.46 15.96
C ASN B 635 34.48 -14.54 16.53
N GLY B 636 33.81 -15.67 16.31
CA GLY B 636 32.52 -15.92 16.99
C GLY B 636 31.29 -15.45 16.21
N GLY B 637 31.48 -14.98 14.97
CA GLY B 637 30.35 -14.74 14.07
C GLY B 637 29.65 -13.39 14.23
N LEU B 638 28.32 -13.44 14.19
CA LEU B 638 27.53 -12.23 14.17
C LEU B 638 27.43 -11.65 15.58
N LEU B 639 28.43 -10.88 15.97
CA LEU B 639 28.51 -10.25 17.29
C LEU B 639 28.72 -8.75 17.14
N ARG B 640 28.09 -7.98 18.01
CA ARG B 640 28.34 -6.54 18.07
C ARG B 640 29.82 -6.15 18.11
N GLU B 641 30.62 -6.83 18.95
CA GLU B 641 32.03 -6.56 19.06
C GLU B 641 32.73 -6.61 17.69
N ASN B 642 32.37 -7.60 16.90
CA ASN B 642 32.97 -7.80 15.59
C ASN B 642 32.56 -6.72 14.58
N GLY B 643 31.29 -6.31 14.65
CA GLY B 643 30.79 -5.17 13.84
C GLY B 643 31.48 -3.87 14.20
N ASP B 644 31.69 -3.64 15.51
CA ASP B 644 32.43 -2.46 15.97
C ASP B 644 33.88 -2.47 15.43
N THR B 645 34.52 -3.62 15.46
CA THR B 645 35.87 -3.78 14.95
C THR B 645 35.96 -3.43 13.48
N PHE B 646 35.07 -4.04 12.71
CA PHE B 646 35.04 -3.84 11.27
C PHE B 646 34.71 -2.40 10.91
N ARG B 647 33.74 -1.85 11.63
CA ARG B 647 33.40 -0.42 11.42
C ARG B 647 34.58 0.49 11.74
N GLN B 648 35.19 0.25 12.90
CA GLN B 648 36.21 1.13 13.42
C GLN B 648 37.48 1.07 12.56
N LYS B 649 37.85 -0.15 12.15
CA LYS B 649 39.13 -0.38 11.49
C LYS B 649 39.11 -0.21 10.00
N LEU B 650 37.94 -0.41 9.35
CA LEU B 650 37.84 -0.40 7.91
C LEU B 650 36.78 0.49 7.34
N LEU B 651 35.51 0.25 7.67
CA LEU B 651 34.42 1.00 7.03
C LEU B 651 34.38 2.50 7.32
N SER B 652 34.89 2.94 8.47
CA SER B 652 34.83 4.35 8.86
C SER B 652 35.94 5.21 8.28
N LYS B 653 36.92 4.57 7.63
CA LYS B 653 38.13 5.26 7.20
C LYS B 653 38.04 5.94 5.85
N GLY B 654 37.08 5.53 5.03
CA GLY B 654 37.01 5.98 3.65
C GLY B 654 38.36 5.79 2.99
N GLY B 655 38.78 6.82 2.27
CA GLY B 655 40.10 6.89 1.64
C GLY B 655 41.20 7.46 2.51
N SER B 656 40.92 7.69 3.79
CA SER B 656 41.85 8.47 4.64
C SER B 656 43.06 7.71 5.12
N VAL B 657 43.10 6.40 4.89
CA VAL B 657 44.25 5.57 5.21
C VAL B 657 44.47 4.67 4.01
N ASP B 658 45.67 4.10 3.95
CA ASP B 658 46.01 3.13 2.93
C ASP B 658 45.12 1.89 3.11
N PRO B 659 44.36 1.50 2.08
CA PRO B 659 43.36 0.45 2.28
C PRO B 659 43.92 -0.91 2.66
N MET B 660 45.05 -1.32 2.08
CA MET B 660 45.64 -2.62 2.42
C MET B 660 46.25 -2.63 3.82
N THR B 661 46.73 -1.47 4.29
CA THR B 661 47.15 -1.30 5.67
C THR B 661 45.96 -1.44 6.60
N ALA B 662 44.84 -0.80 6.26
CA ALA B 662 43.62 -0.93 7.07
C ALA B 662 43.16 -2.38 7.13
N PHE B 663 43.15 -3.04 5.97
CA PHE B 663 42.80 -4.46 5.92
C PHE B 663 43.69 -5.30 6.84
N GLN B 664 45.00 -5.13 6.73
CA GLN B 664 45.94 -5.91 7.56
C GLN B 664 45.75 -5.68 9.06
N SER B 665 45.49 -4.44 9.48
CA SER B 665 45.23 -4.13 10.89
C SER B 665 43.98 -4.87 11.36
N PHE B 666 42.97 -4.93 10.49
CA PHE B 666 41.72 -5.62 10.78
C PHE B 666 41.84 -7.16 10.79
N ARG B 667 42.39 -7.71 9.71
CA ARG B 667 42.46 -9.16 9.51
C ARG B 667 43.51 -9.85 10.39
N GLY B 668 44.58 -9.14 10.71
CA GLY B 668 45.74 -9.69 11.43
C GLY B 668 46.87 -10.14 10.54
N ARG B 669 46.75 -9.93 9.22
CA ARG B 669 47.74 -10.37 8.21
C ARG B 669 47.31 -9.93 6.83
N THR B 670 48.19 -10.09 5.84
CA THR B 670 47.85 -9.83 4.44
C THR B 670 46.81 -10.86 3.96
N PRO B 671 46.05 -10.53 2.90
CA PRO B 671 44.98 -11.44 2.51
C PRO B 671 45.47 -12.76 1.91
N ARG B 672 44.69 -13.83 2.10
CA ARG B 672 44.91 -15.14 1.48
C ARG B 672 43.83 -15.40 0.44
N ILE B 673 44.18 -16.08 -0.65
CA ILE B 673 43.25 -16.31 -1.77
C ILE B 673 42.47 -17.62 -1.66
N GLU B 674 42.91 -18.51 -0.78
CA GLU B 674 42.26 -19.82 -0.64
C GLU B 674 40.74 -19.74 -0.38
N PRO B 675 40.31 -18.82 0.51
CA PRO B 675 38.87 -18.75 0.78
C PRO B 675 38.04 -18.42 -0.46
N LEU B 676 38.55 -17.55 -1.34
CA LEU B 676 37.88 -17.25 -2.60
C LEU B 676 37.84 -18.46 -3.55
N LEU B 677 39.00 -19.11 -3.70
CA LEU B 677 39.11 -20.30 -4.52
C LEU B 677 38.15 -21.40 -4.06
N ASP B 678 38.09 -21.65 -2.76
CA ASP B 678 37.13 -22.59 -2.20
C ASP B 678 35.69 -22.21 -2.55
N ARG B 679 35.32 -20.95 -2.36
CA ARG B 679 33.98 -20.48 -2.64
C ARG B 679 33.53 -20.73 -4.08
N ARG B 680 34.41 -20.44 -5.04
CA ARG B 680 34.08 -20.52 -6.45
C ARG B 680 34.43 -21.88 -7.10
N GLY B 681 34.91 -22.82 -6.29
CA GLY B 681 35.23 -24.16 -6.78
C GLY B 681 36.47 -24.22 -7.66
N LEU B 682 37.45 -23.38 -7.33
CA LEU B 682 38.63 -23.19 -8.17
C LEU B 682 39.92 -23.82 -7.60
N LEU B 683 39.78 -24.76 -6.67
CA LEU B 683 40.92 -25.29 -5.88
C LEU B 683 41.62 -26.45 -6.60
#